data_5BV3
#
_entry.id   5BV3
#
_cell.length_a   87.990
_cell.length_b   104.520
_cell.length_c   189.960
_cell.angle_alpha   90.000
_cell.angle_beta   90.000
_cell.angle_gamma   90.000
#
_symmetry.space_group_name_H-M   'P 21 21 21'
#
loop_
_entity.id
_entity.type
_entity.pdbx_description
1 polymer 'm7GpppX diphosphatase'
2 non-polymer "7N-METHYL-8-HYDROGUANOSINE-5'-DIPHOSPHATE"
3 non-polymer 'SULFATE ION'
4 non-polymer 'CHLORIDE ION'
5 water water
#
_entity_poly.entity_id   1
_entity_poly.type   'polypeptide(L)'
_entity_poly.pdbx_seq_one_letter_code
;GMFASLIKRFQFVSVLDSNPQTKVMSLLGTIDNKDAIITAEKTHFLFDETVRRPSQDGRSTPVLYNCENEYSCINGIQEL
KEITSNDIYYWGLSVIKQDMESNPTAKLNLIWPATPIHIKKYEQQNFHLVRETPEMYKRIVQPYIEEMCNNGRLKWVNNI
LYEGAESERVVYKDFSEENKDDGFLILPDMKWDGMNLDSLYLVAIVYRTDIKTIRDLRYSDRQWLINLNNKIRSIVPGCY
NYAVHPDELRILVHYQPSYYHFNIHIVNIKHPGLGNSIAAGKAILLEDIIEMLNYLGPEGYMNKTITYAIGENHDLWKRG
LEEELTKQLERDGIPKIPKIVNGFK
;
_entity_poly.pdbx_strand_id   A,B,C,D
#
loop_
_chem_comp.id
_chem_comp.type
_chem_comp.name
_chem_comp.formula
CL non-polymer 'CHLORIDE ION' 'Cl -1'
M7G non-polymer 7N-METHYL-8-HYDROGUANOSINE-5'-DIPHOSPHATE 'C11 H18 N5 O11 P2 1'
SO4 non-polymer 'SULFATE ION' 'O4 S -2'
#
# COMPACT_ATOMS: atom_id res chain seq x y z
N MET A 2 42.56 -16.17 -1.97
CA MET A 2 42.15 -15.94 -0.54
C MET A 2 40.62 -15.73 -0.48
N PHE A 3 40.17 -14.74 -1.23
CA PHE A 3 38.76 -14.41 -1.36
C PHE A 3 37.90 -15.62 -1.72
N ALA A 4 38.22 -16.27 -2.86
CA ALA A 4 37.45 -17.42 -3.32
C ALA A 4 37.38 -18.48 -2.23
N SER A 5 38.53 -18.79 -1.66
CA SER A 5 38.66 -19.81 -0.64
C SER A 5 37.76 -19.55 0.56
N LEU A 6 37.69 -18.28 0.99
CA LEU A 6 36.86 -17.91 2.13
C LEU A 6 35.35 -17.98 1.84
N ILE A 7 34.95 -17.57 0.64
CA ILE A 7 33.58 -17.67 0.21
C ILE A 7 33.12 -19.13 0.18
N LYS A 8 33.99 -20.03 -0.25
CA LYS A 8 33.64 -21.44 -0.33
C LYS A 8 33.40 -22.08 1.04
N ARG A 9 34.11 -21.59 2.06
CA ARG A 9 33.95 -22.10 3.44
C ARG A 9 32.78 -21.49 4.21
N PHE A 10 32.17 -20.46 3.65
CA PHE A 10 31.07 -19.76 4.31
C PHE A 10 29.89 -20.69 4.59
N GLN A 11 29.52 -20.81 5.87
CA GLN A 11 28.35 -21.59 6.27
C GLN A 11 27.21 -20.62 6.62
N PHE A 12 26.15 -20.65 5.83
CA PHE A 12 24.99 -19.78 6.00
C PHE A 12 24.31 -19.92 7.37
N VAL A 13 23.97 -18.80 8.00
CA VAL A 13 23.18 -18.80 9.25
C VAL A 13 21.82 -18.16 9.03
N SER A 14 21.80 -16.95 8.51
CA SER A 14 20.52 -16.27 8.27
C SER A 14 20.66 -15.13 7.29
N VAL A 15 19.53 -14.70 6.75
CA VAL A 15 19.49 -13.57 5.85
C VAL A 15 19.34 -12.31 6.67
N LEU A 16 20.28 -11.40 6.53
CA LEU A 16 20.25 -10.12 7.26
C LEU A 16 19.31 -9.12 6.60
N ASP A 17 19.30 -9.04 5.27
CA ASP A 17 18.51 -8.04 4.57
C ASP A 17 18.39 -8.46 3.11
N SER A 18 17.30 -8.04 2.49
CA SER A 18 17.04 -8.30 1.09
C SER A 18 16.32 -7.09 0.51
N ASN A 19 16.85 -6.57 -0.59
CA ASN A 19 16.29 -5.42 -1.25
C ASN A 19 16.11 -5.71 -2.74
N PRO A 20 14.88 -6.06 -3.13
CA PRO A 20 14.60 -6.36 -4.53
C PRO A 20 14.60 -5.15 -5.47
N GLN A 21 14.50 -3.95 -4.93
CA GLN A 21 14.60 -2.74 -5.75
C GLN A 21 16.02 -2.58 -6.28
N THR A 22 17.02 -2.73 -5.40
CA THR A 22 18.43 -2.51 -5.74
C THR A 22 19.18 -3.81 -6.07
N LYS A 23 18.54 -4.93 -5.86
CA LYS A 23 19.12 -6.24 -6.09
C LYS A 23 20.34 -6.47 -5.20
N VAL A 24 20.17 -6.16 -3.92
CA VAL A 24 21.18 -6.35 -2.91
C VAL A 24 20.64 -7.27 -1.80
N MET A 25 21.52 -8.12 -1.29
CA MET A 25 21.21 -9.12 -0.30
C MET A 25 22.39 -9.22 0.64
N SER A 26 22.14 -9.30 1.95
CA SER A 26 23.21 -9.56 2.92
C SER A 26 22.90 -10.80 3.73
N LEU A 27 23.92 -11.63 3.92
CA LEU A 27 23.81 -12.91 4.61
C LEU A 27 24.76 -12.95 5.79
N LEU A 28 24.25 -13.44 6.92
CA LEU A 28 25.08 -13.75 8.06
C LEU A 28 25.44 -15.22 7.99
N GLY A 29 26.67 -15.54 8.40
CA GLY A 29 27.15 -16.90 8.40
C GLY A 29 28.36 -17.03 9.26
N THR A 30 29.08 -18.14 9.10
CA THR A 30 30.35 -18.33 9.78
C THR A 30 31.40 -18.87 8.82
N ILE A 31 32.65 -18.54 9.13
CA ILE A 31 33.84 -19.15 8.54
C ILE A 31 34.76 -19.50 9.69
N ASP A 32 35.18 -20.77 9.74
CA ASP A 32 35.94 -21.29 10.87
C ASP A 32 35.29 -20.95 12.21
N ASN A 33 33.97 -21.14 12.27
CA ASN A 33 33.19 -20.84 13.47
C ASN A 33 33.32 -19.41 13.99
N LYS A 34 33.71 -18.46 13.13
CA LYS A 34 33.64 -17.02 13.46
C LYS A 34 32.64 -16.35 12.53
N ASP A 35 31.93 -15.35 13.04
CA ASP A 35 30.89 -14.68 12.26
C ASP A 35 31.42 -14.06 11.00
N ALA A 36 30.61 -14.11 9.95
CA ALA A 36 30.95 -13.55 8.66
C ALA A 36 29.74 -12.95 8.01
N ILE A 37 29.93 -11.88 7.27
CA ILE A 37 28.85 -11.26 6.50
C ILE A 37 29.22 -11.22 5.03
N ILE A 38 28.33 -11.72 4.18
CA ILE A 38 28.47 -11.54 2.75
C ILE A 38 27.35 -10.65 2.24
N THR A 39 27.72 -9.66 1.46
CA THR A 39 26.76 -8.79 0.81
C THR A 39 26.95 -8.99 -0.68
N ALA A 40 25.86 -9.21 -1.39
CA ALA A 40 25.89 -9.47 -2.80
C ALA A 40 25.01 -8.47 -3.51
N GLU A 41 25.43 -8.07 -4.70
CA GLU A 41 24.71 -7.13 -5.52
C GLU A 41 24.83 -7.50 -6.97
N LYS A 42 23.71 -7.59 -7.65
CA LYS A 42 23.73 -7.92 -9.08
C LYS A 42 24.44 -6.81 -9.81
N THR A 43 25.18 -7.14 -10.85
CA THR A 43 25.82 -6.12 -11.68
C THR A 43 24.81 -5.41 -12.53
N HIS A 44 25.18 -4.21 -12.98
CA HIS A 44 24.40 -3.46 -13.93
C HIS A 44 24.69 -3.97 -15.35
N PHE A 45 23.85 -3.59 -16.31
CA PHE A 45 24.10 -3.85 -17.72
C PHE A 45 25.28 -3.04 -18.19
N LEU A 46 25.83 -3.41 -19.34
CA LEU A 46 27.10 -2.86 -19.84
C LEU A 46 26.90 -2.15 -21.16
N PHE A 47 27.77 -1.21 -21.44
CA PHE A 47 27.77 -0.52 -22.73
C PHE A 47 29.17 -0.60 -23.35
N ASP A 48 29.29 -0.26 -24.63
CA ASP A 48 30.59 -0.33 -25.27
C ASP A 48 31.60 0.56 -24.56
N GLU A 49 32.81 0.02 -24.39
CA GLU A 49 34.04 0.77 -24.16
C GLU A 49 34.59 1.01 -25.58
N THR A 50 34.01 2.02 -26.24
CA THR A 50 34.05 2.16 -27.68
C THR A 50 34.80 3.43 -28.04
N ASP A 57 43.39 19.46 -32.22
CA ASP A 57 43.97 18.62 -31.17
C ASP A 57 43.68 17.12 -31.38
N GLY A 58 44.30 16.26 -30.55
CA GLY A 58 44.37 14.82 -30.80
C GLY A 58 43.86 14.04 -29.62
N ARG A 59 42.67 14.42 -29.17
CA ARG A 59 42.04 13.87 -27.98
C ARG A 59 40.90 12.93 -28.39
N SER A 60 40.73 11.82 -27.67
CA SER A 60 39.64 10.88 -27.99
C SER A 60 38.46 11.00 -27.00
N THR A 61 37.29 11.33 -27.54
CA THR A 61 36.04 11.37 -26.77
C THR A 61 35.49 9.94 -26.60
N PRO A 62 35.09 9.55 -25.38
CA PRO A 62 34.46 8.21 -25.27
C PRO A 62 33.06 8.12 -25.92
N VAL A 63 32.84 7.10 -26.76
CA VAL A 63 31.56 6.89 -27.40
C VAL A 63 30.59 6.45 -26.31
N LEU A 64 29.59 7.29 -26.04
CA LEU A 64 28.77 7.18 -24.85
C LEU A 64 27.46 6.42 -25.18
N TYR A 65 27.26 5.29 -24.50
CA TYR A 65 26.02 4.52 -24.57
C TYR A 65 25.74 3.87 -25.94
N ASN A 66 26.68 3.03 -26.33
CA ASN A 66 26.57 2.26 -27.56
C ASN A 66 26.53 0.75 -27.27
N CYS A 67 25.97 0.01 -28.25
CA CYS A 67 25.60 -1.39 -28.09
C CYS A 67 26.10 -2.30 -29.24
N GLU A 68 27.33 -2.10 -29.69
CA GLU A 68 27.90 -2.90 -30.77
C GLU A 68 28.60 -4.17 -30.26
N ASN A 69 29.19 -4.10 -29.07
CA ASN A 69 30.08 -5.17 -28.59
C ASN A 69 29.36 -6.37 -28.02
N GLU A 70 30.08 -7.48 -28.00
CA GLU A 70 29.58 -8.79 -27.62
C GLU A 70 28.68 -8.80 -26.37
N TYR A 71 29.13 -8.15 -25.30
CA TYR A 71 28.44 -8.22 -24.01
C TYR A 71 27.62 -6.97 -23.67
N SER A 72 27.61 -6.01 -24.59
CA SER A 72 26.94 -4.74 -24.34
C SER A 72 25.43 -4.90 -24.47
N CYS A 73 24.71 -4.16 -23.62
CA CYS A 73 23.26 -4.00 -23.73
C CYS A 73 22.60 -5.36 -23.67
N ILE A 74 21.87 -5.77 -24.71
CA ILE A 74 21.20 -7.07 -24.72
C ILE A 74 21.77 -8.03 -25.76
N ASN A 75 23.01 -7.82 -26.15
CA ASN A 75 23.64 -8.68 -27.16
C ASN A 75 23.98 -10.09 -26.66
N GLY A 76 24.11 -10.27 -25.34
CA GLY A 76 24.48 -11.56 -24.76
C GLY A 76 23.31 -12.50 -24.48
N ILE A 77 22.11 -12.11 -24.90
CA ILE A 77 20.94 -12.96 -24.73
C ILE A 77 21.10 -14.30 -25.42
N GLN A 78 21.01 -15.38 -24.64
CA GLN A 78 21.03 -16.74 -25.16
C GLN A 78 19.64 -17.31 -25.32
N GLU A 79 18.69 -16.82 -24.52
CA GLU A 79 17.40 -17.47 -24.38
C GLU A 79 16.35 -16.45 -23.97
N LEU A 80 15.22 -16.49 -24.66
CA LEU A 80 14.08 -15.63 -24.37
C LEU A 80 12.85 -16.48 -24.11
N LYS A 81 11.97 -15.98 -23.24
CA LYS A 81 10.71 -16.65 -22.99
C LYS A 81 9.66 -15.59 -22.74
N GLU A 82 8.59 -15.58 -23.53
CA GLU A 82 7.47 -14.67 -23.30
C GLU A 82 6.67 -15.13 -22.09
N ILE A 83 6.32 -14.17 -21.23
CA ILE A 83 5.37 -14.42 -20.14
C ILE A 83 3.98 -14.24 -20.71
N THR A 84 3.71 -13.04 -21.22
CA THR A 84 2.48 -12.81 -21.97
C THR A 84 2.61 -11.53 -22.77
N SER A 85 1.57 -11.18 -23.50
CA SER A 85 1.58 -9.99 -24.32
C SER A 85 0.15 -9.51 -24.59
N ASN A 86 0.02 -8.24 -24.95
CA ASN A 86 -1.29 -7.62 -25.18
C ASN A 86 -1.12 -6.25 -25.79
N ASP A 87 -1.92 -5.96 -26.81
CA ASP A 87 -1.87 -4.66 -27.44
C ASP A 87 -0.41 -4.44 -27.92
N ILE A 88 0.23 -3.35 -27.52
CA ILE A 88 1.62 -3.03 -27.97
C ILE A 88 2.68 -3.50 -26.98
N TYR A 89 2.27 -4.24 -25.96
CA TYR A 89 3.17 -4.63 -24.88
C TYR A 89 3.52 -6.11 -24.96
N TYR A 90 4.81 -6.42 -24.76
CA TYR A 90 5.26 -7.80 -24.62
C TYR A 90 6.12 -7.86 -23.35
N TRP A 91 5.85 -8.84 -22.49
CA TRP A 91 6.59 -9.03 -21.25
C TRP A 91 7.22 -10.40 -21.27
N GLY A 92 8.52 -10.50 -20.97
CA GLY A 92 9.17 -11.80 -20.88
C GLY A 92 10.41 -11.82 -20.01
N LEU A 93 11.15 -12.91 -20.13
CA LEU A 93 12.35 -13.13 -19.37
C LEU A 93 13.50 -13.51 -20.31
N SER A 94 14.72 -13.37 -19.82
CA SER A 94 15.86 -13.68 -20.64
C SER A 94 16.94 -14.33 -19.82
N VAL A 95 17.72 -15.20 -20.48
CA VAL A 95 18.97 -15.71 -19.95
C VAL A 95 20.06 -15.08 -20.82
N ILE A 96 21.11 -14.58 -20.15
CA ILE A 96 22.17 -13.84 -20.79
C ILE A 96 23.49 -14.51 -20.43
N LYS A 97 24.40 -14.54 -21.41
CA LYS A 97 25.68 -15.18 -21.23
C LYS A 97 26.51 -14.46 -20.19
N GLN A 98 26.98 -15.22 -19.20
CA GLN A 98 27.84 -14.69 -18.15
C GLN A 98 29.31 -14.99 -18.48
N ASP A 99 30.23 -14.23 -17.88
CA ASP A 99 31.68 -14.37 -18.16
C ASP A 99 32.48 -13.59 -17.12
N MET A 100 33.48 -14.22 -16.51
CA MET A 100 34.12 -13.57 -15.37
C MET A 100 34.73 -12.23 -15.76
N GLU A 101 35.42 -12.19 -16.90
CA GLU A 101 36.13 -10.99 -17.35
C GLU A 101 35.23 -9.90 -17.89
N SER A 102 34.26 -10.27 -18.72
CA SER A 102 33.50 -9.29 -19.46
C SER A 102 32.05 -9.12 -19.01
N ASN A 103 31.50 -10.07 -18.24
CA ASN A 103 30.10 -9.91 -17.75
C ASN A 103 29.85 -10.77 -16.52
N PRO A 104 30.50 -10.46 -15.41
CA PRO A 104 30.20 -11.17 -14.14
C PRO A 104 28.77 -10.95 -13.65
N THR A 105 28.27 -11.84 -12.80
CA THR A 105 26.88 -11.86 -12.44
C THR A 105 26.57 -10.98 -11.25
N ALA A 106 27.47 -11.00 -10.27
CA ALA A 106 27.28 -10.23 -9.05
C ALA A 106 28.58 -9.91 -8.32
N LYS A 107 28.57 -8.75 -7.69
CA LYS A 107 29.65 -8.33 -6.83
C LYS A 107 29.41 -8.91 -5.46
N LEU A 108 30.46 -9.40 -4.80
CA LEU A 108 30.34 -9.90 -3.44
C LEU A 108 31.30 -9.20 -2.50
N ASN A 109 30.81 -8.79 -1.34
CA ASN A 109 31.68 -8.31 -0.26
C ASN A 109 31.65 -9.30 0.85
N LEU A 110 32.76 -9.43 1.56
CA LEU A 110 32.87 -10.31 2.70
C LEU A 110 33.46 -9.54 3.83
N ILE A 111 32.84 -9.65 4.98
CA ILE A 111 33.41 -9.12 6.20
C ILE A 111 33.65 -10.30 7.14
N TRP A 112 34.89 -10.52 7.52
CA TRP A 112 35.24 -11.68 8.36
C TRP A 112 36.62 -11.55 8.97
N PRO A 113 36.78 -11.73 10.28
CA PRO A 113 35.69 -11.92 11.23
C PRO A 113 34.85 -10.64 11.46
N ALA A 114 33.53 -10.78 11.38
CA ALA A 114 32.61 -9.67 11.56
C ALA A 114 32.36 -9.46 13.04
N THR A 115 32.30 -8.20 13.43
CA THR A 115 32.03 -7.80 14.81
C THR A 115 30.54 -7.55 14.99
N PRO A 116 30.07 -7.51 16.24
CA PRO A 116 28.64 -7.22 16.49
C PRO A 116 28.19 -5.91 15.85
N ILE A 117 29.06 -4.91 15.85
CA ILE A 117 28.79 -3.62 15.19
C ILE A 117 28.48 -3.82 13.70
N HIS A 118 29.19 -4.72 13.03
CA HIS A 118 28.95 -4.94 11.62
C HIS A 118 27.60 -5.62 11.42
N ILE A 119 27.30 -6.58 12.29
CA ILE A 119 26.05 -7.32 12.18
C ILE A 119 24.86 -6.38 12.42
N LYS A 120 24.96 -5.57 13.49
CA LYS A 120 23.95 -4.56 13.78
C LYS A 120 23.72 -3.59 12.63
N LYS A 121 24.79 -3.24 11.92
CA LYS A 121 24.69 -2.36 10.78
C LYS A 121 23.93 -3.00 9.62
N TYR A 122 24.17 -4.29 9.36
CA TYR A 122 23.54 -4.89 8.21
C TYR A 122 22.16 -5.52 8.44
N GLU A 123 21.81 -5.81 9.69
CA GLU A 123 20.49 -6.31 9.99
C GLU A 123 19.44 -5.27 9.63
N GLN A 124 18.29 -5.76 9.19
CA GLN A 124 17.09 -4.92 9.07
C GLN A 124 16.71 -4.30 10.40
N GLN A 125 16.39 -3.02 10.35
CA GLN A 125 16.14 -2.25 11.55
C GLN A 125 15.30 -1.03 11.21
N ASN A 126 14.67 -0.46 12.22
CA ASN A 126 13.98 0.81 12.04
C ASN A 126 14.99 1.97 11.97
N PHE A 127 14.61 3.02 11.27
CA PHE A 127 15.39 4.26 11.23
C PHE A 127 14.63 5.45 11.79
N HIS A 128 15.39 6.39 12.35
CA HIS A 128 14.83 7.53 13.02
C HIS A 128 15.56 8.82 12.59
N LEU A 129 14.80 9.84 12.24
CA LEU A 129 15.31 11.18 12.05
C LEU A 129 15.56 11.86 13.37
N VAL A 130 16.82 12.09 13.68
CA VAL A 130 17.25 12.66 14.95
C VAL A 130 17.73 14.10 14.72
N ARG A 131 17.57 14.92 15.74
CA ARG A 131 18.05 16.28 15.71
C ARG A 131 19.10 16.40 16.79
N GLU A 132 20.35 16.51 16.36
CA GLU A 132 21.49 16.50 17.27
C GLU A 132 22.07 17.88 17.54
N THR A 133 21.83 18.40 18.74
CA THR A 133 22.28 19.71 19.14
C THR A 133 23.74 19.65 19.56
N PRO A 134 24.38 20.81 19.70
CA PRO A 134 25.76 20.85 20.16
C PRO A 134 25.94 20.11 21.48
N GLU A 135 25.02 20.34 22.42
CA GLU A 135 25.12 19.70 23.75
C GLU A 135 25.01 18.17 23.65
N MET A 136 24.12 17.69 22.78
CA MET A 136 23.98 16.26 22.55
C MET A 136 25.27 15.67 22.00
N TYR A 137 25.88 16.37 21.04
CA TYR A 137 27.17 15.92 20.53
C TYR A 137 28.19 15.79 21.67
N LYS A 138 28.31 16.83 22.49
CA LYS A 138 29.32 16.85 23.57
C LYS A 138 29.06 15.75 24.60
N ARG A 139 27.78 15.55 24.96
CA ARG A 139 27.45 14.62 26.05
C ARG A 139 27.40 13.17 25.58
N ILE A 140 26.86 12.94 24.40
CA ILE A 140 26.54 11.58 23.95
C ILE A 140 27.51 11.04 22.89
N VAL A 141 27.81 11.84 21.87
CA VAL A 141 28.52 11.36 20.71
C VAL A 141 30.05 11.42 20.90
N GLN A 142 30.54 12.56 21.37
CA GLN A 142 31.99 12.77 21.50
C GLN A 142 32.67 11.69 22.33
N PRO A 143 32.11 11.33 23.49
CA PRO A 143 32.76 10.26 24.27
C PRO A 143 32.79 8.92 23.51
N TYR A 144 31.77 8.68 22.70
CA TYR A 144 31.70 7.45 21.92
C TYR A 144 32.80 7.39 20.86
N ILE A 145 33.06 8.55 20.24
CA ILE A 145 34.06 8.69 19.20
C ILE A 145 35.42 8.30 19.78
N GLU A 146 35.72 8.82 20.96
CA GLU A 146 37.00 8.57 21.61
C GLU A 146 37.23 7.09 21.86
N GLU A 147 36.22 6.38 22.34
CA GLU A 147 36.27 4.90 22.44
C GLU A 147 36.54 4.21 21.10
N MET A 148 35.78 4.60 20.07
CA MET A 148 35.89 3.96 18.73
C MET A 148 37.21 4.16 17.97
N CYS A 149 38.03 5.12 18.39
CA CYS A 149 39.28 5.42 17.65
C CYS A 149 40.48 4.62 18.16
N GLY A 152 41.64 -0.66 15.96
CA GLY A 152 41.05 -1.93 15.52
C GLY A 152 40.01 -1.68 14.46
N ARG A 153 39.10 -0.77 14.77
CA ARG A 153 38.05 -0.42 13.84
C ARG A 153 38.49 0.41 12.62
N LEU A 154 39.61 1.12 12.75
CA LEU A 154 40.14 1.92 11.65
C LEU A 154 41.37 1.27 11.02
N LYS A 155 41.60 0.00 11.35
CA LYS A 155 42.76 -0.73 10.84
C LYS A 155 42.84 -0.67 9.32
N TRP A 156 41.70 -0.67 8.65
CA TRP A 156 41.68 -0.62 7.19
C TRP A 156 42.14 0.73 6.61
N VAL A 157 41.85 1.83 7.30
CA VAL A 157 42.25 3.15 6.87
C VAL A 157 43.76 3.29 6.97
N ASN A 158 44.33 2.90 8.11
CA ASN A 158 45.77 2.96 8.31
C ASN A 158 46.52 2.00 7.39
N ASN A 159 45.89 0.87 7.08
CA ASN A 159 46.45 -0.07 6.13
C ASN A 159 46.63 0.59 4.77
N ILE A 160 45.62 1.35 4.34
CA ILE A 160 45.75 2.04 3.06
C ILE A 160 46.81 3.15 3.14
N LEU A 161 46.78 3.93 4.22
CA LEU A 161 47.64 5.09 4.36
C LEU A 161 49.11 4.75 4.55
N TYR A 162 49.40 3.76 5.39
CA TYR A 162 50.76 3.44 5.81
C TYR A 162 51.29 2.02 5.51
N GLU A 163 50.45 1.10 5.04
CA GLU A 163 50.90 -0.29 4.84
C GLU A 163 50.68 -0.82 3.42
N GLY A 164 50.36 0.06 2.48
CA GLY A 164 50.25 -0.35 1.07
C GLY A 164 49.01 -1.13 0.66
N ALA A 165 48.00 -1.22 1.53
CA ALA A 165 46.79 -1.95 1.20
C ALA A 165 46.08 -1.28 0.06
N GLU A 166 45.65 -2.08 -0.93
CA GLU A 166 44.98 -1.57 -2.13
C GLU A 166 45.84 -0.60 -2.95
N SER A 167 47.16 -0.63 -2.77
CA SER A 167 48.04 0.33 -3.47
C SER A 167 47.93 0.26 -4.98
N GLU A 168 47.70 -0.94 -5.49
CA GLU A 168 47.56 -1.19 -6.91
C GLU A 168 46.37 -0.41 -7.50
N ARG A 169 45.38 -0.05 -6.67
CA ARG A 169 44.18 0.59 -7.19
C ARG A 169 44.15 2.10 -6.97
N VAL A 170 45.06 2.61 -6.16
CA VAL A 170 45.09 4.02 -5.84
C VAL A 170 45.18 4.82 -7.14
N VAL A 171 44.38 5.87 -7.25
CA VAL A 171 44.39 6.69 -8.46
C VAL A 171 45.10 8.01 -8.24
N TYR A 172 45.24 8.43 -6.98
CA TYR A 172 45.94 9.66 -6.70
C TYR A 172 46.46 9.62 -5.29
N LYS A 173 47.68 10.08 -5.12
CA LYS A 173 48.33 10.06 -3.83
C LYS A 173 49.26 11.26 -3.72
N ASP A 174 49.00 12.07 -2.71
CA ASP A 174 49.61 13.37 -2.50
C ASP A 174 50.13 13.36 -1.08
N PHE A 175 51.37 12.93 -0.94
CA PHE A 175 51.96 12.75 0.38
C PHE A 175 53.47 13.00 0.37
N SER A 176 53.89 14.02 1.12
CA SER A 176 55.27 14.23 1.50
C SER A 176 55.50 14.04 3.02
N GLU A 177 56.49 13.21 3.36
CA GLU A 177 56.90 13.04 4.75
C GLU A 177 57.65 14.29 5.23
N LYS A 180 52.86 15.98 5.93
CA LYS A 180 51.97 14.88 6.31
C LYS A 180 50.51 15.27 6.48
N ASP A 181 50.23 16.23 7.35
CA ASP A 181 48.85 16.53 7.72
C ASP A 181 48.03 17.20 6.62
N ASP A 182 48.60 17.54 5.47
CA ASP A 182 47.87 18.26 4.39
C ASP A 182 47.38 17.32 3.30
N GLY A 183 48.00 16.15 3.22
CA GLY A 183 47.82 15.27 2.09
C GLY A 183 46.62 14.33 2.14
N PHE A 184 46.40 13.65 1.03
CA PHE A 184 45.37 12.63 0.91
C PHE A 184 45.62 11.72 -0.26
N LEU A 185 44.83 10.66 -0.31
CA LEU A 185 44.80 9.78 -1.46
C LEU A 185 43.39 9.42 -1.84
N ILE A 186 43.24 8.97 -3.08
CA ILE A 186 41.97 8.61 -3.65
C ILE A 186 42.09 7.21 -4.24
N LEU A 187 41.10 6.37 -3.94
CA LEU A 187 41.04 5.03 -4.51
C LEU A 187 39.57 4.59 -4.63
N PRO A 188 39.31 3.53 -5.38
CA PRO A 188 37.94 2.99 -5.46
C PRO A 188 37.40 2.65 -4.11
N ASP A 189 36.15 3.04 -3.90
CA ASP A 189 35.48 2.71 -2.69
C ASP A 189 35.16 1.23 -2.77
N MET A 190 35.18 0.58 -1.62
CA MET A 190 34.72 -0.83 -1.51
C MET A 190 33.37 -1.08 -2.20
N LYS A 191 32.52 -0.06 -2.29
CA LYS A 191 31.23 -0.23 -2.97
C LYS A 191 31.33 -0.50 -4.48
N TRP A 192 32.43 -0.11 -5.12
CA TRP A 192 32.40 -0.07 -6.59
C TRP A 192 32.91 -1.37 -7.18
N ASP A 193 32.22 -1.89 -8.21
CA ASP A 193 32.62 -3.14 -8.82
C ASP A 193 33.83 -2.98 -9.73
N GLY A 194 34.21 -1.74 -9.99
CA GLY A 194 35.42 -1.40 -10.72
C GLY A 194 35.27 -1.51 -12.23
N MET A 195 34.07 -1.77 -12.72
CA MET A 195 33.87 -2.01 -14.13
C MET A 195 32.92 -1.04 -14.79
N ASN A 196 31.84 -0.68 -14.10
CA ASN A 196 30.81 0.09 -14.73
C ASN A 196 30.92 1.52 -14.29
N LEU A 197 31.19 2.41 -15.24
CA LEU A 197 31.46 3.80 -14.89
C LEU A 197 30.24 4.55 -14.39
N ASP A 198 29.04 4.12 -14.76
CA ASP A 198 27.81 4.69 -14.21
C ASP A 198 27.75 4.62 -12.68
N SER A 199 28.40 3.61 -12.08
CA SER A 199 28.41 3.48 -10.63
C SER A 199 29.73 3.90 -10.01
N LEU A 200 30.52 4.68 -10.74
CA LEU A 200 31.83 5.11 -10.26
C LEU A 200 31.66 5.60 -8.85
N TYR A 201 32.43 5.05 -7.94
CA TYR A 201 32.37 5.44 -6.55
C TYR A 201 33.76 5.38 -5.97
N LEU A 202 34.32 6.53 -5.60
CA LEU A 202 35.65 6.61 -5.04
C LEU A 202 35.57 7.23 -3.66
N VAL A 203 36.60 6.97 -2.87
CA VAL A 203 36.74 7.55 -1.56
C VAL A 203 38.13 8.25 -1.48
N ALA A 204 38.12 9.50 -1.04
CA ALA A 204 39.33 10.24 -0.76
C ALA A 204 39.57 10.19 0.73
N ILE A 205 40.71 9.65 1.11
CA ILE A 205 41.06 9.53 2.52
C ILE A 205 42.17 10.54 2.85
N VAL A 206 41.92 11.43 3.82
CA VAL A 206 42.90 12.43 4.23
C VAL A 206 43.89 11.82 5.22
N TYR A 207 45.06 12.44 5.35
CA TYR A 207 46.11 11.95 6.23
C TYR A 207 46.00 12.48 7.66
N ARG A 208 45.44 13.68 7.80
CA ARG A 208 45.24 14.25 9.15
C ARG A 208 44.28 13.36 9.96
N THR A 209 44.54 13.27 11.24
CA THR A 209 43.82 12.37 12.14
C THR A 209 42.98 13.14 13.16
N ASP A 210 43.05 14.47 13.13
CA ASP A 210 42.36 15.26 14.14
C ASP A 210 40.93 15.54 13.72
N ILE A 211 40.57 15.21 12.50
CA ILE A 211 39.20 15.30 12.03
C ILE A 211 38.51 13.92 11.99
N LYS A 212 37.68 13.66 12.99
CA LYS A 212 36.95 12.39 13.10
C LYS A 212 35.61 12.45 12.37
N THR A 213 34.95 13.62 12.42
CA THR A 213 33.71 13.87 11.69
C THR A 213 33.69 15.32 11.29
N ILE A 214 32.64 15.73 10.60
CA ILE A 214 32.45 17.14 10.27
C ILE A 214 32.37 18.04 11.47
N ARG A 215 32.07 17.47 12.63
CA ARG A 215 32.00 18.26 13.85
C ARG A 215 33.28 18.96 14.17
N ASP A 216 34.40 18.38 13.71
CA ASP A 216 35.72 18.90 14.01
C ASP A 216 36.16 20.01 13.01
N LEU A 217 35.37 20.24 11.97
CA LEU A 217 35.70 21.27 10.99
C LEU A 217 35.39 22.65 11.53
N ARG A 218 36.43 23.49 11.60
CA ARG A 218 36.30 24.87 12.03
C ARG A 218 36.29 25.81 10.82
N TYR A 219 35.96 27.08 11.03
CA TYR A 219 36.05 28.11 9.97
C TYR A 219 37.44 28.17 9.31
N SER A 220 38.48 27.98 10.12
CA SER A 220 39.86 27.99 9.65
C SER A 220 40.22 26.82 8.70
N ASP A 221 39.38 25.79 8.62
CA ASP A 221 39.61 24.64 7.73
C ASP A 221 39.00 24.83 6.35
N ARG A 222 38.36 25.98 6.14
CA ARG A 222 37.58 26.16 4.93
C ARG A 222 38.41 26.13 3.63
N GLN A 223 39.54 26.81 3.62
CA GLN A 223 40.36 26.89 2.42
C GLN A 223 40.95 25.52 2.05
N TRP A 224 41.32 24.75 3.06
CA TRP A 224 41.77 23.35 2.89
C TRP A 224 40.69 22.49 2.22
N LEU A 225 39.43 22.68 2.63
CA LEU A 225 38.34 21.94 2.01
C LEU A 225 38.12 22.36 0.58
N ILE A 226 38.21 23.66 0.31
CA ILE A 226 38.09 24.18 -1.05
C ILE A 226 39.18 23.54 -1.93
N ASN A 227 40.40 23.47 -1.41
CA ASN A 227 41.52 22.87 -2.15
C ASN A 227 41.29 21.38 -2.44
N LEU A 228 40.78 20.65 -1.45
CA LEU A 228 40.42 19.24 -1.70
C LEU A 228 39.36 19.10 -2.78
N ASN A 229 38.35 19.96 -2.73
CA ASN A 229 37.29 19.90 -3.73
C ASN A 229 37.82 20.13 -5.14
N ASN A 230 38.73 21.11 -5.26
CA ASN A 230 39.32 21.45 -6.53
C ASN A 230 40.24 20.34 -7.05
N LYS A 231 41.09 19.81 -6.18
CA LYS A 231 41.99 18.72 -6.62
C LYS A 231 41.18 17.52 -7.10
N ILE A 232 40.17 17.12 -6.32
CA ILE A 232 39.36 15.94 -6.70
C ILE A 232 38.76 16.12 -8.09
N ARG A 233 38.18 17.28 -8.35
CA ARG A 233 37.53 17.51 -9.64
C ARG A 233 38.52 17.71 -10.77
N SER A 234 39.76 18.12 -10.42
CA SER A 234 40.82 18.32 -11.42
C SER A 234 41.51 17.03 -11.83
N ILE A 235 41.39 16.00 -11.01
CA ILE A 235 42.11 14.76 -11.19
C ILE A 235 41.23 13.62 -11.67
N VAL A 236 40.11 13.41 -10.99
CA VAL A 236 39.32 12.21 -11.23
C VAL A 236 38.87 12.04 -12.68
N PRO A 237 38.37 13.10 -13.31
CA PRO A 237 37.94 12.94 -14.69
C PRO A 237 39.03 12.45 -15.66
N GLY A 238 40.25 12.96 -15.49
CA GLY A 238 41.37 12.58 -16.34
C GLY A 238 41.78 11.14 -16.14
N CYS A 239 41.59 10.62 -14.93
CA CYS A 239 41.81 9.20 -14.70
C CYS A 239 40.90 8.30 -15.51
N TYR A 240 39.76 8.79 -15.96
CA TYR A 240 38.79 7.95 -16.65
C TYR A 240 38.55 8.49 -18.05
N ASN A 241 39.58 9.07 -18.63
CA ASN A 241 39.52 9.65 -19.98
C ASN A 241 38.32 10.57 -20.21
N TYR A 242 37.94 11.33 -19.18
CA TYR A 242 36.83 12.27 -19.27
C TYR A 242 35.50 11.60 -19.65
N ALA A 243 35.36 10.31 -19.29
CA ALA A 243 34.11 9.58 -19.45
C ALA A 243 33.13 10.09 -18.41
N VAL A 244 33.67 10.66 -17.34
CA VAL A 244 32.93 11.44 -16.40
C VAL A 244 33.55 12.87 -16.29
N HIS A 245 32.73 13.90 -16.28
CA HIS A 245 33.19 15.29 -16.24
C HIS A 245 33.31 15.80 -14.81
N PRO A 246 34.06 16.91 -14.60
CA PRO A 246 34.19 17.43 -13.24
C PRO A 246 32.87 17.82 -12.59
N ASP A 247 31.91 18.28 -13.39
CA ASP A 247 30.59 18.65 -12.89
C ASP A 247 29.62 17.46 -12.78
N GLU A 248 30.09 16.25 -13.00
CA GLU A 248 29.29 15.07 -12.91
C GLU A 248 29.75 14.22 -11.74
N LEU A 249 30.41 14.83 -10.77
CA LEU A 249 30.82 14.11 -9.57
C LEU A 249 30.09 14.69 -8.37
N ARG A 250 29.38 13.83 -7.67
CA ARG A 250 28.68 14.20 -6.47
C ARG A 250 29.66 13.92 -5.33
N ILE A 251 30.17 14.98 -4.73
CA ILE A 251 31.23 14.88 -3.74
C ILE A 251 30.69 15.27 -2.38
N LEU A 252 30.83 14.36 -1.44
CA LEU A 252 30.06 14.46 -0.22
C LEU A 252 30.71 13.74 0.95
N VAL A 253 30.23 14.06 2.14
CA VAL A 253 30.62 13.40 3.38
C VAL A 253 29.35 12.88 4.09
N HIS A 254 29.53 11.99 5.05
CA HIS A 254 28.46 11.39 5.79
C HIS A 254 28.52 11.82 7.25
N TYR A 255 27.34 12.02 7.84
CA TYR A 255 27.17 12.16 9.28
C TYR A 255 25.83 11.49 9.68
N GLN A 256 25.84 10.45 10.53
CA GLN A 256 27.04 9.86 11.08
C GLN A 256 27.75 9.02 10.04
N PRO A 257 29.09 9.07 10.05
CA PRO A 257 29.85 8.16 9.23
C PRO A 257 29.91 6.80 9.93
N SER A 258 30.18 5.73 9.22
CA SER A 258 30.45 4.43 9.87
C SER A 258 31.84 4.38 10.55
N TYR A 259 32.81 5.11 9.99
CA TYR A 259 34.15 5.14 10.51
C TYR A 259 34.59 6.56 10.84
N TYR A 260 35.21 6.71 11.99
CA TYR A 260 35.56 8.04 12.50
C TYR A 260 36.95 8.51 12.05
N HIS A 261 37.06 8.68 10.74
CA HIS A 261 38.19 9.31 10.07
C HIS A 261 37.62 10.01 8.86
N PHE A 262 37.92 11.30 8.73
CA PHE A 262 37.36 12.12 7.65
C PHE A 262 37.63 11.52 6.26
N ASN A 263 36.56 11.12 5.57
CA ASN A 263 36.62 10.53 4.25
C ASN A 263 35.64 11.20 3.35
N ILE A 264 36.01 11.42 2.10
CA ILE A 264 35.14 12.12 1.17
C ILE A 264 34.76 11.15 0.09
N HIS A 265 33.46 11.08 -0.17
CA HIS A 265 32.90 10.15 -1.11
C HIS A 265 32.73 10.88 -2.42
N ILE A 266 33.11 10.23 -3.50
CA ILE A 266 33.12 10.83 -4.82
C ILE A 266 32.33 9.87 -5.69
N VAL A 267 31.19 10.32 -6.19
CA VAL A 267 30.22 9.41 -6.82
C VAL A 267 29.75 9.97 -8.15
N ASN A 268 29.72 9.13 -9.19
CA ASN A 268 29.14 9.56 -10.43
C ASN A 268 27.73 10.12 -10.16
N ILE A 269 27.47 11.32 -10.65
CA ILE A 269 26.16 11.93 -10.47
C ILE A 269 25.01 11.06 -11.02
N LYS A 270 25.33 10.18 -11.96
CA LYS A 270 24.39 9.28 -12.64
C LYS A 270 23.94 8.15 -11.74
N HIS A 271 24.60 7.95 -10.61
CA HIS A 271 24.26 6.87 -9.72
C HIS A 271 23.18 7.37 -8.76
N PRO A 272 21.94 6.86 -8.89
CA PRO A 272 20.95 7.36 -7.94
C PRO A 272 21.18 7.00 -6.48
N GLY A 273 22.04 6.03 -6.19
CA GLY A 273 22.49 5.81 -4.80
C GLY A 273 21.83 4.62 -4.15
N LEU A 274 22.63 3.77 -3.52
CA LEU A 274 22.11 2.68 -2.69
C LEU A 274 21.90 3.24 -1.30
N GLY A 275 20.83 2.76 -0.68
CA GLY A 275 20.36 3.19 0.62
C GLY A 275 20.49 4.65 0.89
N ASN A 276 21.20 5.02 1.97
CA ASN A 276 21.38 6.40 2.31
C ASN A 276 22.71 6.98 1.81
N SER A 277 23.47 6.25 0.98
CA SER A 277 24.82 6.76 0.68
C SER A 277 24.87 8.14 0.04
N ILE A 278 23.87 8.53 -0.76
CA ILE A 278 23.82 9.88 -1.29
C ILE A 278 22.60 10.71 -0.79
N ALA A 279 21.89 10.21 0.21
CA ALA A 279 20.59 10.79 0.60
C ALA A 279 20.67 11.94 1.58
N ALA A 280 19.85 12.97 1.36
CA ALA A 280 19.65 14.00 2.40
C ALA A 280 19.25 13.30 3.71
N GLY A 281 19.89 13.69 4.81
CA GLY A 281 19.74 13.03 6.09
C GLY A 281 20.91 12.13 6.42
N LYS A 282 21.86 12.05 5.50
CA LYS A 282 23.07 11.26 5.70
C LYS A 282 24.27 11.93 4.97
N ALA A 283 24.11 12.11 3.66
CA ALA A 283 25.11 12.73 2.85
C ALA A 283 24.96 14.24 2.91
N ILE A 284 26.10 14.93 2.99
CA ILE A 284 26.16 16.38 2.87
C ILE A 284 27.21 16.73 1.81
N LEU A 285 26.82 17.50 0.79
CA LEU A 285 27.74 17.92 -0.25
C LEU A 285 28.89 18.70 0.37
N LEU A 286 30.08 18.40 -0.11
CA LEU A 286 31.28 19.12 0.32
C LEU A 286 31.18 20.62 0.08
N GLU A 287 30.64 21.01 -1.06
CA GLU A 287 30.40 22.44 -1.33
C GLU A 287 29.50 23.06 -0.26
N ASP A 288 28.51 22.30 0.23
CA ASP A 288 27.63 22.80 1.29
C ASP A 288 28.38 22.94 2.61
N ILE A 289 29.27 22.00 2.90
CA ILE A 289 30.09 22.09 4.12
C ILE A 289 30.87 23.38 4.07
N ILE A 290 31.48 23.61 2.91
CA ILE A 290 32.32 24.79 2.65
C ILE A 290 31.51 26.09 2.82
N GLU A 291 30.34 26.12 2.18
CA GLU A 291 29.49 27.31 2.23
C GLU A 291 28.97 27.56 3.63
N MET A 292 28.61 26.51 4.36
CA MET A 292 28.02 26.70 5.71
C MET A 292 29.05 27.25 6.70
N LEU A 293 30.32 26.95 6.48
CA LEU A 293 31.38 27.44 7.37
C LEU A 293 31.48 28.97 7.39
N ASN A 294 31.01 29.63 6.33
CA ASN A 294 30.92 31.08 6.32
C ASN A 294 29.99 31.67 7.37
N TYR A 295 29.02 30.90 7.84
CA TYR A 295 27.95 31.41 8.71
C TYR A 295 27.94 30.87 10.15
N LEU A 296 28.61 29.77 10.40
CA LEU A 296 28.67 29.21 11.74
C LEU A 296 29.68 30.07 12.47
N GLY A 297 30.01 29.79 13.73
CA GLY A 297 31.06 30.63 14.36
C GLY A 297 32.46 30.16 14.01
N PRO A 298 33.46 30.67 14.74
CA PRO A 298 34.82 30.12 14.62
C PRO A 298 34.88 28.60 14.83
N GLU A 299 34.05 28.06 15.71
CA GLU A 299 34.10 26.63 16.05
C GLU A 299 33.33 25.77 15.01
N GLY A 300 32.71 26.42 14.03
CA GLY A 300 32.21 25.73 12.84
C GLY A 300 31.04 24.81 13.14
N TYR A 301 31.14 23.56 12.70
CA TYR A 301 30.06 22.58 12.88
C TYR A 301 29.82 22.14 14.34
N MET A 302 30.72 22.50 15.24
CA MET A 302 30.49 22.31 16.67
C MET A 302 29.26 23.10 17.15
N ASN A 303 28.94 24.21 16.47
CA ASN A 303 27.81 25.05 16.81
C ASN A 303 26.51 24.68 16.11
N LYS A 304 26.54 23.69 15.24
CA LYS A 304 25.40 23.43 14.39
C LYS A 304 24.49 22.38 15.07
N THR A 305 23.20 22.55 14.91
CA THR A 305 22.24 21.47 15.18
C THR A 305 22.02 20.68 13.89
N ILE A 306 22.42 19.41 13.91
CA ILE A 306 22.46 18.58 12.72
C ILE A 306 21.39 17.51 12.77
N THR A 307 20.53 17.51 11.77
CA THR A 307 19.44 16.55 11.69
C THR A 307 19.84 15.44 10.73
N TYR A 308 19.79 14.19 11.18
CA TYR A 308 20.14 13.08 10.32
C TYR A 308 19.41 11.79 10.67
N ALA A 309 19.53 10.80 9.78
CA ALA A 309 18.88 9.52 9.92
C ALA A 309 19.83 8.55 10.59
N ILE A 310 19.37 7.91 11.66
CA ILE A 310 20.16 6.92 12.32
C ILE A 310 19.36 5.61 12.48
N GLY A 311 20.05 4.47 12.44
CA GLY A 311 19.41 3.19 12.64
C GLY A 311 19.32 2.84 14.11
N GLU A 312 18.26 2.11 14.45
CA GLU A 312 17.98 1.75 15.82
C GLU A 312 19.02 0.84 16.43
N ASN A 313 19.72 0.06 15.63
CA ASN A 313 20.80 -0.79 16.15
C ASN A 313 22.10 -0.06 16.44
N HIS A 314 22.25 1.17 15.95
CA HIS A 314 23.50 1.92 16.16
C HIS A 314 23.72 2.07 17.66
N ASP A 315 24.96 1.98 18.12
CA ASP A 315 25.29 2.10 19.55
C ASP A 315 24.79 3.41 20.19
N LEU A 316 24.81 4.50 19.42
CA LEU A 316 24.40 5.81 19.90
C LEU A 316 22.92 5.89 20.23
N TRP A 317 22.09 5.03 19.65
CA TRP A 317 20.65 5.01 19.91
C TRP A 317 20.39 4.81 21.39
N LYS A 318 20.84 3.69 21.95
CA LYS A 318 20.70 3.41 23.38
C LYS A 318 21.65 4.19 24.28
N ARG A 319 22.68 4.82 23.71
CA ARG A 319 23.63 5.58 24.51
C ARG A 319 23.11 7.00 24.82
N GLY A 320 21.96 7.35 24.25
CA GLY A 320 21.29 8.60 24.62
C GLY A 320 20.43 9.27 23.56
N LEU A 321 20.56 8.87 22.30
CA LEU A 321 19.78 9.52 21.26
C LEU A 321 18.29 9.19 21.34
N GLU A 322 17.96 7.96 21.71
CA GLU A 322 16.57 7.54 21.87
C GLU A 322 15.88 8.41 22.91
N GLU A 323 16.45 8.45 24.11
CA GLU A 323 15.89 9.20 25.21
C GLU A 323 15.75 10.67 24.82
N GLU A 324 16.73 11.21 24.10
CA GLU A 324 16.70 12.62 23.76
C GLU A 324 15.67 12.95 22.67
N LEU A 325 15.49 12.04 21.72
CA LEU A 325 14.47 12.20 20.68
C LEU A 325 13.03 12.21 21.27
N THR A 326 12.78 11.40 22.27
CA THR A 326 11.46 11.38 22.92
C THR A 326 11.19 12.74 23.54
N LYS A 327 12.18 13.28 24.26
CA LYS A 327 12.04 14.59 24.89
C LYS A 327 11.86 15.72 23.86
N GLN A 328 12.53 15.61 22.72
CA GLN A 328 12.39 16.60 21.64
C GLN A 328 11.00 16.61 21.07
N LEU A 329 10.45 15.42 20.84
CA LEU A 329 9.07 15.29 20.36
C LEU A 329 8.09 15.94 21.34
N GLU A 330 8.28 15.69 22.64
CA GLU A 330 7.43 16.34 23.64
C GLU A 330 7.54 17.87 23.53
N ARG A 331 8.76 18.39 23.46
CA ARG A 331 8.95 19.86 23.39
C ARG A 331 8.33 20.45 22.14
N ASP A 332 8.35 19.71 21.04
CA ASP A 332 7.72 20.17 19.81
C ASP A 332 6.18 20.01 19.83
N GLY A 333 5.65 19.39 20.88
CA GLY A 333 4.21 19.19 20.98
C GLY A 333 3.68 18.14 20.01
N ILE A 334 4.54 17.15 19.72
CA ILE A 334 4.15 16.04 18.88
C ILE A 334 3.52 15.04 19.86
N PRO A 335 2.33 14.54 19.52
CA PRO A 335 1.67 13.59 20.42
C PRO A 335 2.46 12.30 20.66
N LYS A 336 2.37 11.79 21.88
CA LYS A 336 2.84 10.45 22.18
C LYS A 336 1.87 9.48 21.49
N ILE A 337 2.38 8.39 20.95
CA ILE A 337 1.53 7.39 20.29
C ILE A 337 0.68 6.71 21.37
N PRO A 338 -0.65 6.69 21.20
CA PRO A 338 -1.44 5.97 22.21
C PRO A 338 -1.05 4.50 22.31
N LYS A 339 -1.04 3.94 23.52
CA LYS A 339 -0.71 2.51 23.68
C LYS A 339 -1.64 1.67 22.80
N ILE A 340 -2.94 1.91 22.94
CA ILE A 340 -3.95 1.32 22.07
C ILE A 340 -3.98 2.09 20.75
N GLY B 1 9.50 -17.91 -31.22
CA GLY B 1 8.11 -17.35 -31.13
C GLY B 1 8.02 -15.88 -31.52
N MET B 2 6.82 -15.33 -31.40
CA MET B 2 6.57 -13.91 -31.70
C MET B 2 7.53 -12.96 -30.97
N PHE B 3 7.56 -13.09 -29.65
CA PHE B 3 8.42 -12.28 -28.81
C PHE B 3 9.89 -12.35 -29.23
N ALA B 4 10.44 -13.56 -29.25
CA ALA B 4 11.84 -13.76 -29.65
C ALA B 4 12.10 -13.15 -31.04
N SER B 5 11.21 -13.42 -31.98
CA SER B 5 11.35 -12.91 -33.34
C SER B 5 11.40 -11.38 -33.39
N LEU B 6 10.58 -10.71 -32.58
CA LEU B 6 10.55 -9.24 -32.56
C LEU B 6 11.83 -8.69 -31.97
N ILE B 7 12.33 -9.33 -30.92
CA ILE B 7 13.56 -8.88 -30.27
C ILE B 7 14.73 -9.00 -31.24
N LYS B 8 14.75 -10.06 -32.05
CA LYS B 8 15.84 -10.27 -33.04
C LYS B 8 15.85 -9.19 -34.12
N ARG B 9 14.68 -8.68 -34.50
CA ARG B 9 14.57 -7.63 -35.52
C ARG B 9 14.83 -6.23 -35.00
N PHE B 10 14.89 -6.06 -33.67
CA PHE B 10 15.11 -4.76 -33.06
C PHE B 10 16.42 -4.15 -33.53
N GLN B 11 16.34 -2.97 -34.15
CA GLN B 11 17.52 -2.19 -34.55
C GLN B 11 17.76 -1.04 -33.57
N PHE B 12 18.86 -1.11 -32.83
CA PHE B 12 19.20 -0.15 -31.79
C PHE B 12 19.35 1.26 -32.33
N VAL B 13 18.76 2.24 -31.65
CA VAL B 13 18.95 3.65 -32.00
C VAL B 13 19.72 4.35 -30.89
N SER B 14 19.23 4.28 -29.65
CA SER B 14 19.89 4.97 -28.54
C SER B 14 19.47 4.42 -27.20
N VAL B 15 20.27 4.70 -26.19
CA VAL B 15 19.97 4.31 -24.85
C VAL B 15 19.12 5.39 -24.21
N LEU B 16 17.95 5.02 -23.74
CA LEU B 16 17.02 5.95 -23.08
C LEU B 16 17.36 6.19 -21.63
N ASP B 17 17.78 5.13 -20.94
CA ASP B 17 17.99 5.19 -19.51
C ASP B 17 18.91 4.11 -19.10
N SER B 18 19.79 4.42 -18.16
CA SER B 18 20.64 3.42 -17.54
C SER B 18 20.68 3.78 -16.09
N ASN B 19 20.25 2.83 -15.25
CA ASN B 19 20.09 3.09 -13.84
C ASN B 19 20.80 2.02 -13.06
N PRO B 20 21.98 2.34 -12.54
CA PRO B 20 22.77 1.37 -11.76
C PRO B 20 22.23 1.10 -10.37
N GLN B 21 21.35 1.96 -9.85
CA GLN B 21 20.69 1.64 -8.58
C GLN B 21 19.76 0.45 -8.70
N THR B 22 18.88 0.50 -9.68
CA THR B 22 17.85 -0.50 -9.89
C THR B 22 18.24 -1.57 -10.90
N LYS B 23 19.37 -1.40 -11.58
CA LYS B 23 19.84 -2.34 -12.61
C LYS B 23 18.85 -2.44 -13.76
N VAL B 24 18.42 -1.27 -14.23
CA VAL B 24 17.46 -1.14 -15.31
C VAL B 24 18.10 -0.38 -16.43
N MET B 25 17.76 -0.78 -17.65
CA MET B 25 18.27 -0.23 -18.87
C MET B 25 17.11 -0.19 -19.87
N SER B 26 16.88 0.96 -20.46
CA SER B 26 15.88 1.08 -21.51
C SER B 26 16.53 1.56 -22.80
N LEU B 27 16.14 0.93 -23.91
CA LEU B 27 16.71 1.18 -25.21
C LEU B 27 15.63 1.61 -26.18
N LEU B 28 15.91 2.66 -26.94
CA LEU B 28 15.08 3.04 -28.06
C LEU B 28 15.63 2.39 -29.32
N GLY B 29 14.74 1.96 -30.20
CA GLY B 29 15.13 1.36 -31.46
C GLY B 29 13.96 1.34 -32.42
N THR B 30 14.08 0.53 -33.46
CA THR B 30 12.98 0.34 -34.40
C THR B 30 12.79 -1.14 -34.72
N ILE B 31 11.54 -1.48 -35.02
CA ILE B 31 11.17 -2.75 -35.61
C ILE B 31 10.27 -2.41 -36.77
N ASP B 32 10.61 -2.92 -37.95
CA ASP B 32 9.92 -2.58 -39.19
C ASP B 32 9.71 -1.07 -39.33
N ASN B 33 10.79 -0.33 -39.08
CA ASN B 33 10.81 1.13 -39.18
C ASN B 33 9.73 1.81 -38.31
N LYS B 34 9.25 1.14 -37.26
CA LYS B 34 8.35 1.74 -36.26
C LYS B 34 9.13 1.78 -34.95
N ASP B 35 8.99 2.86 -34.18
CA ASP B 35 9.70 3.00 -32.90
C ASP B 35 9.38 1.86 -31.93
N ALA B 36 10.39 1.44 -31.19
CA ALA B 36 10.26 0.36 -30.22
C ALA B 36 11.09 0.70 -28.99
N ILE B 37 10.58 0.32 -27.83
CA ILE B 37 11.31 0.44 -26.59
C ILE B 37 11.51 -0.92 -25.94
N ILE B 38 12.77 -1.26 -25.63
CA ILE B 38 13.05 -2.45 -24.82
C ILE B 38 13.57 -2.01 -23.47
N THR B 39 12.98 -2.57 -22.42
CA THR B 39 13.41 -2.32 -21.06
C THR B 39 13.87 -3.64 -20.48
N ALA B 40 15.04 -3.63 -19.86
CA ALA B 40 15.62 -4.81 -19.26
C ALA B 40 15.94 -4.50 -17.80
N GLU B 41 15.73 -5.47 -16.95
CA GLU B 41 15.96 -5.32 -15.52
C GLU B 41 16.49 -6.62 -14.96
N LYS B 42 17.60 -6.55 -14.24
CA LYS B 42 18.19 -7.72 -13.66
C LYS B 42 17.25 -8.26 -12.64
N THR B 43 17.18 -9.59 -12.51
CA THR B 43 16.34 -10.21 -11.48
C THR B 43 17.00 -10.05 -10.15
N HIS B 44 16.19 -10.18 -9.10
CA HIS B 44 16.68 -10.16 -7.77
C HIS B 44 17.24 -11.54 -7.46
N PHE B 45 18.05 -11.62 -6.41
CA PHE B 45 18.43 -12.92 -5.88
C PHE B 45 17.20 -13.67 -5.38
N LEU B 46 17.34 -14.98 -5.20
CA LEU B 46 16.20 -15.84 -4.85
C LEU B 46 16.38 -16.44 -3.47
N PHE B 47 15.26 -16.77 -2.83
CA PHE B 47 15.29 -17.44 -1.53
C PHE B 47 14.42 -18.67 -1.63
N ASP B 48 14.53 -19.58 -0.67
CA ASP B 48 13.70 -20.79 -0.73
C ASP B 48 12.21 -20.41 -0.71
N GLU B 49 11.43 -21.06 -1.57
CA GLU B 49 9.96 -20.89 -1.50
C GLU B 49 9.35 -21.10 -0.09
N THR B 61 9.53 -10.62 7.95
CA THR B 61 10.73 -9.90 7.54
C THR B 61 11.59 -10.76 6.59
N PRO B 62 12.63 -10.13 6.01
CA PRO B 62 13.68 -10.94 5.35
C PRO B 62 14.53 -11.78 6.30
N VAL B 63 14.55 -11.47 7.59
CA VAL B 63 15.34 -12.26 8.55
C VAL B 63 14.89 -13.74 8.71
N LEU B 64 13.66 -14.07 8.28
CA LEU B 64 13.15 -15.47 8.26
C LEU B 64 13.27 -16.22 6.89
N TYR B 65 14.01 -15.67 5.90
CA TYR B 65 14.22 -16.42 4.62
C TYR B 65 15.25 -17.54 4.72
N ASN B 66 15.28 -18.43 3.72
CA ASN B 66 16.26 -19.51 3.72
C ASN B 66 17.01 -19.79 2.40
N CYS B 67 18.13 -20.51 2.53
CA CYS B 67 19.13 -20.70 1.45
C CYS B 67 19.57 -22.18 1.26
N GLU B 68 18.61 -23.11 1.31
CA GLU B 68 18.89 -24.54 1.15
C GLU B 68 18.83 -24.97 -0.31
N ASN B 69 17.99 -24.32 -1.11
CA ASN B 69 17.72 -24.78 -2.46
C ASN B 69 18.80 -24.38 -3.49
N GLU B 70 18.84 -25.18 -4.56
CA GLU B 70 19.87 -25.12 -5.60
C GLU B 70 20.23 -23.71 -6.07
N TYR B 71 19.20 -22.91 -6.36
CA TYR B 71 19.40 -21.57 -6.94
C TYR B 71 19.22 -20.42 -5.94
N SER B 72 18.94 -20.76 -4.67
CA SER B 72 18.75 -19.75 -3.64
C SER B 72 20.06 -19.05 -3.24
N CYS B 73 19.95 -17.77 -2.93
CA CYS B 73 21.05 -17.00 -2.31
C CYS B 73 22.32 -17.00 -3.18
N ILE B 74 23.44 -17.52 -2.69
CA ILE B 74 24.70 -17.61 -3.49
C ILE B 74 25.09 -19.04 -3.78
N ASN B 75 24.13 -19.95 -3.75
CA ASN B 75 24.40 -21.38 -3.97
C ASN B 75 24.82 -21.69 -5.39
N GLY B 76 24.41 -20.86 -6.35
CA GLY B 76 24.69 -21.12 -7.78
C GLY B 76 26.04 -20.58 -8.30
N ILE B 77 26.90 -20.09 -7.41
CA ILE B 77 28.21 -19.55 -7.81
C ILE B 77 29.06 -20.62 -8.49
N GLN B 78 29.44 -20.37 -9.74
CA GLN B 78 30.35 -21.23 -10.48
C GLN B 78 31.81 -20.73 -10.43
N GLU B 79 32.00 -19.43 -10.23
CA GLU B 79 33.30 -18.79 -10.42
C GLU B 79 33.41 -17.52 -9.59
N LEU B 80 34.55 -17.34 -8.92
CA LEU B 80 34.84 -16.19 -8.10
C LEU B 80 36.16 -15.52 -8.54
N LYS B 81 36.25 -14.19 -8.39
CA LYS B 81 37.49 -13.45 -8.66
C LYS B 81 37.62 -12.25 -7.72
N GLU B 82 38.75 -12.14 -7.05
CA GLU B 82 38.96 -11.06 -6.09
C GLU B 82 39.26 -9.75 -6.79
N ILE B 83 38.66 -8.67 -6.30
CA ILE B 83 39.02 -7.32 -6.71
C ILE B 83 40.17 -6.87 -5.81
N THR B 84 39.92 -6.84 -4.51
CA THR B 84 41.00 -6.59 -3.55
C THR B 84 40.53 -6.96 -2.15
N SER B 85 41.39 -6.72 -1.16
CA SER B 85 41.02 -6.96 0.23
C SER B 85 41.85 -6.12 1.16
N ASN B 86 41.41 -5.99 2.40
CA ASN B 86 42.06 -5.15 3.38
C ASN B 86 41.57 -5.57 4.76
N ASP B 87 42.44 -6.13 5.60
CA ASP B 87 42.07 -6.50 6.95
C ASP B 87 40.91 -7.52 6.92
N ILE B 88 39.75 -7.21 7.51
CA ILE B 88 38.65 -8.16 7.55
C ILE B 88 37.71 -8.00 6.38
N TYR B 89 38.02 -7.11 5.46
CA TYR B 89 37.15 -6.85 4.31
C TYR B 89 37.73 -7.48 3.05
N TYR B 90 36.92 -8.28 2.36
CA TYR B 90 37.33 -8.93 1.09
C TYR B 90 36.23 -8.71 0.07
N TRP B 91 36.58 -8.34 -1.16
CA TRP B 91 35.52 -8.23 -2.17
C TRP B 91 35.93 -8.52 -3.58
N GLY B 92 34.93 -8.98 -4.31
CA GLY B 92 35.16 -9.60 -5.60
C GLY B 92 33.95 -9.69 -6.48
N LEU B 93 34.08 -10.47 -7.53
CA LEU B 93 33.03 -10.69 -8.49
C LEU B 93 32.74 -12.18 -8.65
N SER B 94 31.56 -12.50 -9.18
CA SER B 94 31.12 -13.87 -9.26
C SER B 94 30.36 -14.10 -10.54
N VAL B 95 30.48 -15.32 -11.05
CA VAL B 95 29.62 -15.83 -12.09
C VAL B 95 28.73 -16.87 -11.43
N ILE B 96 27.44 -16.80 -11.72
CA ILE B 96 26.42 -17.61 -11.08
C ILE B 96 25.66 -18.33 -12.18
N LYS B 97 25.31 -19.58 -11.92
CA LYS B 97 24.59 -20.38 -12.90
C LYS B 97 23.22 -19.80 -13.19
N GLN B 98 22.96 -19.57 -14.48
CA GLN B 98 21.70 -19.08 -14.96
C GLN B 98 20.83 -20.24 -15.46
N ASP B 99 19.52 -20.00 -15.55
CA ASP B 99 18.59 -21.04 -15.99
C ASP B 99 17.25 -20.40 -16.26
N MET B 100 16.65 -20.67 -17.42
CA MET B 100 15.42 -19.97 -17.79
C MET B 100 14.31 -20.20 -16.76
N GLU B 101 14.13 -21.44 -16.32
CA GLU B 101 13.04 -21.75 -15.40
C GLU B 101 13.28 -21.28 -13.97
N SER B 102 14.48 -21.50 -13.46
CA SER B 102 14.73 -21.33 -12.03
C SER B 102 15.59 -20.14 -11.64
N ASN B 103 16.31 -19.56 -12.61
CA ASN B 103 17.11 -18.39 -12.31
C ASN B 103 17.42 -17.59 -13.56
N PRO B 104 16.39 -17.00 -14.18
CA PRO B 104 16.61 -16.15 -15.35
C PRO B 104 17.42 -14.93 -15.00
N THR B 105 18.06 -14.34 -16.00
CA THR B 105 19.03 -13.30 -15.74
C THR B 105 18.37 -11.95 -15.61
N ALA B 106 17.37 -11.72 -16.47
CA ALA B 106 16.72 -10.42 -16.54
C ALA B 106 15.31 -10.46 -17.10
N LYS B 107 14.47 -9.58 -16.59
CA LYS B 107 13.16 -9.33 -17.12
C LYS B 107 13.36 -8.50 -18.35
N LEU B 108 12.58 -8.75 -19.39
CA LEU B 108 12.75 -7.99 -20.60
C LEU B 108 11.40 -7.68 -21.26
N ASN B 109 11.12 -6.38 -21.41
CA ASN B 109 9.83 -5.94 -21.94
C ASN B 109 9.99 -5.20 -23.23
N LEU B 110 8.96 -5.26 -24.05
CA LEU B 110 8.98 -4.59 -25.33
C LEU B 110 7.72 -3.77 -25.46
N ILE B 111 7.89 -2.52 -25.89
CA ILE B 111 6.78 -1.68 -26.31
C ILE B 111 6.93 -1.39 -27.79
N TRP B 112 5.97 -1.84 -28.61
CA TRP B 112 6.06 -1.68 -30.05
C TRP B 112 4.71 -1.90 -30.68
N PRO B 113 4.22 -0.97 -31.50
CA PRO B 113 4.86 0.31 -31.78
C PRO B 113 4.74 1.28 -30.61
N ALA B 114 5.85 1.90 -30.24
CA ALA B 114 5.90 2.87 -29.16
C ALA B 114 5.50 4.25 -29.66
N THR B 115 4.75 4.97 -28.84
CA THR B 115 4.30 6.32 -29.15
C THR B 115 5.27 7.33 -28.54
N PRO B 116 5.22 8.59 -29.01
CA PRO B 116 6.05 9.65 -28.40
C PRO B 116 5.89 9.73 -26.87
N ILE B 117 4.67 9.56 -26.40
CA ILE B 117 4.39 9.57 -24.97
C ILE B 117 5.20 8.49 -24.23
N HIS B 118 5.35 7.31 -24.84
CA HIS B 118 6.14 6.24 -24.21
C HIS B 118 7.61 6.63 -24.17
N ILE B 119 8.08 7.22 -25.25
CA ILE B 119 9.48 7.59 -25.35
C ILE B 119 9.77 8.67 -24.31
N LYS B 120 8.93 9.71 -24.26
CA LYS B 120 9.07 10.76 -23.25
C LYS B 120 9.07 10.20 -21.82
N LYS B 121 8.26 9.17 -21.58
CA LYS B 121 8.22 8.54 -20.27
C LYS B 121 9.52 7.83 -19.93
N TYR B 122 10.12 7.15 -20.89
CA TYR B 122 11.31 6.37 -20.57
C TYR B 122 12.65 7.11 -20.69
N GLU B 123 12.71 8.23 -21.42
CA GLU B 123 13.97 8.97 -21.52
C GLU B 123 14.34 9.61 -20.18
N GLN B 124 15.53 9.30 -19.69
CA GLN B 124 16.07 9.87 -18.46
C GLN B 124 17.15 10.88 -18.85
N GLN B 125 17.00 12.10 -18.36
CA GLN B 125 17.98 13.14 -18.63
C GLN B 125 19.28 13.05 -17.81
N ASN B 126 20.32 13.68 -18.33
CA ASN B 126 21.58 13.82 -17.61
C ASN B 126 21.61 15.07 -16.74
N PHE B 127 22.38 14.99 -15.65
CA PHE B 127 22.44 16.05 -14.67
C PHE B 127 23.84 16.65 -14.59
N HIS B 128 23.89 17.90 -14.11
CA HIS B 128 25.13 18.63 -13.86
C HIS B 128 25.12 19.36 -12.54
N LEU B 129 26.19 19.24 -11.74
CA LEU B 129 26.31 20.01 -10.51
C LEU B 129 26.62 21.46 -10.82
N VAL B 130 25.72 22.35 -10.42
CA VAL B 130 25.92 23.78 -10.53
C VAL B 130 26.06 24.40 -9.16
N ARG B 131 26.79 25.51 -9.12
CA ARG B 131 26.94 26.28 -7.91
C ARG B 131 26.27 27.61 -8.18
N GLU B 132 25.09 27.80 -7.59
CA GLU B 132 24.24 28.95 -7.90
C GLU B 132 24.35 30.00 -6.81
N THR B 133 25.03 31.09 -7.14
CA THR B 133 25.21 32.20 -6.23
C THR B 133 23.97 33.06 -6.20
N PRO B 134 23.85 33.94 -5.20
CA PRO B 134 22.80 34.95 -5.18
C PRO B 134 22.67 35.73 -6.48
N GLU B 135 23.80 36.19 -7.01
N GLU B 135 23.79 36.19 -7.02
CA GLU B 135 23.81 36.99 -8.21
CA GLU B 135 23.80 36.97 -8.24
C GLU B 135 23.27 36.18 -9.43
C GLU B 135 23.26 36.17 -9.42
N MET B 136 23.66 34.91 -9.50
CA MET B 136 23.13 34.00 -10.54
C MET B 136 21.61 33.86 -10.42
N TYR B 137 21.13 33.69 -9.19
CA TYR B 137 19.70 33.59 -8.97
C TYR B 137 19.01 34.85 -9.50
N LYS B 138 19.51 36.02 -9.09
CA LYS B 138 18.91 37.30 -9.49
C LYS B 138 18.96 37.51 -11.00
N ARG B 139 20.08 37.17 -11.64
CA ARG B 139 20.26 37.42 -13.07
C ARG B 139 19.60 36.38 -13.96
N ILE B 140 19.69 35.11 -13.59
CA ILE B 140 19.26 34.00 -14.47
C ILE B 140 17.92 33.37 -14.07
N VAL B 141 17.75 33.08 -12.79
CA VAL B 141 16.64 32.24 -12.34
C VAL B 141 15.39 33.07 -12.07
N GLN B 142 15.55 34.15 -11.33
CA GLN B 142 14.41 35.00 -10.93
C GLN B 142 13.56 35.48 -12.12
N PRO B 143 14.20 35.96 -13.20
CA PRO B 143 13.38 36.38 -14.34
C PRO B 143 12.61 35.23 -14.98
N TYR B 144 13.19 34.02 -14.97
CA TYR B 144 12.53 32.82 -15.48
C TYR B 144 11.29 32.47 -14.68
N ILE B 145 11.38 32.61 -13.36
CA ILE B 145 10.26 32.27 -12.49
C ILE B 145 9.08 33.20 -12.73
N GLU B 146 9.36 34.49 -12.91
CA GLU B 146 8.32 35.49 -13.18
C GLU B 146 7.56 35.21 -14.49
N GLU B 147 8.28 34.89 -15.55
CA GLU B 147 7.66 34.48 -16.82
C GLU B 147 6.61 33.36 -16.59
N MET B 148 6.82 32.53 -15.58
CA MET B 148 5.82 31.50 -15.23
C MET B 148 4.44 32.09 -14.88
N TRP B 156 -2.94 23.75 -12.43
CA TRP B 156 -3.37 22.47 -11.82
C TRP B 156 -3.16 22.41 -10.30
N VAL B 157 -2.14 23.12 -9.82
CA VAL B 157 -1.93 23.33 -8.41
C VAL B 157 -3.09 24.18 -7.91
N ASN B 158 -3.43 25.22 -8.65
CA ASN B 158 -4.55 26.08 -8.26
C ASN B 158 -5.90 25.37 -8.31
N ASN B 159 -6.04 24.42 -9.25
CA ASN B 159 -7.23 23.57 -9.28
C ASN B 159 -7.39 22.79 -7.99
N ILE B 160 -6.29 22.24 -7.49
CA ILE B 160 -6.34 21.50 -6.24
C ILE B 160 -6.65 22.46 -5.08
N LEU B 161 -5.97 23.60 -5.04
CA LEU B 161 -6.10 24.54 -3.93
C LEU B 161 -7.45 25.25 -3.86
N TYR B 162 -7.97 25.70 -5.00
CA TYR B 162 -9.15 26.57 -5.03
C TYR B 162 -10.36 26.05 -5.82
N GLU B 163 -10.24 24.94 -6.54
CA GLU B 163 -11.36 24.44 -7.36
C GLU B 163 -11.76 22.99 -7.05
N GLY B 164 -11.28 22.42 -5.95
CA GLY B 164 -11.69 21.08 -5.51
C GLY B 164 -11.15 19.88 -6.29
N ALA B 165 -10.20 20.11 -7.18
CA ALA B 165 -9.67 19.04 -8.00
C ALA B 165 -8.98 18.00 -7.12
N GLU B 166 -9.24 16.73 -7.39
CA GLU B 166 -8.66 15.61 -6.63
C GLU B 166 -8.99 15.64 -5.13
N SER B 167 -10.08 16.31 -4.77
CA SER B 167 -10.47 16.42 -3.36
C SER B 167 -10.67 15.02 -2.71
N GLU B 168 -11.09 14.05 -3.51
CA GLU B 168 -11.22 12.65 -3.05
C GLU B 168 -9.94 12.03 -2.50
N ARG B 169 -8.79 12.51 -2.98
CA ARG B 169 -7.49 11.94 -2.65
C ARG B 169 -6.81 12.68 -1.48
N VAL B 170 -7.26 13.89 -1.19
CA VAL B 170 -6.62 14.71 -0.16
C VAL B 170 -6.66 13.98 1.19
N VAL B 171 -5.56 14.03 1.91
CA VAL B 171 -5.39 13.34 3.18
C VAL B 171 -5.61 14.32 4.35
N TYR B 172 -5.33 15.59 4.13
CA TYR B 172 -5.51 16.61 5.16
C TYR B 172 -5.65 17.96 4.50
N LYS B 173 -6.55 18.79 5.01
CA LYS B 173 -6.80 20.12 4.46
C LYS B 173 -7.20 21.11 5.53
N ASP B 174 -6.50 22.23 5.57
CA ASP B 174 -6.87 23.36 6.44
C ASP B 174 -8.07 24.12 5.85
N PHE B 175 -9.02 24.50 6.72
CA PHE B 175 -10.25 25.17 6.33
C PHE B 175 -10.52 26.51 7.03
N SER B 176 -9.93 26.72 8.22
CA SER B 176 -10.33 27.86 9.09
C SER B 176 -9.76 29.18 8.58
N GLU B 177 -10.48 30.28 8.82
CA GLU B 177 -10.04 31.62 8.43
C GLU B 177 -8.63 31.90 8.94
N GLU B 178 -8.31 31.45 10.16
CA GLU B 178 -6.97 31.67 10.74
C GLU B 178 -5.85 31.09 9.87
N ASN B 179 -6.16 30.03 9.11
CA ASN B 179 -5.17 29.37 8.26
C ASN B 179 -5.34 29.69 6.79
N LYS B 180 -6.14 30.69 6.46
CA LYS B 180 -6.35 31.06 5.05
C LYS B 180 -5.03 31.27 4.33
N ASP B 181 -4.06 31.94 5.00
CA ASP B 181 -2.72 32.25 4.46
C ASP B 181 -1.59 31.28 4.89
N ASP B 182 -1.59 30.87 6.15
CA ASP B 182 -0.54 30.03 6.71
C ASP B 182 -0.86 28.54 6.64
N GLY B 183 -2.01 28.18 6.06
CA GLY B 183 -2.45 26.79 5.98
C GLY B 183 -1.88 26.01 4.81
N PHE B 184 -2.32 24.75 4.70
CA PHE B 184 -1.89 23.87 3.63
C PHE B 184 -2.81 22.64 3.50
N LEU B 185 -2.55 21.86 2.47
CA LEU B 185 -3.15 20.56 2.33
C LEU B 185 -2.09 19.52 1.98
N ILE B 186 -2.43 18.26 2.23
CA ILE B 186 -1.54 17.14 2.01
C ILE B 186 -2.27 16.13 1.13
N LEU B 187 -1.59 15.63 0.13
CA LEU B 187 -2.14 14.54 -0.68
C LEU B 187 -1.02 13.59 -1.10
N PRO B 188 -1.38 12.38 -1.55
CA PRO B 188 -0.36 11.39 -1.93
C PRO B 188 0.41 11.80 -3.19
N ASP B 189 1.63 11.30 -3.42
CA ASP B 189 2.20 11.52 -4.73
C ASP B 189 1.74 10.45 -5.71
N MET B 190 1.41 10.85 -6.93
CA MET B 190 0.97 9.91 -7.99
C MET B 190 2.19 9.19 -8.53
N ASN B 196 2.10 -0.42 0.04
CA ASN B 196 3.00 -0.73 1.15
C ASN B 196 3.32 0.55 1.92
N LEU B 197 3.20 0.51 3.25
CA LEU B 197 3.42 1.68 4.06
C LEU B 197 4.89 2.18 4.07
N ASP B 198 5.83 1.26 3.82
CA ASP B 198 7.23 1.63 3.64
C ASP B 198 7.40 2.63 2.50
N SER B 199 6.50 2.61 1.53
CA SER B 199 6.57 3.51 0.39
C SER B 199 5.67 4.71 0.49
N LEU B 200 5.30 5.07 1.69
CA LEU B 200 4.53 6.26 1.89
C LEU B 200 5.23 7.51 1.35
N TYR B 201 4.54 8.24 0.48
CA TYR B 201 5.09 9.43 -0.12
C TYR B 201 3.95 10.42 -0.26
N LEU B 202 4.01 11.50 0.51
CA LEU B 202 2.98 12.55 0.48
C LEU B 202 3.63 13.89 0.14
N VAL B 203 2.82 14.82 -0.32
CA VAL B 203 3.24 16.17 -0.62
C VAL B 203 2.28 17.16 0.04
N ALA B 204 2.84 18.07 0.83
CA ALA B 204 2.13 19.14 1.44
C ALA B 204 2.25 20.40 0.59
N ILE B 205 1.14 20.95 0.12
CA ILE B 205 1.13 22.14 -0.71
C ILE B 205 0.56 23.29 0.11
N VAL B 206 1.32 24.36 0.26
CA VAL B 206 0.93 25.51 1.09
C VAL B 206 0.00 26.45 0.38
N TYR B 207 -0.72 27.25 1.18
CA TYR B 207 -1.74 28.15 0.69
C TYR B 207 -1.13 29.48 0.30
N ARG B 208 0.00 29.85 0.88
CA ARG B 208 0.75 31.03 0.43
C ARG B 208 1.07 30.96 -1.03
N THR B 209 1.02 32.10 -1.71
CA THR B 209 1.23 32.19 -3.15
C THR B 209 2.51 32.97 -3.53
N ASP B 210 3.23 33.48 -2.54
CA ASP B 210 4.44 34.31 -2.77
C ASP B 210 5.76 33.53 -2.64
N ILE B 211 5.68 32.26 -2.24
CA ILE B 211 6.87 31.41 -2.17
C ILE B 211 6.92 30.45 -3.36
N LYS B 212 7.77 30.76 -4.33
CA LYS B 212 7.91 29.97 -5.54
C LYS B 212 8.99 28.90 -5.39
N THR B 213 10.05 29.19 -4.64
CA THR B 213 11.09 28.22 -4.26
C THR B 213 11.60 28.59 -2.88
N ILE B 214 12.56 27.80 -2.38
CA ILE B 214 13.20 28.11 -1.12
C ILE B 214 13.89 29.47 -1.11
N ARG B 215 14.22 29.99 -2.29
CA ARG B 215 14.84 31.29 -2.39
C ARG B 215 14.01 32.40 -1.77
N ASP B 216 12.70 32.22 -1.76
CA ASP B 216 11.78 33.23 -1.22
C ASP B 216 11.57 33.10 0.30
N LEU B 217 12.15 32.09 0.92
CA LEU B 217 12.07 31.95 2.37
C LEU B 217 13.00 32.93 3.07
N ARG B 218 12.40 33.80 3.89
CA ARG B 218 13.11 34.78 4.68
C ARG B 218 13.24 34.30 6.13
N TYR B 219 14.08 34.97 6.90
CA TYR B 219 14.22 34.70 8.31
C TYR B 219 12.87 34.75 9.03
N SER B 220 12.02 35.70 8.63
CA SER B 220 10.69 35.89 9.25
C SER B 220 9.76 34.71 8.97
N ASP B 221 10.11 33.81 8.05
CA ASP B 221 9.28 32.63 7.74
C ASP B 221 9.66 31.39 8.57
N ARG B 222 10.68 31.53 9.40
CA ARG B 222 11.22 30.40 10.12
C ARG B 222 10.20 29.73 11.05
N GLN B 223 9.50 30.52 11.84
CA GLN B 223 8.55 29.97 12.82
C GLN B 223 7.41 29.26 12.13
N TRP B 224 6.96 29.84 11.02
CA TRP B 224 5.93 29.20 10.16
C TRP B 224 6.41 27.82 9.67
N LEU B 225 7.67 27.71 9.27
CA LEU B 225 8.22 26.43 8.80
C LEU B 225 8.27 25.44 9.95
N ILE B 226 8.70 25.90 11.12
CA ILE B 226 8.74 25.05 12.30
C ILE B 226 7.31 24.52 12.56
N ASN B 227 6.32 25.40 12.48
CA ASN B 227 4.92 25.01 12.69
C ASN B 227 4.49 23.97 11.66
N LEU B 228 4.82 24.18 10.39
CA LEU B 228 4.52 23.18 9.36
C LEU B 228 5.18 21.86 9.67
N ASN B 229 6.42 21.90 10.11
CA ASN B 229 7.12 20.66 10.41
C ASN B 229 6.39 19.90 11.55
N ASN B 230 5.98 20.66 12.56
CA ASN B 230 5.29 20.10 13.72
C ASN B 230 3.89 19.57 13.36
N LYS B 231 3.14 20.33 12.57
CA LYS B 231 1.83 19.90 12.08
C LYS B 231 1.94 18.63 11.26
N ILE B 232 2.84 18.59 10.29
CA ILE B 232 3.00 17.40 9.45
C ILE B 232 3.22 16.17 10.33
N ARG B 233 4.10 16.27 11.30
CA ARG B 233 4.47 15.13 12.09
C ARG B 233 3.40 14.80 13.12
N SER B 234 2.53 15.75 13.43
CA SER B 234 1.43 15.56 14.38
C SER B 234 0.22 14.93 13.71
N ILE B 235 0.12 15.04 12.39
CA ILE B 235 -1.07 14.68 11.64
C ILE B 235 -0.88 13.40 10.86
N VAL B 236 0.23 13.31 10.12
CA VAL B 236 0.41 12.19 9.20
C VAL B 236 0.33 10.83 9.88
N PRO B 237 1.01 10.67 11.03
CA PRO B 237 0.94 9.37 11.67
C PRO B 237 -0.49 8.94 12.01
N GLY B 238 -1.31 9.87 12.46
CA GLY B 238 -2.71 9.59 12.80
C GLY B 238 -3.57 9.22 11.61
N CYS B 239 -3.24 9.73 10.44
CA CYS B 239 -3.91 9.30 9.20
C CYS B 239 -3.62 7.85 8.84
N TYR B 240 -2.56 7.26 9.37
CA TYR B 240 -2.22 5.86 9.08
C TYR B 240 -2.21 5.04 10.37
N ASN B 241 -3.10 5.42 11.28
CA ASN B 241 -3.29 4.73 12.56
C ASN B 241 -2.01 4.47 13.33
N TYR B 242 -1.09 5.43 13.25
CA TYR B 242 0.19 5.34 13.93
C TYR B 242 1.02 4.14 13.50
N ALA B 243 0.81 3.66 12.27
CA ALA B 243 1.68 2.63 11.69
C ALA B 243 3.03 3.19 11.26
N VAL B 244 3.09 4.49 11.00
CA VAL B 244 4.38 5.18 10.75
C VAL B 244 4.51 6.24 11.84
N HIS B 245 5.70 6.37 12.43
CA HIS B 245 5.88 7.26 13.55
C HIS B 245 6.32 8.64 13.08
N PRO B 246 6.17 9.65 13.94
CA PRO B 246 6.55 10.99 13.53
C PRO B 246 8.04 11.10 13.19
N ASP B 247 8.89 10.34 13.86
CA ASP B 247 10.32 10.36 13.59
C ASP B 247 10.76 9.42 12.44
N GLU B 248 9.81 8.85 11.70
CA GLU B 248 10.08 8.02 10.56
C GLU B 248 9.65 8.69 9.29
N LEU B 249 9.50 10.01 9.34
CA LEU B 249 9.18 10.74 8.12
C LEU B 249 10.40 11.59 7.69
N ARG B 250 10.86 11.41 6.45
CA ARG B 250 11.92 12.25 5.86
C ARG B 250 11.23 13.39 5.13
N ILE B 251 11.32 14.58 5.73
CA ILE B 251 10.53 15.71 5.26
C ILE B 251 11.50 16.68 4.63
N LEU B 252 11.20 17.01 3.37
CA LEU B 252 12.19 17.68 2.55
C LEU B 252 11.56 18.50 1.43
N VAL B 253 12.36 19.40 0.90
CA VAL B 253 12.01 20.18 -0.26
C VAL B 253 13.08 19.96 -1.36
N HIS B 254 12.76 20.42 -2.56
CA HIS B 254 13.63 20.31 -3.71
C HIS B 254 14.02 21.68 -4.27
N TYR B 255 15.24 21.74 -4.77
CA TYR B 255 15.74 22.90 -5.54
C TYR B 255 16.69 22.33 -6.60
N GLN B 256 16.36 22.50 -7.88
CA GLN B 256 15.12 23.13 -8.35
C GLN B 256 13.90 22.19 -8.13
N PRO B 257 12.74 22.76 -7.74
CA PRO B 257 11.50 21.99 -7.56
C PRO B 257 10.90 21.74 -8.90
N SER B 258 10.05 20.73 -8.98
CA SER B 258 9.38 20.39 -10.21
C SER B 258 8.27 21.40 -10.56
N TYR B 259 7.68 22.04 -9.55
CA TYR B 259 6.76 23.17 -9.82
C TYR B 259 7.00 24.36 -8.88
N TYR B 260 6.78 25.56 -9.41
CA TYR B 260 7.14 26.80 -8.71
C TYR B 260 5.99 27.27 -7.84
N HIS B 261 5.62 26.41 -6.88
CA HIS B 261 4.76 26.73 -5.76
C HIS B 261 5.23 25.87 -4.60
N PHE B 262 5.62 26.53 -3.52
CA PHE B 262 6.32 25.84 -2.43
C PHE B 262 5.60 24.60 -1.97
N ASN B 263 6.35 23.52 -1.81
CA ASN B 263 5.72 22.28 -1.42
C ASN B 263 6.70 21.40 -0.74
N ILE B 264 6.19 20.57 0.16
CA ILE B 264 7.03 19.79 1.04
C ILE B 264 6.74 18.32 0.85
N HIS B 265 7.81 17.55 0.68
CA HIS B 265 7.72 16.13 0.41
C HIS B 265 7.86 15.44 1.70
N ILE B 266 6.99 14.46 1.93
CA ILE B 266 6.94 13.75 3.18
C ILE B 266 7.06 12.28 2.82
N VAL B 267 8.16 11.67 3.19
CA VAL B 267 8.51 10.33 2.68
C VAL B 267 8.84 9.41 3.82
N ASN B 268 8.34 8.19 3.78
CA ASN B 268 8.77 7.21 4.75
C ASN B 268 10.29 7.14 4.73
N ILE B 269 10.89 7.24 5.91
CA ILE B 269 12.31 7.17 6.04
C ILE B 269 12.92 5.86 5.51
N LYS B 270 12.13 4.80 5.44
CA LYS B 270 12.61 3.51 4.95
C LYS B 270 12.19 3.29 3.47
N HIS B 271 11.69 4.29 2.77
CA HIS B 271 11.16 4.07 1.41
C HIS B 271 12.26 3.40 0.54
N PRO B 272 12.00 2.20 0.00
CA PRO B 272 13.01 1.47 -0.76
C PRO B 272 13.09 1.85 -2.24
N GLY B 273 12.13 2.61 -2.73
CA GLY B 273 12.03 2.93 -4.15
C GLY B 273 12.95 4.00 -4.74
N LEU B 274 13.48 4.88 -3.90
CA LEU B 274 13.88 6.21 -4.36
C LEU B 274 15.36 6.38 -4.67
N GLY B 275 15.65 7.26 -5.62
CA GLY B 275 17.03 7.63 -5.90
C GLY B 275 17.27 9.12 -5.81
N ASN B 276 17.09 9.81 -6.93
CA ASN B 276 17.36 11.26 -7.00
C ASN B 276 16.47 12.18 -6.15
N SER B 277 15.23 11.76 -5.92
CA SER B 277 14.24 12.56 -5.19
C SER B 277 14.60 12.81 -3.71
N ILE B 278 15.48 11.98 -3.16
CA ILE B 278 15.93 12.17 -1.78
C ILE B 278 17.44 12.48 -1.73
N ALA B 279 18.06 12.71 -2.88
CA ALA B 279 19.53 12.83 -2.93
C ALA B 279 20.08 14.22 -2.55
N ALA B 280 21.16 14.25 -1.78
CA ALA B 280 21.94 15.49 -1.61
C ALA B 280 22.29 16.04 -2.99
N GLY B 281 22.06 17.32 -3.19
CA GLY B 281 22.14 17.93 -4.51
C GLY B 281 20.78 18.23 -5.12
N LYS B 282 19.73 17.79 -4.45
CA LYS B 282 18.37 18.00 -4.94
C LYS B 282 17.44 18.21 -3.75
N ALA B 283 17.40 17.23 -2.86
CA ALA B 283 16.57 17.28 -1.69
C ALA B 283 17.31 17.99 -0.60
N ILE B 284 16.59 18.82 0.14
CA ILE B 284 17.10 19.44 1.34
C ILE B 284 16.07 19.17 2.45
N LEU B 285 16.53 18.63 3.58
CA LEU B 285 15.67 18.45 4.74
C LEU B 285 15.09 19.77 5.23
N LEU B 286 13.79 19.73 5.55
CA LEU B 286 13.10 20.88 6.09
C LEU B 286 13.80 21.38 7.35
N GLU B 287 14.22 20.47 8.21
CA GLU B 287 14.91 20.85 9.43
C GLU B 287 16.18 21.66 9.10
N ASP B 288 16.85 21.30 8.00
CA ASP B 288 18.04 22.02 7.57
C ASP B 288 17.71 23.40 7.04
N ILE B 289 16.61 23.52 6.31
CA ILE B 289 16.13 24.83 5.87
C ILE B 289 15.92 25.71 7.10
N ILE B 290 15.23 25.17 8.09
CA ILE B 290 14.91 25.86 9.35
C ILE B 290 16.17 26.33 10.08
N GLU B 291 17.12 25.42 10.22
CA GLU B 291 18.35 25.68 10.98
C GLU B 291 19.21 26.71 10.25
N MET B 292 19.26 26.64 8.93
CA MET B 292 20.09 27.57 8.17
C MET B 292 19.54 29.01 8.25
N LEU B 293 18.24 29.16 8.41
CA LEU B 293 17.63 30.50 8.48
C LEU B 293 18.03 31.31 9.72
N ASN B 294 18.51 30.62 10.76
CA ASN B 294 19.17 31.30 11.87
C ASN B 294 20.40 32.10 11.50
N TYR B 295 21.08 31.72 10.41
CA TYR B 295 22.40 32.27 10.08
C TYR B 295 22.47 33.15 8.83
N LEU B 296 21.49 33.03 7.94
CA LEU B 296 21.52 33.75 6.66
C LEU B 296 21.07 35.19 6.66
N GLY B 297 20.62 35.70 7.79
CA GLY B 297 20.20 37.09 7.84
C GLY B 297 18.81 37.30 7.26
N PRO B 298 18.33 38.56 7.24
CA PRO B 298 16.93 38.80 6.91
C PRO B 298 16.39 38.21 5.61
N GLU B 299 17.15 38.25 4.53
CA GLU B 299 16.64 37.83 3.22
C GLU B 299 16.69 36.30 3.05
N GLY B 300 17.28 35.61 4.03
CA GLY B 300 17.24 34.17 4.07
C GLY B 300 18.03 33.51 2.94
N TYR B 301 17.39 32.57 2.24
CA TYR B 301 18.02 31.81 1.15
C TYR B 301 18.36 32.63 -0.09
N MET B 302 17.90 33.88 -0.15
CA MET B 302 18.39 34.81 -1.17
C MET B 302 19.88 35.01 -1.06
N ASN B 303 20.42 34.88 0.14
CA ASN B 303 21.84 35.10 0.39
C ASN B 303 22.70 33.85 0.30
N LYS B 304 22.10 32.72 -0.02
CA LYS B 304 22.80 31.46 0.03
C LYS B 304 23.36 31.11 -1.34
N THR B 305 24.55 30.55 -1.34
CA THR B 305 25.05 29.91 -2.57
C THR B 305 24.64 28.46 -2.49
N ILE B 306 23.82 28.05 -3.45
CA ILE B 306 23.23 26.71 -3.43
C ILE B 306 23.82 25.84 -4.55
N THR B 307 24.45 24.74 -4.15
CA THR B 307 25.00 23.79 -5.08
C THR B 307 24.01 22.65 -5.29
N TYR B 308 23.61 22.42 -6.54
CA TYR B 308 22.62 21.39 -6.81
C TYR B 308 22.74 20.83 -8.20
N ALA B 309 22.05 19.72 -8.40
CA ALA B 309 22.06 19.03 -9.66
C ALA B 309 20.94 19.59 -10.53
N ILE B 310 21.28 20.08 -11.72
CA ILE B 310 20.29 20.63 -12.62
C ILE B 310 20.29 19.69 -13.81
N GLY B 311 19.10 19.45 -14.34
CA GLY B 311 18.93 18.55 -15.46
C GLY B 311 19.13 19.28 -16.77
N GLU B 312 19.64 18.56 -17.76
CA GLU B 312 19.89 19.12 -19.08
C GLU B 312 18.64 19.59 -19.80
N ASN B 313 17.49 18.97 -19.53
CA ASN B 313 16.23 19.34 -20.17
C ASN B 313 15.61 20.61 -19.59
N HIS B 314 16.10 21.02 -18.44
CA HIS B 314 15.57 22.18 -17.76
C HIS B 314 15.90 23.46 -18.56
N ASP B 315 14.93 24.36 -18.65
CA ASP B 315 15.07 25.60 -19.41
C ASP B 315 16.24 26.48 -18.92
N LEU B 316 16.50 26.44 -17.62
CA LEU B 316 17.57 27.23 -17.02
C LEU B 316 18.99 26.84 -17.48
N TRP B 317 19.15 25.60 -17.93
CA TRP B 317 20.45 25.10 -18.37
C TRP B 317 20.96 26.01 -19.51
N LYS B 318 20.19 26.11 -20.59
CA LYS B 318 20.54 26.95 -21.73
C LYS B 318 20.29 28.45 -21.52
N ARG B 319 19.57 28.83 -20.47
CA ARG B 319 19.29 30.25 -20.17
C ARG B 319 20.42 30.91 -19.37
N GLY B 320 21.46 30.16 -19.02
CA GLY B 320 22.63 30.78 -18.38
C GLY B 320 23.42 29.93 -17.40
N LEU B 321 22.84 28.83 -16.91
CA LEU B 321 23.57 27.99 -15.96
C LEU B 321 24.75 27.24 -16.59
N GLU B 322 24.58 26.76 -17.81
CA GLU B 322 25.66 26.10 -18.51
C GLU B 322 26.85 27.04 -18.67
N GLU B 323 26.60 28.22 -19.25
CA GLU B 323 27.64 29.20 -19.50
C GLU B 323 28.32 29.59 -18.18
N GLU B 324 27.57 29.71 -17.10
CA GLU B 324 28.15 30.14 -15.82
C GLU B 324 28.98 29.06 -15.17
N LEU B 325 28.58 27.81 -15.34
CA LEU B 325 29.35 26.68 -14.82
C LEU B 325 30.73 26.57 -15.49
N THR B 326 30.79 26.80 -16.79
CA THR B 326 32.06 26.68 -17.49
C THR B 326 32.99 27.77 -16.94
N LYS B 327 32.50 29.00 -16.74
CA LYS B 327 33.31 30.06 -16.16
C LYS B 327 33.77 29.77 -14.73
N GLN B 328 32.91 29.16 -13.93
CA GLN B 328 33.26 28.76 -12.57
C GLN B 328 34.41 27.74 -12.58
N LEU B 329 34.34 26.78 -13.50
CA LEU B 329 35.39 25.74 -13.61
C LEU B 329 36.74 26.36 -13.98
N GLU B 330 36.72 27.31 -14.90
CA GLU B 330 37.91 28.07 -15.23
C GLU B 330 38.46 28.78 -14.01
N ARG B 331 37.61 29.47 -13.25
CA ARG B 331 38.06 30.20 -12.08
C ARG B 331 38.65 29.28 -11.03
N ASP B 332 38.11 28.09 -10.92
CA ASP B 332 38.62 27.12 -9.95
C ASP B 332 39.86 26.36 -10.50
N GLY B 333 40.23 26.59 -11.76
CA GLY B 333 41.41 25.94 -12.34
C GLY B 333 41.20 24.46 -12.64
N ILE B 334 39.94 24.12 -12.96
CA ILE B 334 39.54 22.73 -13.25
C ILE B 334 39.56 22.49 -14.75
N PRO B 335 40.20 21.37 -15.17
CA PRO B 335 40.22 21.00 -16.57
C PRO B 335 38.84 20.50 -17.03
N LYS B 336 38.47 20.93 -18.23
CA LYS B 336 37.19 20.62 -18.83
C LYS B 336 37.38 20.53 -20.33
N ILE B 337 36.45 19.83 -20.98
CA ILE B 337 36.31 19.85 -22.43
C ILE B 337 35.67 21.17 -22.92
N PRO B 338 36.30 21.88 -23.90
CA PRO B 338 35.69 23.13 -24.40
C PRO B 338 34.39 22.92 -25.19
N LYS B 339 33.56 23.97 -25.29
CA LYS B 339 32.43 24.01 -26.23
C LYS B 339 32.81 23.87 -27.72
N GLY C 1 -23.33 -19.73 34.69
CA GLY C 1 -24.07 -20.64 33.76
C GLY C 1 -23.16 -21.41 32.81
N MET C 2 -23.77 -22.20 31.93
CA MET C 2 -23.02 -23.05 30.98
C MET C 2 -21.99 -22.25 30.15
N PHE C 3 -22.48 -21.26 29.40
CA PHE C 3 -21.68 -20.40 28.57
C PHE C 3 -20.54 -19.75 29.34
N ALA C 4 -20.89 -19.04 30.41
CA ALA C 4 -19.87 -18.37 31.23
C ALA C 4 -18.80 -19.35 31.71
N SER C 5 -19.27 -20.48 32.23
CA SER C 5 -18.40 -21.51 32.78
C SER C 5 -17.39 -22.01 31.73
N LEU C 6 -17.85 -22.21 30.50
CA LEU C 6 -17.00 -22.72 29.45
C LEU C 6 -15.95 -21.70 29.03
N ILE C 7 -16.35 -20.43 28.98
CA ILE C 7 -15.44 -19.36 28.63
C ILE C 7 -14.32 -19.25 29.67
N LYS C 8 -14.68 -19.45 30.94
CA LYS C 8 -13.71 -19.37 32.06
C LYS C 8 -12.65 -20.47 31.99
N ARG C 9 -13.03 -21.65 31.49
CA ARG C 9 -12.11 -22.78 31.35
C ARG C 9 -11.27 -22.75 30.09
N PHE C 10 -11.58 -21.86 29.16
CA PHE C 10 -10.84 -21.75 27.89
C PHE C 10 -9.37 -21.47 28.12
N GLN C 11 -8.51 -22.38 27.63
CA GLN C 11 -7.05 -22.18 27.66
C GLN C 11 -6.54 -21.77 26.27
N PHE C 12 -6.05 -20.54 26.17
CA PHE C 12 -5.59 -19.97 24.89
C PHE C 12 -4.45 -20.76 24.28
N VAL C 13 -4.54 -21.00 22.97
CA VAL C 13 -3.45 -21.62 22.22
C VAL C 13 -2.88 -20.62 21.22
N SER C 14 -3.70 -20.07 20.35
CA SER C 14 -3.22 -19.12 19.34
C SER C 14 -4.33 -18.26 18.78
N VAL C 15 -3.93 -17.17 18.14
CA VAL C 15 -4.86 -16.30 17.47
C VAL C 15 -5.06 -16.79 16.05
N LEU C 16 -6.32 -17.06 15.70
CA LEU C 16 -6.63 -17.54 14.35
C LEU C 16 -6.73 -16.41 13.35
N ASP C 17 -7.29 -15.28 13.76
CA ASP C 17 -7.55 -14.18 12.84
C ASP C 17 -7.81 -12.93 13.65
N SER C 18 -7.46 -11.79 13.07
CA SER C 18 -7.72 -10.49 13.66
C SER C 18 -8.05 -9.53 12.54
N ASN C 19 -9.19 -8.85 12.67
CA ASN C 19 -9.66 -7.91 11.66
C ASN C 19 -10.00 -6.57 12.30
N PRO C 20 -9.08 -5.60 12.19
CA PRO C 20 -9.29 -4.28 12.80
C PRO C 20 -10.32 -3.40 12.08
N GLN C 21 -10.63 -3.70 10.82
CA GLN C 21 -11.70 -3.03 10.11
C GLN C 21 -13.07 -3.35 10.76
N THR C 22 -13.35 -4.64 11.01
CA THR C 22 -14.65 -5.08 11.54
C THR C 22 -14.65 -5.30 13.06
N LYS C 23 -13.49 -5.20 13.68
CA LYS C 23 -13.35 -5.40 15.13
C LYS C 23 -13.76 -6.79 15.53
N VAL C 24 -13.27 -7.76 14.76
CA VAL C 24 -13.49 -9.16 15.01
C VAL C 24 -12.14 -9.88 15.22
N MET C 25 -12.16 -10.82 16.15
CA MET C 25 -10.97 -11.59 16.54
C MET C 25 -11.41 -13.03 16.79
N SER C 26 -10.67 -14.01 16.27
CA SER C 26 -10.93 -15.43 16.58
C SER C 26 -9.70 -16.04 17.24
N LEU C 27 -9.95 -16.81 18.28
CA LEU C 27 -8.91 -17.46 19.08
C LEU C 27 -9.11 -18.97 19.09
N LEU C 28 -8.02 -19.70 18.91
CA LEU C 28 -8.02 -21.13 19.11
C LEU C 28 -7.58 -21.39 20.53
N GLY C 29 -8.16 -22.42 21.16
CA GLY C 29 -7.77 -22.83 22.49
C GLY C 29 -8.27 -24.23 22.79
N THR C 30 -8.26 -24.60 24.06
CA THR C 30 -8.84 -25.86 24.49
C THR C 30 -9.74 -25.67 25.70
N ILE C 31 -10.74 -26.55 25.79
CA ILE C 31 -11.57 -26.74 26.97
C ILE C 31 -11.61 -28.24 27.22
N ASP C 32 -11.25 -28.66 28.44
CA ASP C 32 -11.12 -30.07 28.79
C ASP C 32 -10.36 -30.88 27.74
N ASN C 33 -9.22 -30.37 27.31
CA ASN C 33 -8.38 -31.08 26.35
C ASN C 33 -9.07 -31.38 25.01
N LYS C 34 -10.09 -30.58 24.66
CA LYS C 34 -10.64 -30.60 23.32
C LYS C 34 -10.56 -29.19 22.72
N ASP C 35 -10.29 -29.14 21.41
CA ASP C 35 -10.16 -27.86 20.71
C ASP C 35 -11.42 -26.99 20.85
N ALA C 36 -11.21 -25.68 20.96
CA ALA C 36 -12.27 -24.71 21.06
C ALA C 36 -11.91 -23.47 20.27
N ILE C 37 -12.91 -22.84 19.66
CA ILE C 37 -12.76 -21.57 18.99
C ILE C 37 -13.65 -20.50 19.60
N ILE C 38 -13.07 -19.37 19.98
CA ILE C 38 -13.85 -18.24 20.41
C ILE C 38 -13.69 -17.12 19.40
N THR C 39 -14.82 -16.58 18.97
CA THR C 39 -14.82 -15.43 18.08
C THR C 39 -15.49 -14.30 18.84
N ALA C 40 -14.85 -13.15 18.84
CA ALA C 40 -15.31 -12.00 19.55
C ALA C 40 -15.47 -10.84 18.58
N GLU C 41 -16.50 -10.04 18.79
CA GLU C 41 -16.81 -8.90 17.95
C GLU C 41 -17.30 -7.76 18.83
N LYS C 42 -16.68 -6.60 18.69
CA LYS C 42 -17.13 -5.43 19.45
C LYS C 42 -18.54 -5.10 19.03
N THR C 43 -19.36 -4.64 19.96
CA THR C 43 -20.70 -4.19 19.62
C THR C 43 -20.67 -2.87 18.89
N HIS C 44 -21.73 -2.61 18.14
CA HIS C 44 -21.96 -1.32 17.52
C HIS C 44 -22.50 -0.32 18.55
N PHE C 45 -22.45 0.98 18.21
CA PHE C 45 -23.11 2.03 19.02
C PHE C 45 -24.61 1.86 18.99
N LEU C 46 -25.30 2.51 19.92
CA LEU C 46 -26.74 2.32 20.13
C LEU C 46 -27.52 3.60 19.91
N PHE C 47 -28.81 3.46 19.58
CA PHE C 47 -29.70 4.60 19.40
C PHE C 47 -30.95 4.38 20.25
N ASP C 48 -31.77 5.43 20.45
CA ASP C 48 -32.96 5.28 21.27
C ASP C 48 -33.89 4.19 20.71
N GLU C 49 -34.42 3.37 21.63
CA GLU C 49 -35.61 2.53 21.41
C GLU C 49 -36.84 3.38 21.72
N THR C 50 -37.38 4.04 20.70
CA THR C 50 -38.46 5.04 20.84
C THR C 50 -39.49 4.96 19.69
N VAL C 51 -40.72 5.38 19.98
CA VAL C 51 -41.84 5.33 19.04
C VAL C 51 -42.50 6.72 18.93
N ARG C 52 -42.88 7.13 17.72
CA ARG C 52 -43.39 8.48 17.41
C ARG C 52 -44.81 8.75 17.92
N ASP C 57 -54.18 5.58 13.89
CA ASP C 57 -54.93 4.33 13.74
C ASP C 57 -54.29 3.12 14.52
N GLY C 58 -53.75 3.53 15.68
CA GLY C 58 -53.24 2.60 16.66
C GLY C 58 -51.99 1.88 16.27
N ARG C 59 -51.34 2.30 15.17
CA ARG C 59 -50.07 1.72 14.72
C ARG C 59 -48.94 2.70 15.08
N SER C 60 -47.85 2.16 15.63
CA SER C 60 -46.77 2.98 16.19
C SER C 60 -45.48 2.97 15.36
N THR C 61 -45.11 4.14 14.84
CA THR C 61 -43.87 4.29 14.03
C THR C 61 -42.63 4.48 14.92
N PRO C 62 -41.52 3.75 14.67
CA PRO C 62 -40.26 4.01 15.41
C PRO C 62 -39.46 5.29 14.98
N VAL C 63 -39.10 6.12 15.95
CA VAL C 63 -38.08 7.18 15.78
C VAL C 63 -36.75 6.46 15.88
N LEU C 64 -36.08 6.29 14.76
CA LEU C 64 -34.97 5.32 14.70
C LEU C 64 -33.58 5.76 15.18
N TYR C 65 -33.22 7.02 14.97
CA TYR C 65 -31.83 7.47 15.06
C TYR C 65 -31.78 8.71 15.96
N ASN C 66 -32.22 8.48 17.19
CA ASN C 66 -32.25 9.53 18.19
C ASN C 66 -31.31 9.20 19.34
N CYS C 67 -30.91 10.25 20.07
CA CYS C 67 -29.85 10.21 21.08
C CYS C 67 -30.20 10.86 22.41
N GLU C 68 -31.42 10.62 22.90
CA GLU C 68 -31.88 11.16 24.19
C GLU C 68 -31.52 10.26 25.37
N ASN C 69 -31.49 8.95 25.16
CA ASN C 69 -31.40 7.99 26.26
C ASN C 69 -29.98 7.79 26.81
N GLU C 70 -29.93 7.31 28.04
CA GLU C 70 -28.71 7.15 28.82
C GLU C 70 -27.52 6.55 28.04
N TYR C 71 -27.75 5.45 27.31
CA TYR C 71 -26.68 4.71 26.65
C TYR C 71 -26.59 4.96 25.14
N SER C 72 -27.49 5.80 24.62
CA SER C 72 -27.53 6.06 23.19
C SER C 72 -26.36 6.95 22.75
N CYS C 73 -25.88 6.69 21.54
CA CYS C 73 -24.93 7.56 20.85
C CYS C 73 -23.69 7.75 21.72
N ILE C 74 -23.38 8.98 22.13
CA ILE C 74 -22.19 9.24 22.95
C ILE C 74 -22.55 9.72 24.34
N ASN C 75 -23.75 9.42 24.80
CA ASN C 75 -24.19 9.85 26.12
C ASN C 75 -23.51 9.14 27.30
N GLY C 76 -22.99 7.94 27.07
CA GLY C 76 -22.33 7.17 28.13
C GLY C 76 -20.84 7.48 28.34
N ILE C 77 -20.32 8.49 27.67
CA ILE C 77 -18.93 8.89 27.83
C ILE C 77 -18.65 9.27 29.28
N GLN C 78 -17.70 8.58 29.89
CA GLN C 78 -17.23 8.92 31.23
C GLN C 78 -15.94 9.74 31.21
N GLU C 79 -15.16 9.60 30.14
CA GLU C 79 -13.80 10.12 30.10
C GLU C 79 -13.37 10.39 28.68
N LEU C 80 -12.77 11.55 28.47
CA LEU C 80 -12.26 11.97 27.16
C LEU C 80 -10.79 12.34 27.29
N LYS C 81 -10.04 12.12 26.22
CA LYS C 81 -8.63 12.52 26.18
C LYS C 81 -8.32 12.94 24.77
N GLU C 82 -7.85 14.17 24.57
CA GLU C 82 -7.38 14.63 23.27
C GLU C 82 -6.04 13.98 22.92
N ILE C 83 -5.92 13.52 21.68
CA ILE C 83 -4.64 13.06 21.14
C ILE C 83 -3.92 14.28 20.59
N THR C 84 -4.54 14.94 19.62
CA THR C 84 -4.04 16.23 19.16
C THR C 84 -5.13 16.94 18.39
N SER C 85 -4.82 18.13 17.90
CA SER C 85 -5.82 18.93 17.22
C SER C 85 -5.15 19.96 16.35
N ASN C 86 -5.89 20.45 15.38
CA ASN C 86 -5.41 21.50 14.50
C ASN C 86 -6.50 21.99 13.59
N ASP C 87 -6.51 23.29 13.36
CA ASP C 87 -7.47 23.91 12.47
C ASP C 87 -8.88 23.54 13.01
N ILE C 88 -9.74 22.95 12.20
CA ILE C 88 -11.10 22.60 12.61
C ILE C 88 -11.21 21.16 13.14
N TYR C 89 -10.09 20.46 13.27
CA TYR C 89 -10.10 19.06 13.61
C TYR C 89 -9.62 18.81 15.01
N TYR C 90 -10.32 17.92 15.72
CA TYR C 90 -9.86 17.41 17.01
C TYR C 90 -9.95 15.88 16.97
N TRP C 91 -8.89 15.21 17.41
CA TRP C 91 -8.83 13.77 17.44
C TRP C 91 -8.57 13.33 18.86
N GLY C 92 -9.38 12.39 19.38
CA GLY C 92 -9.16 11.90 20.74
C GLY C 92 -9.71 10.52 20.99
N LEU C 93 -9.73 10.14 22.26
CA LEU C 93 -10.19 8.85 22.70
C LEU C 93 -11.24 9.02 23.80
N SER C 94 -12.02 7.98 24.01
CA SER C 94 -13.06 8.04 25.02
C SER C 94 -13.21 6.72 25.74
N VAL C 95 -13.60 6.81 27.02
CA VAL C 95 -14.07 5.69 27.78
C VAL C 95 -15.57 5.88 27.97
N ILE C 96 -16.34 4.84 27.72
CA ILE C 96 -17.78 4.87 27.75
C ILE C 96 -18.25 3.82 28.74
N LYS C 97 -19.31 4.16 29.47
CA LYS C 97 -19.86 3.27 30.49
C LYS C 97 -20.42 2.00 29.86
N GLN C 98 -19.96 0.86 30.36
CA GLN C 98 -20.44 -0.44 29.92
C GLN C 98 -21.54 -0.95 30.87
N ASP C 99 -22.37 -1.89 30.41
CA ASP C 99 -23.47 -2.44 31.21
C ASP C 99 -24.02 -3.67 30.51
N MET C 100 -24.18 -4.77 31.24
CA MET C 100 -24.54 -6.02 30.57
C MET C 100 -25.86 -5.92 29.83
N GLU C 101 -26.85 -5.31 30.47
CA GLU C 101 -28.18 -5.21 29.89
C GLU C 101 -28.33 -4.17 28.80
N SER C 102 -27.76 -2.99 29.01
CA SER C 102 -28.00 -1.88 28.11
C SER C 102 -26.83 -1.48 27.21
N ASN C 103 -25.61 -1.91 27.51
CA ASN C 103 -24.47 -1.59 26.65
C ASN C 103 -23.31 -2.56 26.85
N PRO C 104 -23.49 -3.82 26.44
CA PRO C 104 -22.39 -4.78 26.52
C PRO C 104 -21.21 -4.41 25.61
N THR C 105 -20.03 -4.95 25.91
CA THR C 105 -18.81 -4.54 25.20
C THR C 105 -18.58 -5.32 23.92
N ALA C 106 -18.84 -6.62 23.96
CA ALA C 106 -18.59 -7.51 22.82
C ALA C 106 -19.42 -8.79 22.83
N LYS C 107 -19.78 -9.22 21.63
CA LYS C 107 -20.42 -10.49 21.43
C LYS C 107 -19.35 -11.57 21.40
N LEU C 108 -19.59 -12.71 22.01
CA LEU C 108 -18.68 -13.84 21.91
C LEU C 108 -19.39 -15.06 21.39
N ASN C 109 -18.77 -15.75 20.44
CA ASN C 109 -19.20 -17.07 20.04
C ASN C 109 -18.20 -18.09 20.49
N LEU C 110 -18.68 -19.28 20.79
CA LEU C 110 -17.84 -20.38 21.17
C LEU C 110 -18.22 -21.55 20.34
N ILE C 111 -17.22 -22.20 19.75
CA ILE C 111 -17.40 -23.49 19.11
C ILE C 111 -16.60 -24.49 19.91
N TRP C 112 -17.28 -25.49 20.48
CA TRP C 112 -16.60 -26.50 21.29
C TRP C 112 -17.50 -27.73 21.48
N PRO C 113 -17.01 -28.93 21.21
CA PRO C 113 -15.68 -29.18 20.64
C PRO C 113 -15.61 -28.80 19.16
N ALA C 114 -14.55 -28.07 18.79
CA ALA C 114 -14.33 -27.65 17.42
C ALA C 114 -13.64 -28.77 16.63
N THR C 115 -14.08 -28.96 15.39
CA THR C 115 -13.53 -29.95 14.51
C THR C 115 -12.47 -29.30 13.63
N PRO C 116 -11.63 -30.12 12.97
CA PRO C 116 -10.60 -29.56 12.07
C PRO C 116 -11.21 -28.66 11.00
N ILE C 117 -12.39 -29.04 10.50
CA ILE C 117 -13.12 -28.23 9.52
C ILE C 117 -13.42 -26.80 10.05
N HIS C 118 -13.76 -26.69 11.33
CA HIS C 118 -14.02 -25.38 11.92
C HIS C 118 -12.73 -24.56 12.02
N ILE C 119 -11.65 -25.21 12.42
CA ILE C 119 -10.36 -24.53 12.57
C ILE C 119 -9.88 -24.05 11.21
N LYS C 120 -9.94 -24.93 10.21
CA LYS C 120 -9.60 -24.59 8.84
C LYS C 120 -10.42 -23.41 8.31
N LYS C 121 -11.68 -23.34 8.69
CA LYS C 121 -12.54 -22.22 8.29
C LYS C 121 -12.09 -20.90 8.92
N TYR C 122 -11.71 -20.92 10.19
CA TYR C 122 -11.39 -19.65 10.85
C TYR C 122 -9.95 -19.19 10.71
N GLU C 123 -9.02 -20.09 10.36
CA GLU C 123 -7.64 -19.70 10.13
C GLU C 123 -7.52 -18.82 8.90
N GLN C 124 -6.56 -17.91 8.96
CA GLN C 124 -6.17 -17.15 7.79
C GLN C 124 -5.67 -18.03 6.67
N GLN C 125 -6.10 -17.73 5.47
CA GLN C 125 -5.84 -18.57 4.32
C GLN C 125 -5.94 -17.73 3.05
N ASN C 126 -5.42 -18.26 1.95
CA ASN C 126 -5.67 -17.65 0.65
C ASN C 126 -7.06 -17.99 0.12
N PHE C 127 -7.62 -17.11 -0.70
CA PHE C 127 -8.90 -17.36 -1.38
C PHE C 127 -8.73 -17.35 -2.89
N HIS C 128 -9.60 -18.11 -3.56
CA HIS C 128 -9.52 -18.29 -5.00
C HIS C 128 -10.90 -18.16 -5.63
N LEU C 129 -11.01 -17.37 -6.68
CA LEU C 129 -12.21 -17.32 -7.50
C LEU C 129 -12.23 -18.53 -8.44
N VAL C 130 -13.20 -19.41 -8.22
CA VAL C 130 -13.34 -20.63 -8.98
C VAL C 130 -14.54 -20.53 -9.90
N ARG C 131 -14.46 -21.21 -11.04
CA ARG C 131 -15.57 -21.29 -11.96
C ARG C 131 -16.01 -22.77 -12.02
N GLU C 132 -17.16 -23.05 -11.42
CA GLU C 132 -17.61 -24.43 -11.24
C GLU C 132 -18.69 -24.81 -12.25
N THR C 133 -18.29 -25.64 -13.21
CA THR C 133 -19.18 -26.12 -14.25
C THR C 133 -20.07 -27.23 -13.73
N PRO C 134 -21.15 -27.56 -14.44
CA PRO C 134 -21.94 -28.73 -14.12
C PRO C 134 -21.11 -30.02 -13.94
N GLU C 135 -20.18 -30.30 -14.86
CA GLU C 135 -19.36 -31.51 -14.78
C GLU C 135 -18.50 -31.52 -13.51
N MET C 136 -17.95 -30.36 -13.16
CA MET C 136 -17.19 -30.22 -11.93
C MET C 136 -18.03 -30.52 -10.71
N TYR C 137 -19.24 -29.98 -10.67
CA TYR C 137 -20.14 -30.28 -9.58
C TYR C 137 -20.35 -31.78 -9.45
N LYS C 138 -20.70 -32.44 -10.56
CA LYS C 138 -20.98 -33.88 -10.54
C LYS C 138 -19.79 -34.71 -10.12
N ARG C 139 -18.61 -34.37 -10.63
CA ARG C 139 -17.43 -35.18 -10.37
C ARG C 139 -16.77 -34.90 -9.01
N ILE C 140 -16.73 -33.63 -8.62
CA ILE C 140 -15.96 -33.22 -7.44
C ILE C 140 -16.82 -32.91 -6.22
N VAL C 141 -17.88 -32.14 -6.40
CA VAL C 141 -18.62 -31.58 -5.27
C VAL C 141 -19.69 -32.54 -4.74
N GLN C 142 -20.49 -33.08 -5.66
CA GLN C 142 -21.62 -33.95 -5.30
C GLN C 142 -21.19 -35.13 -4.40
N PRO C 143 -20.11 -35.84 -4.76
CA PRO C 143 -19.68 -36.93 -3.87
C PRO C 143 -19.27 -36.45 -2.46
N TYR C 144 -18.70 -35.25 -2.38
CA TYR C 144 -18.33 -34.67 -1.10
C TYR C 144 -19.55 -34.35 -0.22
N ILE C 145 -20.60 -33.86 -0.86
CA ILE C 145 -21.84 -33.50 -0.16
C ILE C 145 -22.43 -34.75 0.50
N GLU C 146 -22.45 -35.85 -0.25
CA GLU C 146 -23.02 -37.10 0.24
C GLU C 146 -22.29 -37.57 1.50
N GLU C 147 -20.96 -37.47 1.48
CA GLU C 147 -20.12 -37.54 2.68
C GLU C 147 -20.30 -36.27 3.51
N GLY C 152 -23.89 -35.30 12.26
CA GLY C 152 -23.00 -34.74 13.26
C GLY C 152 -22.77 -33.27 12.97
N ARG C 153 -22.44 -33.01 11.71
CA ARG C 153 -22.21 -31.63 11.28
C ARG C 153 -23.50 -30.80 11.16
N LEU C 154 -24.65 -31.44 10.98
CA LEU C 154 -25.93 -30.75 10.88
C LEU C 154 -26.77 -30.92 12.14
N LYS C 155 -26.15 -31.41 13.22
CA LYS C 155 -26.85 -31.63 14.48
C LYS C 155 -27.59 -30.36 14.97
N TRP C 156 -27.01 -29.20 14.73
CA TRP C 156 -27.60 -27.95 15.16
C TRP C 156 -28.88 -27.60 14.40
N VAL C 157 -28.95 -27.96 13.12
CA VAL C 157 -30.10 -27.70 12.31
C VAL C 157 -31.26 -28.58 12.79
N ASN C 158 -31.01 -29.87 12.96
CA ASN C 158 -32.05 -30.78 13.44
C ASN C 158 -32.50 -30.44 14.86
N ASN C 159 -31.56 -29.94 15.67
CA ASN C 159 -31.88 -29.50 17.01
C ASN C 159 -32.92 -28.41 16.99
N ILE C 160 -32.75 -27.45 16.09
CA ILE C 160 -33.73 -26.39 15.96
C ILE C 160 -35.06 -26.96 15.44
N LEU C 161 -34.97 -27.78 14.39
CA LEU C 161 -36.17 -28.27 13.72
C LEU C 161 -37.02 -29.22 14.57
N TYR C 162 -36.37 -30.17 15.27
CA TYR C 162 -37.07 -31.26 15.94
C TYR C 162 -36.82 -31.39 17.45
N GLU C 163 -35.89 -30.63 18.03
CA GLU C 163 -35.57 -30.78 19.47
C GLU C 163 -35.76 -29.51 20.29
N GLY C 164 -36.40 -28.49 19.73
CA GLY C 164 -36.70 -27.27 20.48
C GLY C 164 -35.54 -26.31 20.77
N ALA C 165 -34.38 -26.53 20.15
CA ALA C 165 -33.21 -25.67 20.40
C ALA C 165 -33.49 -24.28 19.90
N GLU C 166 -33.16 -23.29 20.72
CA GLU C 166 -33.46 -21.89 20.41
C GLU C 166 -34.97 -21.56 20.24
N SER C 167 -35.87 -22.41 20.73
CA SER C 167 -37.31 -22.21 20.50
C SER C 167 -37.82 -20.86 21.02
N GLU C 168 -37.24 -20.40 22.13
CA GLU C 168 -37.62 -19.11 22.72
C GLU C 168 -37.38 -17.94 21.76
N ARG C 169 -36.48 -18.12 20.79
CA ARG C 169 -36.12 -17.01 19.92
C ARG C 169 -36.80 -17.05 18.57
N VAL C 170 -37.45 -18.17 18.26
CA VAL C 170 -38.03 -18.38 16.94
C VAL C 170 -39.02 -17.27 16.72
N VAL C 171 -39.00 -16.68 15.53
CA VAL C 171 -39.95 -15.61 15.23
C VAL C 171 -41.07 -16.08 14.33
N TYR C 172 -40.88 -17.20 13.63
CA TYR C 172 -41.93 -17.73 12.79
C TYR C 172 -41.69 -19.19 12.56
N LYS C 173 -42.79 -19.95 12.60
CA LYS C 173 -42.72 -21.38 12.45
C LYS C 173 -43.98 -21.89 11.76
N ASP C 174 -43.75 -22.53 10.62
CA ASP C 174 -44.80 -22.98 9.71
C ASP C 174 -44.58 -24.46 9.45
N PHE C 175 -45.24 -25.29 10.25
CA PHE C 175 -45.01 -26.73 10.24
C PHE C 175 -46.24 -27.52 10.65
N SER C 176 -46.76 -28.34 9.74
CA SER C 176 -47.71 -29.40 10.08
C SER C 176 -47.05 -30.80 9.98
N GLU C 177 -47.14 -31.59 11.05
CA GLU C 177 -46.45 -32.90 11.12
C GLU C 177 -46.78 -33.79 9.93
N GLU C 178 -48.03 -33.74 9.48
CA GLU C 178 -48.48 -34.47 8.29
C GLU C 178 -47.73 -34.05 7.02
N ASN C 179 -47.34 -32.78 6.93
CA ASN C 179 -46.75 -32.23 5.70
C ASN C 179 -45.33 -31.65 5.76
N LYS C 180 -44.49 -32.26 6.59
CA LYS C 180 -43.04 -31.90 6.70
C LYS C 180 -42.45 -31.03 5.58
N ASP C 181 -42.50 -31.50 4.34
CA ASP C 181 -41.55 -30.97 3.36
C ASP C 181 -41.69 -29.49 2.95
N ASP C 182 -42.88 -28.91 3.01
CA ASP C 182 -43.10 -27.54 2.51
C ASP C 182 -42.73 -26.41 3.51
N GLY C 183 -42.61 -26.76 4.78
CA GLY C 183 -42.53 -25.78 5.84
C GLY C 183 -41.14 -25.24 6.15
N PHE C 184 -41.10 -24.23 7.02
CA PHE C 184 -39.86 -23.65 7.51
C PHE C 184 -40.06 -22.85 8.76
N LEU C 185 -38.93 -22.45 9.35
CA LEU C 185 -38.93 -21.52 10.46
C LEU C 185 -37.87 -20.47 10.30
N ILE C 186 -38.03 -19.39 11.06
CA ILE C 186 -37.14 -18.25 11.05
C ILE C 186 -36.76 -17.93 12.47
N LEU C 187 -35.47 -17.73 12.69
CA LEU C 187 -34.97 -17.30 13.98
C LEU C 187 -33.73 -16.43 13.78
N PRO C 188 -33.27 -15.74 14.83
CA PRO C 188 -31.99 -15.03 14.76
C PRO C 188 -30.85 -15.93 14.37
N ASP C 189 -30.03 -15.41 13.47
CA ASP C 189 -28.83 -16.09 13.08
C ASP C 189 -27.83 -15.98 14.21
N MET C 190 -27.01 -17.01 14.39
CA MET C 190 -25.90 -16.99 15.35
C MET C 190 -25.00 -15.74 15.20
N LYS C 191 -24.98 -15.12 14.03
CA LYS C 191 -24.20 -13.86 13.88
C LYS C 191 -24.76 -12.65 14.64
N TRP C 192 -26.06 -12.65 14.97
CA TRP C 192 -26.69 -11.43 15.45
C TRP C 192 -26.62 -11.30 16.97
N ASP C 193 -26.23 -10.12 17.48
CA ASP C 193 -26.16 -9.92 18.93
C ASP C 193 -27.55 -9.79 19.58
N GLY C 194 -28.59 -9.67 18.75
CA GLY C 194 -29.96 -9.64 19.20
C GLY C 194 -30.43 -8.28 19.70
N MET C 195 -29.59 -7.27 19.61
CA MET C 195 -29.89 -5.98 20.21
C MET C 195 -29.94 -4.85 19.21
N ASN C 196 -29.02 -4.82 18.27
CA ASN C 196 -28.87 -3.70 17.39
C ASN C 196 -29.54 -4.01 16.07
N LEU C 197 -30.61 -3.27 15.75
CA LEU C 197 -31.42 -3.60 14.59
C LEU C 197 -30.69 -3.34 13.28
N ASP C 198 -29.71 -2.45 13.27
CA ASP C 198 -28.88 -2.19 12.07
C ASP C 198 -28.16 -3.46 11.60
N SER C 199 -27.84 -4.38 12.51
CA SER C 199 -27.21 -5.62 12.11
C SER C 199 -28.18 -6.80 12.07
N LEU C 200 -29.49 -6.52 12.01
CA LEU C 200 -30.50 -7.58 12.05
C LEU C 200 -30.03 -8.64 11.08
N TYR C 201 -29.91 -9.86 11.57
CA TYR C 201 -29.51 -10.97 10.74
C TYR C 201 -30.30 -12.20 11.19
N LEU C 202 -31.16 -12.71 10.32
CA LEU C 202 -31.96 -13.90 10.61
C LEU C 202 -31.66 -14.98 9.60
N VAL C 203 -31.97 -16.22 9.97
CA VAL C 203 -31.84 -17.37 9.09
C VAL C 203 -33.19 -18.13 9.04
N ALA C 204 -33.65 -18.38 7.82
CA ALA C 204 -34.82 -19.18 7.59
C ALA C 204 -34.34 -20.58 7.22
N ILE C 205 -34.76 -21.56 8.01
CA ILE C 205 -34.36 -22.94 7.81
C ILE C 205 -35.55 -23.73 7.32
N VAL C 206 -35.43 -24.36 6.14
CA VAL C 206 -36.52 -25.15 5.58
C VAL C 206 -36.53 -26.55 6.15
N TYR C 207 -37.67 -27.22 6.05
CA TYR C 207 -37.82 -28.58 6.64
C TYR C 207 -37.39 -29.69 5.70
N ARG C 208 -37.55 -29.44 4.40
CA ARG C 208 -37.14 -30.44 3.42
C ARG C 208 -35.64 -30.67 3.51
N THR C 209 -35.23 -31.89 3.25
CA THR C 209 -33.84 -32.32 3.40
C THR C 209 -33.22 -32.69 2.07
N ASP C 210 -33.99 -32.60 0.98
CA ASP C 210 -33.48 -33.04 -0.32
C ASP C 210 -32.74 -31.90 -1.01
N ILE C 211 -32.81 -30.68 -0.44
CA ILE C 211 -32.03 -29.56 -0.95
C ILE C 211 -30.83 -29.28 -0.06
N LYS C 212 -29.66 -29.71 -0.55
CA LYS C 212 -28.40 -29.53 0.16
C LYS C 212 -27.73 -28.20 -0.19
N THR C 213 -27.87 -27.78 -1.45
CA THR C 213 -27.39 -26.48 -1.93
C THR C 213 -28.35 -26.00 -3.01
N ILE C 214 -28.09 -24.82 -3.56
CA ILE C 214 -28.85 -24.33 -4.70
C ILE C 214 -28.75 -25.22 -5.92
N ARG C 215 -27.71 -26.06 -6.00
CA ARG C 215 -27.61 -27.00 -7.09
C ARG C 215 -28.81 -27.92 -7.23
N ASP C 216 -29.50 -28.19 -6.12
CA ASP C 216 -30.64 -29.10 -6.11
C ASP C 216 -31.97 -28.41 -6.47
N LEU C 217 -31.96 -27.08 -6.62
CA LEU C 217 -33.16 -26.34 -7.02
C LEU C 217 -33.46 -26.56 -8.50
N ARG C 218 -34.64 -27.11 -8.77
CA ARG C 218 -35.14 -27.32 -10.13
C ARG C 218 -36.18 -26.23 -10.50
N TYR C 219 -36.53 -26.16 -11.78
CA TYR C 219 -37.56 -25.21 -12.24
C TYR C 219 -38.86 -25.37 -11.45
N SER C 220 -39.19 -26.62 -11.11
CA SER C 220 -40.40 -26.94 -10.35
C SER C 220 -40.41 -26.38 -8.92
N ASP C 221 -39.25 -25.94 -8.43
CA ASP C 221 -39.16 -25.39 -7.08
C ASP C 221 -39.37 -23.88 -7.05
N ARG C 222 -39.57 -23.27 -8.23
CA ARG C 222 -39.61 -21.82 -8.34
C ARG C 222 -40.74 -21.17 -7.52
N GLN C 223 -41.96 -21.70 -7.63
CA GLN C 223 -43.09 -21.11 -6.97
C GLN C 223 -42.93 -21.20 -5.44
N TRP C 224 -42.40 -22.32 -4.97
CA TRP C 224 -42.09 -22.50 -3.55
C TRP C 224 -41.11 -21.43 -3.06
N LEU C 225 -40.10 -21.12 -3.87
CA LEU C 225 -39.16 -20.08 -3.51
C LEU C 225 -39.81 -18.70 -3.47
N ILE C 226 -40.69 -18.43 -4.44
CA ILE C 226 -41.42 -17.18 -4.49
C ILE C 226 -42.25 -17.04 -3.20
N ASN C 227 -42.91 -18.13 -2.82
CA ASN C 227 -43.72 -18.14 -1.59
C ASN C 227 -42.87 -17.88 -0.35
N LEU C 228 -41.70 -18.52 -0.28
CA LEU C 228 -40.77 -18.24 0.84
C LEU C 228 -40.34 -16.77 0.87
N ASN C 229 -40.05 -16.22 -0.30
CA ASN C 229 -39.65 -14.82 -0.36
C ASN C 229 -40.76 -13.89 0.15
N ASN C 230 -41.99 -14.19 -0.26
CA ASN C 230 -43.14 -13.40 0.12
C ASN C 230 -43.46 -13.53 1.61
N LYS C 231 -43.41 -14.74 2.14
CA LYS C 231 -43.66 -14.95 3.55
C LYS C 231 -42.64 -14.21 4.39
N ILE C 232 -41.38 -14.37 4.06
CA ILE C 232 -40.31 -13.71 4.83
C ILE C 232 -40.55 -12.20 4.90
N ARG C 233 -40.86 -11.59 3.78
CA ARG C 233 -41.05 -10.14 3.74
C ARG C 233 -42.36 -9.71 4.35
N SER C 234 -43.34 -10.62 4.41
CA SER C 234 -44.65 -10.33 5.00
C SER C 234 -44.66 -10.44 6.51
N ILE C 235 -43.69 -11.13 7.07
CA ILE C 235 -43.68 -11.48 8.49
C ILE C 235 -42.61 -10.68 9.25
N VAL C 236 -41.38 -10.70 8.74
CA VAL C 236 -40.25 -10.18 9.51
C VAL C 236 -40.43 -8.73 9.96
N PRO C 237 -40.88 -7.86 9.07
CA PRO C 237 -41.03 -6.46 9.49
C PRO C 237 -41.97 -6.22 10.69
N GLY C 238 -43.08 -6.96 10.70
CA GLY C 238 -44.03 -6.86 11.79
C GLY C 238 -43.50 -7.38 13.09
N CYS C 239 -42.59 -8.35 13.03
CA CYS C 239 -41.91 -8.79 14.24
C CYS C 239 -41.07 -7.71 14.91
N TYR C 240 -40.65 -6.69 14.16
CA TYR C 240 -39.76 -5.66 14.70
C TYR C 240 -40.42 -4.30 14.59
N ASN C 241 -41.74 -4.30 14.75
CA ASN C 241 -42.55 -3.09 14.72
C ASN C 241 -42.20 -2.19 13.53
N TYR C 242 -41.94 -2.78 12.38
CA TYR C 242 -41.64 -2.05 11.15
C TYR C 242 -40.44 -1.08 11.28
N ALA C 243 -39.54 -1.43 12.19
CA ALA C 243 -38.27 -0.72 12.31
C ALA C 243 -37.37 -1.06 11.14
N VAL C 244 -37.71 -2.19 10.52
CA VAL C 244 -37.19 -2.53 9.21
C VAL C 244 -38.35 -2.85 8.24
N HIS C 245 -38.28 -2.33 7.02
CA HIS C 245 -39.36 -2.48 6.06
C HIS C 245 -39.14 -3.70 5.19
N PRO C 246 -40.19 -4.15 4.47
CA PRO C 246 -40.01 -5.36 3.65
C PRO C 246 -38.97 -5.18 2.55
N ASP C 247 -38.83 -3.97 2.02
CA ASP C 247 -37.85 -3.68 0.99
C ASP C 247 -36.46 -3.34 1.53
N GLU C 248 -36.26 -3.51 2.83
CA GLU C 248 -34.99 -3.26 3.47
C GLU C 248 -34.39 -4.55 3.99
N LEU C 249 -34.80 -5.68 3.43
CA LEU C 249 -34.24 -6.95 3.81
C LEU C 249 -33.49 -7.52 2.62
N ARG C 250 -32.21 -7.82 2.83
CA ARG C 250 -31.38 -8.43 1.79
C ARG C 250 -31.45 -9.92 2.01
N ILE C 251 -32.17 -10.62 1.12
CA ILE C 251 -32.51 -12.02 1.34
C ILE C 251 -31.76 -12.86 0.31
N LEU C 252 -31.00 -13.81 0.82
CA LEU C 252 -29.96 -14.43 0.02
C LEU C 252 -29.57 -15.81 0.51
N VAL C 253 -28.87 -16.53 -0.37
CA VAL C 253 -28.27 -17.83 -0.05
C VAL C 253 -26.77 -17.80 -0.37
N HIS C 254 -26.04 -18.78 0.16
CA HIS C 254 -24.62 -18.91 -0.05
C HIS C 254 -24.29 -20.16 -0.88
N TYR C 255 -23.26 -20.03 -1.72
CA TYR C 255 -22.62 -21.13 -2.41
C TYR C 255 -21.13 -20.84 -2.55
N GLN C 256 -20.25 -21.66 -1.97
CA GLN C 256 -20.60 -22.80 -1.14
C GLN C 256 -21.12 -22.36 0.22
N PRO C 257 -22.15 -23.06 0.73
CA PRO C 257 -22.59 -22.82 2.09
C PRO C 257 -21.63 -23.57 3.02
N SER C 258 -21.57 -23.18 4.28
CA SER C 258 -20.80 -23.96 5.28
C SER C 258 -21.52 -25.26 5.65
N TYR C 259 -22.86 -25.26 5.62
CA TYR C 259 -23.65 -26.41 6.00
C TYR C 259 -24.56 -26.81 4.86
N TYR C 260 -24.61 -28.11 4.61
CA TYR C 260 -25.34 -28.63 3.47
C TYR C 260 -26.81 -28.94 3.84
N HIS C 261 -27.52 -27.87 4.20
CA HIS C 261 -28.96 -27.85 4.34
C HIS C 261 -29.42 -26.46 3.91
N PHE C 262 -30.36 -26.40 2.98
CA PHE C 262 -30.82 -25.14 2.42
C PHE C 262 -31.27 -24.13 3.51
N ASN C 263 -30.54 -23.02 3.63
CA ASN C 263 -30.84 -21.96 4.59
C ASN C 263 -30.86 -20.63 3.89
N ILE C 264 -31.79 -19.75 4.27
CA ILE C 264 -31.90 -18.45 3.64
C ILE C 264 -31.53 -17.43 4.68
N HIS C 265 -30.62 -16.53 4.29
CA HIS C 265 -30.11 -15.50 5.15
C HIS C 265 -30.93 -14.24 4.90
N ILE C 266 -31.33 -13.58 5.97
CA ILE C 266 -32.22 -12.43 5.92
C ILE C 266 -31.50 -11.34 6.70
N VAL C 267 -31.06 -10.30 6.00
CA VAL C 267 -30.15 -9.34 6.60
C VAL C 267 -30.66 -7.92 6.38
N ASN C 268 -30.60 -7.09 7.41
CA ASN C 268 -30.90 -5.68 7.21
C ASN C 268 -30.06 -5.12 6.08
N ILE C 269 -30.69 -4.46 5.13
CA ILE C 269 -29.99 -3.89 4.02
C ILE C 269 -28.91 -2.88 4.46
N LYS C 270 -29.07 -2.32 5.65
CA LYS C 270 -28.16 -1.36 6.26
C LYS C 270 -26.86 -1.97 6.74
N HIS C 271 -26.79 -3.29 6.80
CA HIS C 271 -25.58 -3.94 7.27
C HIS C 271 -24.65 -4.13 6.06
N PRO C 272 -23.49 -3.44 6.03
CA PRO C 272 -22.65 -3.68 4.87
C PRO C 272 -22.06 -5.07 4.78
N GLY C 273 -22.06 -5.85 5.87
CA GLY C 273 -21.68 -7.27 5.79
C GLY C 273 -20.29 -7.56 6.35
N LEU C 274 -20.16 -8.57 7.20
CA LEU C 274 -18.86 -9.12 7.60
C LEU C 274 -18.39 -10.16 6.59
N GLY C 275 -17.09 -10.20 6.37
CA GLY C 275 -16.40 -11.07 5.39
C GLY C 275 -17.12 -11.22 4.08
N ASN C 276 -17.46 -12.44 3.68
CA ASN C 276 -18.18 -12.65 2.42
C ASN C 276 -19.70 -12.83 2.62
N SER C 277 -20.22 -12.59 3.82
CA SER C 277 -21.59 -13.01 4.07
C SER C 277 -22.61 -12.39 3.12
N ILE C 278 -22.39 -11.18 2.62
CA ILE C 278 -23.31 -10.60 1.63
C ILE C 278 -22.64 -10.32 0.27
N ALA C 279 -21.43 -10.81 0.10
CA ALA C 279 -20.60 -10.41 -1.07
C ALA C 279 -20.92 -11.19 -2.34
N ALA C 280 -20.97 -10.51 -3.48
CA ALA C 280 -20.94 -11.18 -4.77
C ALA C 280 -19.71 -12.12 -4.82
N GLY C 281 -19.92 -13.35 -5.28
CA GLY C 281 -18.93 -14.42 -5.20
C GLY C 281 -19.18 -15.38 -4.06
N LYS C 282 -20.22 -15.11 -3.27
CA LYS C 282 -20.61 -15.97 -2.17
C LYS C 282 -22.13 -15.94 -1.98
N ALA C 283 -22.66 -14.76 -1.75
CA ALA C 283 -24.08 -14.55 -1.59
C ALA C 283 -24.75 -14.39 -2.93
N ILE C 284 -25.92 -15.01 -3.08
CA ILE C 284 -26.77 -14.82 -4.25
C ILE C 284 -28.18 -14.46 -3.74
N LEU C 285 -28.74 -13.36 -4.25
CA LEU C 285 -30.07 -12.93 -3.87
C LEU C 285 -31.07 -13.98 -4.25
N LEU C 286 -32.01 -14.22 -3.33
CA LEU C 286 -33.10 -15.15 -3.57
C LEU C 286 -33.90 -14.78 -4.81
N GLU C 287 -34.16 -13.49 -4.99
CA GLU C 287 -34.86 -13.01 -6.18
C GLU C 287 -34.10 -13.43 -7.45
N ASP C 288 -32.77 -13.38 -7.40
CA ASP C 288 -31.95 -13.80 -8.54
C ASP C 288 -32.02 -15.31 -8.79
N ILE C 289 -32.06 -16.10 -7.72
CA ILE C 289 -32.24 -17.53 -7.85
C ILE C 289 -33.55 -17.79 -8.59
N ILE C 290 -34.61 -17.11 -8.13
CA ILE C 290 -35.95 -17.24 -8.68
C ILE C 290 -36.00 -16.86 -10.17
N GLU C 291 -35.40 -15.73 -10.49
CA GLU C 291 -35.41 -15.21 -11.87
C GLU C 291 -34.60 -16.11 -12.80
N MET C 292 -33.48 -16.62 -12.31
CA MET C 292 -32.61 -17.46 -13.14
C MET C 292 -33.29 -18.80 -13.49
N LEU C 293 -34.15 -19.29 -12.60
CA LEU C 293 -34.83 -20.57 -12.86
C LEU C 293 -35.76 -20.54 -14.07
N ASN C 294 -36.19 -19.34 -14.48
CA ASN C 294 -36.91 -19.19 -15.74
C ASN C 294 -36.13 -19.59 -16.99
N TYR C 295 -34.79 -19.53 -16.92
CA TYR C 295 -33.95 -19.67 -18.11
C TYR C 295 -33.08 -20.93 -18.14
N LEU C 296 -32.85 -21.53 -16.98
CA LEU C 296 -32.03 -22.72 -16.91
C LEU C 296 -32.96 -23.84 -17.41
N GLY C 297 -32.53 -25.09 -17.48
CA GLY C 297 -33.46 -26.11 -17.95
C GLY C 297 -34.37 -26.60 -16.83
N PRO C 298 -35.07 -27.71 -17.08
CA PRO C 298 -35.84 -28.35 -16.00
C PRO C 298 -34.98 -28.66 -14.77
N GLU C 299 -33.70 -29.02 -14.99
CA GLU C 299 -32.81 -29.42 -13.88
C GLU C 299 -32.22 -28.18 -13.14
N GLY C 300 -32.51 -26.97 -13.63
CA GLY C 300 -32.26 -25.74 -12.86
C GLY C 300 -30.78 -25.44 -12.70
N TYR C 301 -30.34 -25.20 -11.46
CA TYR C 301 -28.95 -24.83 -11.17
C TYR C 301 -27.94 -25.96 -11.40
N MET C 302 -28.43 -27.18 -11.65
CA MET C 302 -27.56 -28.26 -12.08
C MET C 302 -26.91 -27.93 -13.42
N ASN C 303 -27.58 -27.10 -14.23
CA ASN C 303 -27.06 -26.70 -15.55
C ASN C 303 -26.23 -25.41 -15.55
N LYS C 304 -26.02 -24.81 -14.38
CA LYS C 304 -25.38 -23.51 -14.35
C LYS C 304 -23.90 -23.66 -14.07
N THR C 305 -23.10 -22.81 -14.71
CA THR C 305 -21.70 -22.64 -14.31
C THR C 305 -21.65 -21.53 -13.29
N ILE C 306 -21.25 -21.86 -12.07
CA ILE C 306 -21.30 -20.93 -10.94
C ILE C 306 -19.90 -20.48 -10.51
N THR C 307 -19.66 -19.18 -10.55
CA THR C 307 -18.37 -18.63 -10.16
C THR C 307 -18.45 -18.13 -8.73
N TYR C 308 -17.56 -18.60 -7.86
CA TYR C 308 -17.55 -18.18 -6.48
C TYR C 308 -16.17 -18.20 -5.84
N ALA C 309 -16.08 -17.60 -4.66
CA ALA C 309 -14.85 -17.51 -3.90
C ALA C 309 -14.76 -18.66 -2.93
N ILE C 310 -13.66 -19.40 -2.96
CA ILE C 310 -13.45 -20.48 -2.01
C ILE C 310 -12.11 -20.31 -1.30
N GLY C 311 -12.04 -20.73 -0.04
CA GLY C 311 -10.80 -20.70 0.74
C GLY C 311 -9.96 -21.92 0.46
N GLU C 312 -8.64 -21.73 0.50
CA GLU C 312 -7.70 -22.81 0.24
C GLU C 312 -7.75 -23.96 1.25
N ASN C 313 -8.18 -23.70 2.48
CA ASN C 313 -8.31 -24.75 3.48
C ASN C 313 -9.57 -25.62 3.29
N HIS C 314 -10.50 -25.21 2.44
CA HIS C 314 -11.74 -25.97 2.22
C HIS C 314 -11.40 -27.34 1.63
N ASP C 315 -12.12 -28.38 2.05
CA ASP C 315 -11.81 -29.77 1.64
C ASP C 315 -11.89 -29.94 0.10
N LEU C 316 -12.78 -29.19 -0.53
CA LEU C 316 -12.96 -29.25 -1.98
C LEU C 316 -11.76 -28.75 -2.79
N TRP C 317 -10.93 -27.90 -2.18
CA TRP C 317 -9.75 -27.37 -2.87
C TRP C 317 -8.85 -28.52 -3.34
N LYS C 318 -8.39 -29.34 -2.38
CA LYS C 318 -7.54 -30.49 -2.69
C LYS C 318 -8.31 -31.68 -3.26
N ARG C 319 -9.63 -31.68 -3.19
CA ARG C 319 -10.43 -32.78 -3.74
C ARG C 319 -10.67 -32.61 -5.25
N GLY C 320 -10.20 -31.52 -5.84
CA GLY C 320 -10.24 -31.36 -7.30
C GLY C 320 -10.39 -29.94 -7.85
N LEU C 321 -10.80 -28.98 -7.02
CA LEU C 321 -10.98 -27.62 -7.53
C LEU C 321 -9.65 -26.95 -7.90
N GLU C 322 -8.60 -27.22 -7.12
CA GLU C 322 -7.29 -26.67 -7.43
C GLU C 322 -6.83 -27.11 -8.82
N GLU C 323 -6.81 -28.42 -9.02
CA GLU C 323 -6.35 -28.99 -10.28
C GLU C 323 -7.19 -28.46 -11.45
N GLU C 324 -8.49 -28.30 -11.23
CA GLU C 324 -9.37 -27.85 -12.32
C GLU C 324 -9.20 -26.37 -12.64
N LEU C 325 -8.93 -25.57 -11.62
CA LEU C 325 -8.67 -24.14 -11.82
C LEU C 325 -7.41 -23.92 -12.66
N THR C 326 -6.37 -24.71 -12.44
CA THR C 326 -5.12 -24.57 -13.20
C THR C 326 -5.43 -24.83 -14.68
N LYS C 327 -6.17 -25.90 -14.96
CA LYS C 327 -6.54 -26.23 -16.34
C LYS C 327 -7.42 -25.15 -16.98
N GLN C 328 -8.33 -24.55 -16.20
CA GLN C 328 -9.18 -23.47 -16.70
C GLN C 328 -8.37 -22.25 -17.10
N LEU C 329 -7.40 -21.91 -16.26
CA LEU C 329 -6.48 -20.80 -16.55
C LEU C 329 -5.72 -21.03 -17.85
N GLU C 330 -5.21 -22.25 -18.05
CA GLU C 330 -4.57 -22.60 -19.32
C GLU C 330 -5.52 -22.41 -20.49
N ARG C 331 -6.74 -22.94 -20.38
CA ARG C 331 -7.71 -22.81 -21.48
C ARG C 331 -8.06 -21.35 -21.77
N ASP C 332 -8.11 -20.51 -20.75
CA ASP C 332 -8.36 -19.09 -20.95
C ASP C 332 -7.10 -18.31 -21.43
N GLY C 333 -5.96 -18.99 -21.52
CA GLY C 333 -4.74 -18.35 -22.00
C GLY C 333 -4.16 -17.37 -20.99
N ILE C 334 -4.37 -17.67 -19.70
CA ILE C 334 -3.82 -16.88 -18.63
C ILE C 334 -2.44 -17.47 -18.38
N PRO C 335 -1.42 -16.61 -18.31
CA PRO C 335 -0.07 -17.12 -18.15
C PRO C 335 0.16 -17.88 -16.85
N LYS C 336 1.04 -18.87 -16.91
CA LYS C 336 1.57 -19.53 -15.72
C LYS C 336 2.40 -18.52 -14.92
N ILE C 337 2.27 -18.55 -13.58
CA ILE C 337 3.05 -17.66 -12.73
C ILE C 337 4.52 -18.07 -12.82
N PRO C 338 5.41 -17.13 -13.14
CA PRO C 338 6.83 -17.53 -13.25
C PRO C 338 7.37 -18.05 -11.91
N LYS C 339 8.25 -19.06 -11.98
CA LYS C 339 8.90 -19.64 -10.82
C LYS C 339 9.93 -18.65 -10.26
N ILE C 340 9.42 -17.56 -9.69
CA ILE C 340 10.20 -16.54 -8.99
C ILE C 340 9.50 -16.05 -7.70
N VAL C 341 8.27 -16.50 -7.46
CA VAL C 341 7.45 -16.04 -6.32
C VAL C 341 7.03 -14.59 -6.55
N GLY D 1 -10.60 19.87 29.63
CA GLY D 1 -9.80 20.57 28.57
C GLY D 1 -10.64 21.05 27.40
N MET D 2 -9.99 21.65 26.41
CA MET D 2 -10.65 22.16 25.21
C MET D 2 -11.55 21.12 24.56
N PHE D 3 -10.95 19.98 24.22
CA PHE D 3 -11.66 18.88 23.57
C PHE D 3 -12.91 18.45 24.37
N ALA D 4 -12.72 18.07 25.63
CA ALA D 4 -13.83 17.66 26.50
C ALA D 4 -14.92 18.74 26.54
N SER D 5 -14.49 19.99 26.74
CA SER D 5 -15.42 21.12 26.83
C SER D 5 -16.25 21.29 25.56
N LEU D 6 -15.66 21.10 24.39
CA LEU D 6 -16.38 21.20 23.12
C LEU D 6 -17.41 20.07 22.96
N ILE D 7 -17.03 18.86 23.37
CA ILE D 7 -17.90 17.72 23.25
C ILE D 7 -19.12 17.89 24.16
N LYS D 8 -18.92 18.47 25.35
CA LYS D 8 -20.02 18.74 26.30
C LYS D 8 -21.03 19.77 25.76
N ARG D 9 -20.57 20.73 24.97
CA ARG D 9 -21.44 21.75 24.36
C ARG D 9 -22.14 21.29 23.09
N PHE D 10 -21.73 20.16 22.54
CA PHE D 10 -22.33 19.64 21.33
C PHE D 10 -23.83 19.41 21.49
N GLN D 11 -24.62 20.08 20.65
N GLN D 11 -24.63 20.07 20.64
CA GLN D 11 -26.07 19.86 20.61
CA GLN D 11 -26.08 19.89 20.60
C GLN D 11 -26.41 19.00 19.41
C GLN D 11 -26.48 19.02 19.41
N PHE D 12 -26.91 17.79 19.67
CA PHE D 12 -27.25 16.83 18.63
C PHE D 12 -28.31 17.35 17.68
N VAL D 13 -28.11 17.14 16.37
CA VAL D 13 -29.12 17.45 15.37
C VAL D 13 -29.60 16.15 14.72
N SER D 14 -28.69 15.36 14.18
CA SER D 14 -29.09 14.12 13.49
C SER D 14 -27.92 13.16 13.32
N VAL D 15 -28.26 11.90 13.05
CA VAL D 15 -27.27 10.89 12.83
C VAL D 15 -26.94 10.88 11.35
N LEU D 16 -25.68 11.11 11.02
CA LEU D 16 -25.22 11.10 9.63
C LEU D 16 -25.00 9.69 9.09
N ASP D 17 -24.49 8.81 9.91
CA ASP D 17 -24.06 7.50 9.47
C ASP D 17 -24.03 6.57 10.63
N SER D 18 -24.48 5.34 10.41
CA SER D 18 -24.28 4.27 11.38
C SER D 18 -23.89 3.05 10.60
N ASN D 19 -22.73 2.51 10.93
CA ASN D 19 -22.16 1.40 10.16
C ASN D 19 -21.79 0.27 11.10
N PRO D 20 -22.61 -0.78 11.13
CA PRO D 20 -22.37 -1.90 12.03
C PRO D 20 -21.23 -2.82 11.60
N GLN D 21 -20.84 -2.77 10.35
CA GLN D 21 -19.66 -3.52 9.91
C GLN D 21 -18.41 -2.99 10.56
N THR D 22 -18.20 -1.68 10.46
CA THR D 22 -16.99 -1.05 10.96
C THR D 22 -17.12 -0.47 12.35
N LYS D 23 -18.33 -0.48 12.91
CA LYS D 23 -18.59 0.08 14.24
C LYS D 23 -18.24 1.55 14.31
N VAL D 24 -18.74 2.27 13.31
CA VAL D 24 -18.57 3.68 13.19
C VAL D 24 -19.93 4.34 13.22
N MET D 25 -19.96 5.51 13.84
CA MET D 25 -21.14 6.33 13.95
C MET D 25 -20.70 7.80 13.77
N SER D 26 -21.39 8.53 12.91
CA SER D 26 -21.16 9.94 12.78
C SER D 26 -22.43 10.71 13.07
N LEU D 27 -22.28 11.81 13.83
CA LEU D 27 -23.37 12.65 14.30
C LEU D 27 -23.19 14.07 13.83
N LEU D 28 -24.26 14.67 13.31
CA LEU D 28 -24.28 16.08 13.01
C LEU D 28 -24.87 16.79 14.19
N GLY D 29 -24.34 17.97 14.49
CA GLY D 29 -24.83 18.79 15.58
C GLY D 29 -24.32 20.20 15.45
N THR D 30 -24.39 20.96 16.54
CA THR D 30 -23.89 22.30 16.57
C THR D 30 -23.12 22.53 17.85
N ILE D 31 -22.13 23.41 17.74
CA ILE D 31 -21.45 24.01 18.88
C ILE D 31 -21.42 25.51 18.63
N ASP D 32 -21.91 26.28 19.60
CA ASP D 32 -22.09 27.72 19.47
C ASP D 32 -22.77 28.05 18.15
N ASN D 33 -23.84 27.32 17.85
CA ASN D 33 -24.64 27.52 16.65
C ASN D 33 -23.87 27.43 15.33
N LYS D 34 -22.71 26.77 15.34
CA LYS D 34 -21.99 26.44 14.11
C LYS D 34 -22.00 24.92 13.97
N ASP D 35 -22.13 24.43 12.72
CA ASP D 35 -22.23 23.01 12.47
C ASP D 35 -21.00 22.25 12.99
N ALA D 36 -21.24 21.06 13.53
CA ALA D 36 -20.19 20.21 14.05
C ALA D 36 -20.47 18.76 13.69
N ILE D 37 -19.40 18.00 13.41
CA ILE D 37 -19.51 16.57 13.17
C ILE D 37 -18.68 15.78 14.16
N ILE D 38 -19.30 14.82 14.83
CA ILE D 38 -18.56 13.92 15.69
C ILE D 38 -18.62 12.54 15.08
N THR D 39 -17.46 11.91 14.96
CA THR D 39 -17.36 10.55 14.48
C THR D 39 -16.77 9.73 15.60
N ALA D 40 -17.40 8.60 15.86
CA ALA D 40 -16.94 7.69 16.89
C ALA D 40 -16.73 6.33 16.24
N GLU D 41 -15.70 5.63 16.70
CA GLU D 41 -15.36 4.31 16.19
C GLU D 41 -14.85 3.46 17.32
N LYS D 42 -15.45 2.27 17.49
CA LYS D 42 -15.01 1.37 18.54
C LYS D 42 -13.56 0.97 18.26
N THR D 43 -12.78 0.79 19.31
CA THR D 43 -11.46 0.28 19.20
C THR D 43 -11.47 -1.21 18.86
N HIS D 44 -10.36 -1.68 18.33
CA HIS D 44 -10.18 -3.08 18.08
C HIS D 44 -9.75 -3.74 19.39
N PHE D 45 -9.86 -5.07 19.44
CA PHE D 45 -9.26 -5.84 20.53
C PHE D 45 -7.73 -5.68 20.49
N LEU D 46 -7.07 -5.99 21.60
CA LEU D 46 -5.65 -5.74 21.78
C LEU D 46 -4.89 -7.04 21.92
N PHE D 47 -3.62 -7.02 21.57
CA PHE D 47 -2.74 -8.18 21.73
C PHE D 47 -1.50 -7.76 22.49
N ASP D 48 -0.74 -8.72 23.01
CA ASP D 48 0.48 -8.34 23.73
C ASP D 48 1.41 -7.72 22.69
N PRO D 62 -1.38 -12.54 11.98
CA PRO D 62 -1.97 -12.62 13.31
C PRO D 62 -1.78 -13.94 14.04
N VAL D 63 -1.38 -14.99 13.34
CA VAL D 63 -1.14 -16.30 14.01
C VAL D 63 0.00 -16.30 15.05
N LEU D 64 0.90 -15.30 14.99
CA LEU D 64 1.96 -15.11 16.01
C LEU D 64 1.64 -14.12 17.15
N TYR D 65 0.41 -13.61 17.24
CA TYR D 65 0.09 -12.70 18.38
C TYR D 65 -0.16 -13.41 19.69
N ASN D 66 -0.03 -12.70 20.81
CA ASN D 66 -0.16 -13.31 22.14
C ASN D 66 -1.16 -12.62 23.10
N CYS D 67 -1.61 -13.39 24.11
CA CYS D 67 -2.71 -13.03 25.01
C CYS D 67 -2.40 -13.23 26.49
N GLU D 68 -1.19 -12.84 26.92
CA GLU D 68 -0.77 -12.98 28.32
C GLU D 68 -1.12 -11.75 29.16
N ASN D 69 -1.14 -10.57 28.55
CA ASN D 69 -1.26 -9.32 29.30
C ASN D 69 -2.69 -8.97 29.73
N GLU D 70 -2.76 -8.15 30.78
CA GLU D 70 -4.00 -7.79 31.46
C GLU D 70 -5.18 -7.44 30.53
N TYR D 71 -4.93 -6.60 29.54
CA TYR D 71 -5.98 -6.10 28.65
C TYR D 71 -6.02 -6.79 27.26
N SER D 72 -5.15 -7.77 27.05
CA SER D 72 -5.07 -8.43 25.76
C SER D 72 -6.23 -9.40 25.55
N CYS D 73 -6.67 -9.50 24.31
CA CYS D 73 -7.60 -10.53 23.89
C CYS D 73 -8.89 -10.46 24.74
N ILE D 74 -9.26 -11.52 25.47
CA ILE D 74 -10.48 -11.52 26.28
C ILE D 74 -10.16 -11.63 27.76
N ASN D 75 -8.95 -11.22 28.14
CA ASN D 75 -8.55 -11.24 29.54
C ASN D 75 -9.28 -10.24 30.45
N GLY D 76 -9.80 -9.15 29.86
CA GLY D 76 -10.46 -8.11 30.65
C GLY D 76 -11.94 -8.31 30.91
N ILE D 77 -12.47 -9.49 30.54
CA ILE D 77 -13.88 -9.79 30.76
C ILE D 77 -14.25 -9.74 32.23
N GLN D 78 -15.21 -8.88 32.57
CA GLN D 78 -15.73 -8.78 33.93
C GLN D 78 -17.05 -9.55 34.09
N GLU D 79 -17.79 -9.72 33.00
CA GLU D 79 -19.16 -10.19 33.07
C GLU D 79 -19.57 -10.85 31.76
N LEU D 80 -20.25 -11.99 31.85
CA LEU D 80 -20.73 -12.74 30.69
C LEU D 80 -22.23 -13.01 30.79
N LYS D 81 -22.92 -13.08 29.66
CA LYS D 81 -24.31 -13.45 29.61
C LYS D 81 -24.62 -14.22 28.34
N GLU D 82 -25.25 -15.39 28.47
CA GLU D 82 -25.58 -16.20 27.32
C GLU D 82 -26.78 -15.67 26.55
N ILE D 83 -26.70 -15.68 25.22
CA ILE D 83 -27.85 -15.40 24.39
C ILE D 83 -28.56 -16.72 24.18
N THR D 84 -27.87 -17.67 23.58
CA THR D 84 -28.39 -19.03 23.48
C THR D 84 -27.27 -19.99 23.10
N SER D 85 -27.61 -21.26 22.92
CA SER D 85 -26.66 -22.25 22.47
C SER D 85 -27.36 -23.38 21.78
N ASN D 86 -26.60 -24.18 21.05
CA ASN D 86 -27.11 -25.29 20.29
C ASN D 86 -25.95 -26.23 19.98
N ASP D 87 -25.98 -27.45 20.53
CA ASP D 87 -24.98 -28.42 20.22
C ASP D 87 -23.57 -27.84 20.57
N ILE D 88 -22.65 -27.74 19.61
CA ILE D 88 -21.28 -27.27 19.93
C ILE D 88 -21.13 -25.76 19.78
N TYR D 89 -22.22 -25.05 19.49
CA TYR D 89 -22.20 -23.62 19.31
C TYR D 89 -22.81 -22.91 20.51
N TYR D 90 -22.08 -21.95 21.08
CA TYR D 90 -22.55 -21.16 22.22
C TYR D 90 -22.28 -19.69 21.94
N TRP D 91 -23.24 -18.82 22.21
CA TRP D 91 -22.91 -17.41 22.08
C TRP D 91 -23.62 -16.47 23.03
N GLY D 92 -22.94 -15.37 23.26
CA GLY D 92 -23.32 -14.48 24.33
C GLY D 92 -22.70 -13.11 24.22
N LEU D 93 -22.80 -12.38 25.32
CA LEU D 93 -22.34 -11.03 25.38
C LEU D 93 -21.43 -10.87 26.59
N SER D 94 -20.61 -9.83 26.55
CA SER D 94 -19.63 -9.64 27.59
C SER D 94 -19.50 -8.19 27.91
N VAL D 95 -19.14 -7.92 29.15
CA VAL D 95 -18.67 -6.62 29.56
C VAL D 95 -17.19 -6.81 29.84
N ILE D 96 -16.39 -5.88 29.33
CA ILE D 96 -14.93 -5.93 29.45
C ILE D 96 -14.46 -4.66 30.13
N LYS D 97 -13.45 -4.78 30.97
CA LYS D 97 -12.90 -3.63 31.70
C LYS D 97 -12.30 -2.61 30.75
N GLN D 98 -12.78 -1.37 30.86
CA GLN D 98 -12.28 -0.25 30.08
C GLN D 98 -11.26 0.53 30.88
N ASP D 99 -10.42 1.31 30.21
CA ASP D 99 -9.36 2.09 30.86
C ASP D 99 -8.78 3.08 29.85
N MET D 100 -8.66 4.35 30.22
CA MET D 100 -8.25 5.35 29.25
C MET D 100 -6.87 5.04 28.65
N GLU D 101 -5.91 4.66 29.48
CA GLU D 101 -4.56 4.40 29.02
C GLU D 101 -4.39 3.09 28.27
N SER D 102 -4.96 2.01 28.77
CA SER D 102 -4.67 0.68 28.25
C SER D 102 -5.79 0.03 27.45
N ASN D 103 -7.03 0.52 27.56
CA ASN D 103 -8.12 -0.04 26.79
C ASN D 103 -9.29 0.93 26.65
N PRO D 104 -9.07 2.04 25.94
CA PRO D 104 -10.15 2.96 25.68
C PRO D 104 -11.25 2.31 24.86
N THR D 105 -12.46 2.88 24.95
CA THR D 105 -13.61 2.25 24.34
C THR D 105 -13.75 2.60 22.88
N ALA D 106 -13.48 3.86 22.55
CA ALA D 106 -13.69 4.34 21.20
C ALA D 106 -12.83 5.57 20.84
N LYS D 107 -12.45 5.64 19.58
CA LYS D 107 -11.83 6.80 19.00
C LYS D 107 -12.95 7.79 18.82
N LEU D 108 -12.67 9.06 19.06
CA LEU D 108 -13.69 10.06 18.90
C LEU D 108 -13.12 11.33 18.28
N ASN D 109 -13.63 11.70 17.12
CA ASN D 109 -13.15 12.88 16.41
C ASN D 109 -14.21 13.95 16.28
N LEU D 110 -13.78 15.18 16.20
CA LEU D 110 -14.66 16.31 16.07
C LEU D 110 -14.19 17.13 14.90
N ILE D 111 -15.12 17.51 14.05
CA ILE D 111 -14.89 18.52 13.03
C ILE D 111 -15.78 19.73 13.37
N TRP D 112 -15.16 20.88 13.62
CA TRP D 112 -15.90 22.07 14.01
C TRP D 112 -15.00 23.28 13.85
N PRO D 113 -15.43 24.32 13.13
CA PRO D 113 -16.73 24.34 12.44
C PRO D 113 -16.69 23.51 11.15
N ALA D 114 -17.70 22.68 10.94
CA ALA D 114 -17.78 21.83 9.78
C ALA D 114 -18.39 22.57 8.61
N THR D 115 -17.86 22.31 7.42
CA THR D 115 -18.37 22.91 6.19
C THR D 115 -19.36 21.98 5.51
N PRO D 116 -20.18 22.49 4.56
CA PRO D 116 -21.10 21.64 3.79
C PRO D 116 -20.41 20.44 3.16
N ILE D 117 -19.18 20.67 2.64
CA ILE D 117 -18.38 19.61 2.06
C ILE D 117 -18.11 18.46 3.05
N HIS D 118 -17.86 18.80 4.32
CA HIS D 118 -17.68 17.78 5.34
C HIS D 118 -18.97 17.01 5.60
N ILE D 119 -20.08 17.73 5.64
CA ILE D 119 -21.36 17.10 5.93
C ILE D 119 -21.73 16.16 4.79
N LYS D 120 -21.61 16.65 3.56
CA LYS D 120 -21.87 15.81 2.38
C LYS D 120 -20.98 14.55 2.38
N LYS D 121 -19.73 14.68 2.85
CA LYS D 121 -18.84 13.54 2.92
C LYS D 121 -19.32 12.49 3.91
N TYR D 122 -19.83 12.93 5.07
CA TYR D 122 -20.15 11.98 6.11
C TYR D 122 -21.59 11.44 6.05
N GLU D 123 -22.50 12.11 5.37
CA GLU D 123 -23.87 11.61 5.30
C GLU D 123 -23.93 10.35 4.46
N GLN D 124 -24.45 9.28 5.04
CA GLN D 124 -24.66 8.01 4.37
C GLN D 124 -26.13 7.87 4.10
N GLN D 125 -26.47 7.62 2.85
CA GLN D 125 -27.87 7.42 2.50
C GLN D 125 -28.44 6.03 2.84
N ASN D 126 -29.76 5.97 2.91
CA ASN D 126 -30.47 4.68 3.08
C ASN D 126 -30.81 4.03 1.74
N PHE D 127 -30.85 2.70 1.75
CA PHE D 127 -31.08 1.94 0.53
C PHE D 127 -32.41 1.15 0.57
N HIS D 128 -32.91 0.82 -0.62
CA HIS D 128 -34.13 0.05 -0.81
C HIS D 128 -33.96 -0.99 -1.88
N LEU D 129 -34.37 -2.22 -1.61
CA LEU D 129 -34.36 -3.26 -2.66
C LEU D 129 -35.51 -3.04 -3.64
N VAL D 130 -35.16 -2.82 -4.89
CA VAL D 130 -36.13 -2.70 -5.97
C VAL D 130 -35.97 -3.90 -6.90
N ARG D 131 -37.07 -4.22 -7.57
CA ARG D 131 -37.09 -5.25 -8.58
C ARG D 131 -37.44 -4.54 -9.88
N GLU D 132 -36.43 -4.39 -10.74
CA GLU D 132 -36.54 -3.56 -11.94
C GLU D 132 -36.75 -4.43 -13.17
N THR D 133 -37.98 -4.42 -13.67
CA THR D 133 -38.36 -5.20 -14.84
C THR D 133 -37.90 -4.48 -16.10
N PRO D 134 -37.88 -5.21 -17.23
CA PRO D 134 -37.63 -4.57 -18.52
C PRO D 134 -38.49 -3.33 -18.77
N GLU D 135 -39.80 -3.42 -18.50
CA GLU D 135 -40.71 -2.32 -18.75
C GLU D 135 -40.34 -1.11 -17.88
N MET D 136 -39.99 -1.36 -16.62
CA MET D 136 -39.53 -0.29 -15.72
C MET D 136 -38.28 0.38 -16.28
N TYR D 137 -37.34 -0.42 -16.77
CA TYR D 137 -36.12 0.15 -17.35
C TYR D 137 -36.50 1.06 -18.51
N LYS D 138 -37.33 0.56 -19.43
CA LYS D 138 -37.73 1.32 -20.62
C LYS D 138 -38.49 2.60 -20.25
N ARG D 139 -39.39 2.52 -19.26
CA ARG D 139 -40.26 3.64 -18.91
C ARG D 139 -39.57 4.66 -18.01
N ILE D 140 -38.79 4.19 -17.03
CA ILE D 140 -38.26 5.06 -15.97
C ILE D 140 -36.77 5.37 -16.12
N VAL D 141 -35.97 4.36 -16.39
CA VAL D 141 -34.52 4.48 -16.32
C VAL D 141 -33.93 5.00 -17.63
N GLN D 142 -34.32 4.38 -18.74
CA GLN D 142 -33.74 4.70 -20.05
C GLN D 142 -33.85 6.18 -20.41
N PRO D 143 -35.03 6.80 -20.21
CA PRO D 143 -35.09 8.25 -20.48
C PRO D 143 -34.14 9.08 -19.60
N TYR D 144 -33.94 8.65 -18.36
CA TYR D 144 -33.03 9.34 -17.45
C TYR D 144 -31.57 9.28 -17.94
N ILE D 145 -31.18 8.13 -18.47
CA ILE D 145 -29.81 7.94 -18.94
C ILE D 145 -29.52 8.84 -20.11
N GLU D 146 -30.48 8.96 -21.02
CA GLU D 146 -30.34 9.81 -22.21
C GLU D 146 -30.11 11.27 -21.84
N GLU D 147 -30.90 11.79 -20.91
CA GLU D 147 -30.66 13.16 -20.44
C GLU D 147 -29.23 13.37 -19.95
N MET D 148 -28.59 12.33 -19.42
CA MET D 148 -27.23 12.33 -18.92
C MET D 148 -26.23 12.14 -20.06
N VAL D 157 -14.60 11.47 -17.01
CA VAL D 157 -14.29 10.21 -17.70
C VAL D 157 -13.64 10.48 -19.07
N ASN D 158 -14.25 11.38 -19.84
CA ASN D 158 -13.71 11.72 -21.16
C ASN D 158 -12.32 12.39 -21.07
N ASN D 159 -12.10 13.15 -20.00
CA ASN D 159 -10.78 13.74 -19.75
C ASN D 159 -9.73 12.65 -19.61
N ILE D 160 -10.07 11.59 -18.90
CA ILE D 160 -9.14 10.50 -18.73
C ILE D 160 -8.94 9.78 -20.07
N LEU D 161 -10.03 9.51 -20.77
CA LEU D 161 -9.96 8.73 -22.01
C LEU D 161 -9.30 9.45 -23.18
N TYR D 162 -9.63 10.73 -23.37
CA TYR D 162 -9.22 11.47 -24.58
C TYR D 162 -8.37 12.73 -24.34
N GLU D 163 -8.16 13.15 -23.09
CA GLU D 163 -7.39 14.38 -22.83
C GLU D 163 -6.19 14.20 -21.87
N GLY D 164 -5.81 12.95 -21.59
CA GLY D 164 -4.60 12.68 -20.77
C GLY D 164 -4.71 12.93 -19.26
N ALA D 165 -5.91 13.20 -18.77
CA ALA D 165 -6.07 13.50 -17.35
C ALA D 165 -5.70 12.29 -16.51
N GLU D 166 -4.98 12.52 -15.43
CA GLU D 166 -4.56 11.44 -14.52
C GLU D 166 -3.68 10.38 -15.20
N SER D 167 -3.05 10.73 -16.34
CA SER D 167 -2.21 9.78 -17.07
C SER D 167 -1.09 9.20 -16.20
N GLU D 168 -0.58 10.01 -15.27
CA GLU D 168 0.44 9.58 -14.32
C GLU D 168 0.02 8.38 -13.44
N ARG D 169 -1.27 8.21 -13.22
CA ARG D 169 -1.79 7.16 -12.33
C ARG D 169 -2.21 5.89 -13.11
N VAL D 170 -2.38 5.99 -14.42
CA VAL D 170 -2.85 4.86 -15.23
C VAL D 170 -1.89 3.67 -15.10
N VAL D 171 -2.44 2.48 -14.96
CA VAL D 171 -1.69 1.26 -14.76
C VAL D 171 -1.59 0.47 -16.05
N TYR D 172 -2.56 0.62 -16.94
CA TYR D 172 -2.55 -0.05 -18.23
C TYR D 172 -3.43 0.70 -19.22
N LYS D 173 -2.96 0.81 -20.47
CA LYS D 173 -3.69 1.54 -21.50
C LYS D 173 -3.47 0.93 -22.86
N ASP D 174 -4.57 0.63 -23.54
CA ASP D 174 -4.52 0.19 -24.94
C ASP D 174 -4.26 1.39 -25.86
N PHE D 175 -3.40 1.16 -26.86
CA PHE D 175 -3.00 2.17 -27.83
C PHE D 175 -3.23 1.82 -29.31
N SER D 176 -3.31 0.54 -29.65
CA SER D 176 -3.28 0.11 -31.07
C SER D 176 -4.60 0.35 -31.78
N GLU D 177 -4.53 0.61 -33.09
CA GLU D 177 -5.72 0.80 -33.92
C GLU D 177 -6.73 -0.34 -33.74
N GLU D 178 -6.24 -1.57 -33.60
CA GLU D 178 -7.09 -2.76 -33.42
C GLU D 178 -7.97 -2.67 -32.17
N ASN D 179 -7.50 -1.94 -31.15
CA ASN D 179 -8.24 -1.76 -29.91
C ASN D 179 -8.87 -0.37 -29.77
N LYS D 180 -8.96 0.38 -30.86
CA LYS D 180 -9.55 1.71 -30.82
C LYS D 180 -10.94 1.68 -30.17
N ASP D 181 -11.75 0.68 -30.55
CA ASP D 181 -13.15 0.46 -30.07
C ASP D 181 -13.30 -0.57 -28.94
N ASP D 182 -12.58 -1.67 -29.04
CA ASP D 182 -12.67 -2.77 -28.07
C ASP D 182 -11.65 -2.67 -26.93
N GLY D 183 -10.84 -1.62 -26.90
CA GLY D 183 -9.83 -1.41 -25.87
C GLY D 183 -10.32 -0.80 -24.58
N PHE D 184 -9.38 -0.59 -23.66
CA PHE D 184 -9.67 0.01 -22.36
C PHE D 184 -8.41 0.51 -21.67
N LEU D 185 -8.60 1.18 -20.54
CA LEU D 185 -7.52 1.48 -19.64
C LEU D 185 -7.91 1.11 -18.21
N ILE D 186 -6.89 0.97 -17.37
CA ILE D 186 -7.05 0.58 -15.99
C ILE D 186 -6.31 1.59 -15.13
N LEU D 187 -6.95 2.05 -14.06
CA LEU D 187 -6.30 2.92 -13.10
C LEU D 187 -6.82 2.61 -11.69
N PRO D 188 -6.10 3.04 -10.64
CA PRO D 188 -6.51 2.75 -9.27
C PRO D 188 -7.81 3.45 -8.88
N ASP D 189 -8.55 2.97 -7.90
CA ASP D 189 -9.65 3.79 -7.40
C ASP D 189 -9.13 4.79 -6.35
N MET D 190 -9.59 6.03 -6.43
CA MET D 190 -9.13 7.11 -5.53
C MET D 190 -9.84 7.03 -4.18
N ASN D 196 -1.47 -1.82 1.93
CA ASN D 196 -1.26 -3.21 1.53
C ASN D 196 -1.84 -3.61 0.16
N LEU D 197 -1.20 -4.62 -0.41
CA LEU D 197 -1.66 -5.23 -1.66
C LEU D 197 -3.02 -5.95 -1.48
N ASP D 198 -3.34 -6.33 -0.24
CA ASP D 198 -4.68 -6.84 0.10
C ASP D 198 -5.79 -5.87 -0.28
N SER D 199 -5.50 -4.57 -0.29
CA SER D 199 -6.49 -3.55 -0.63
C SER D 199 -6.42 -3.06 -2.03
N LEU D 200 -5.83 -3.85 -2.89
CA LEU D 200 -5.83 -3.50 -4.30
C LEU D 200 -7.23 -3.30 -4.88
N TYR D 201 -7.46 -2.14 -5.48
CA TYR D 201 -8.76 -1.82 -6.05
C TYR D 201 -8.52 -1.02 -7.31
N LEU D 202 -8.83 -1.59 -8.46
CA LEU D 202 -8.63 -0.93 -9.75
C LEU D 202 -9.95 -0.85 -10.49
N VAL D 203 -10.02 0.08 -11.44
CA VAL D 203 -11.18 0.22 -12.32
C VAL D 203 -10.72 0.24 -13.76
N ALA D 204 -11.31 -0.63 -14.58
CA ALA D 204 -11.09 -0.67 -16.00
C ALA D 204 -12.18 0.11 -16.71
N ILE D 205 -11.81 1.14 -17.44
CA ILE D 205 -12.77 1.95 -18.19
C ILE D 205 -12.60 1.64 -19.68
N VAL D 206 -13.68 1.19 -20.31
CA VAL D 206 -13.66 0.83 -21.74
C VAL D 206 -13.74 2.02 -22.66
N TYR D 207 -13.32 1.79 -23.91
CA TYR D 207 -13.24 2.82 -24.91
C TYR D 207 -14.57 2.95 -25.65
N ARG D 208 -15.36 1.88 -25.70
CA ARG D 208 -16.72 1.98 -26.26
C ARG D 208 -17.51 3.05 -25.57
N THR D 209 -18.34 3.75 -26.34
CA THR D 209 -19.16 4.86 -25.83
C THR D 209 -20.66 4.58 -25.83
N ASP D 210 -21.07 3.40 -26.30
CA ASP D 210 -22.49 3.04 -26.43
C ASP D 210 -23.04 2.16 -25.27
N ILE D 211 -22.16 1.74 -24.37
CA ILE D 211 -22.60 0.97 -23.20
C ILE D 211 -22.62 1.86 -21.96
N LYS D 212 -23.82 2.27 -21.55
CA LYS D 212 -24.00 3.15 -20.40
C LYS D 212 -24.17 2.36 -19.08
N THR D 213 -24.83 1.19 -19.17
CA THR D 213 -24.94 0.24 -18.05
C THR D 213 -24.95 -1.16 -18.63
N ILE D 214 -25.03 -2.16 -17.75
CA ILE D 214 -25.16 -3.55 -18.19
C ILE D 214 -26.40 -3.78 -19.02
N ARG D 215 -27.40 -2.92 -18.91
CA ARG D 215 -28.60 -3.04 -19.73
C ARG D 215 -28.32 -3.02 -21.22
N ASP D 216 -27.24 -2.36 -21.63
CA ASP D 216 -26.88 -2.24 -23.04
C ASP D 216 -26.08 -3.44 -23.56
N LEU D 217 -25.68 -4.36 -22.68
CA LEU D 217 -24.97 -5.56 -23.09
C LEU D 217 -25.91 -6.53 -23.77
N ARG D 218 -25.60 -6.83 -25.04
CA ARG D 218 -26.34 -7.79 -25.84
C ARG D 218 -25.58 -9.11 -25.91
N TYR D 219 -26.24 -10.16 -26.39
CA TYR D 219 -25.62 -11.46 -26.57
C TYR D 219 -24.34 -11.36 -27.43
N SER D 220 -24.36 -10.49 -28.43
CA SER D 220 -23.22 -10.27 -29.33
C SER D 220 -22.00 -9.67 -28.63
N ASP D 221 -22.17 -9.14 -27.41
CA ASP D 221 -21.07 -8.56 -26.66
C ASP D 221 -20.38 -9.56 -25.76
N ARG D 222 -20.86 -10.81 -25.75
CA ARG D 222 -20.36 -11.79 -24.80
C ARG D 222 -18.85 -12.11 -24.97
N GLN D 223 -18.41 -12.33 -26.21
CA GLN D 223 -17.03 -12.71 -26.46
C GLN D 223 -16.08 -11.56 -26.07
N TRP D 224 -16.51 -10.33 -26.36
CA TRP D 224 -15.78 -9.13 -25.93
C TRP D 224 -15.60 -9.07 -24.41
N LEU D 225 -16.65 -9.43 -23.67
CA LEU D 225 -16.56 -9.46 -22.21
C LEU D 225 -15.64 -10.56 -21.72
N ILE D 226 -15.69 -11.71 -22.36
CA ILE D 226 -14.78 -12.81 -22.04
C ILE D 226 -13.33 -12.33 -22.24
N ASN D 227 -13.09 -11.66 -23.37
CA ASN D 227 -11.76 -11.14 -23.69
C ASN D 227 -11.30 -10.14 -22.64
N LEU D 228 -12.20 -9.26 -22.21
CA LEU D 228 -11.85 -8.30 -21.15
C LEU D 228 -11.49 -9.02 -19.87
N ASN D 229 -12.25 -10.05 -19.54
CA ASN D 229 -12.00 -10.79 -18.33
C ASN D 229 -10.64 -11.45 -18.37
N ASN D 230 -10.30 -12.02 -19.53
CA ASN D 230 -9.01 -12.67 -19.73
C ASN D 230 -7.83 -11.68 -19.76
N LYS D 231 -7.99 -10.54 -20.45
CA LYS D 231 -6.95 -9.49 -20.46
C LYS D 231 -6.67 -8.96 -19.06
N ILE D 232 -7.73 -8.62 -18.32
CA ILE D 232 -7.56 -8.09 -16.98
C ILE D 232 -6.72 -9.07 -16.17
N ARG D 233 -7.08 -10.35 -16.21
CA ARG D 233 -6.42 -11.32 -15.35
C ARG D 233 -5.01 -11.66 -15.87
N SER D 234 -4.74 -11.39 -17.15
CA SER D 234 -3.44 -11.62 -17.75
C SER D 234 -2.46 -10.48 -17.52
N ILE D 235 -2.98 -9.30 -17.19
CA ILE D 235 -2.22 -8.08 -17.10
C ILE D 235 -2.00 -7.64 -15.66
N VAL D 236 -3.07 -7.59 -14.88
CA VAL D 236 -2.97 -6.98 -13.57
C VAL D 236 -1.90 -7.64 -12.70
N PRO D 237 -1.84 -8.98 -12.69
CA PRO D 237 -0.86 -9.60 -11.81
C PRO D 237 0.57 -9.19 -12.15
N GLY D 238 0.89 -9.06 -13.44
CA GLY D 238 2.21 -8.63 -13.90
C GLY D 238 2.54 -7.19 -13.52
N CYS D 239 1.53 -6.34 -13.39
CA CYS D 239 1.74 -4.99 -12.86
C CYS D 239 2.18 -4.97 -11.40
N TYR D 240 1.95 -6.03 -10.66
CA TYR D 240 2.32 -6.08 -9.24
C TYR D 240 3.29 -7.24 -9.00
N ASN D 241 4.12 -7.49 -10.00
CA ASN D 241 5.13 -8.53 -9.96
C ASN D 241 4.64 -9.88 -9.48
N TYR D 242 3.40 -10.21 -9.88
CA TYR D 242 2.78 -11.46 -9.50
C TYR D 242 2.66 -11.66 -8.00
N ALA D 243 2.57 -10.57 -7.25
CA ALA D 243 2.22 -10.63 -5.83
C ALA D 243 0.72 -10.96 -5.62
N VAL D 244 -0.14 -10.64 -6.60
CA VAL D 244 -1.55 -11.03 -6.56
C VAL D 244 -1.77 -11.92 -7.76
N HIS D 245 -2.49 -13.03 -7.58
CA HIS D 245 -2.65 -14.00 -8.66
C HIS D 245 -3.90 -13.71 -9.48
N PRO D 246 -3.97 -14.27 -10.69
CA PRO D 246 -5.14 -14.00 -11.52
C PRO D 246 -6.46 -14.48 -10.90
N ASP D 247 -6.42 -15.55 -10.12
CA ASP D 247 -7.60 -16.06 -9.45
C ASP D 247 -7.89 -15.41 -8.10
N GLU D 248 -7.16 -14.35 -7.76
CA GLU D 248 -7.37 -13.60 -6.53
C GLU D 248 -7.94 -12.22 -6.82
N LEU D 249 -8.55 -12.05 -7.99
CA LEU D 249 -9.18 -10.80 -8.33
C LEU D 249 -10.71 -10.99 -8.41
N ARG D 250 -11.46 -10.21 -7.66
CA ARG D 250 -12.93 -10.19 -7.72
C ARG D 250 -13.31 -9.11 -8.73
N ILE D 251 -13.76 -9.53 -9.89
CA ILE D 251 -13.97 -8.64 -11.00
C ILE D 251 -15.47 -8.51 -11.22
N LEU D 252 -15.95 -7.27 -11.20
CA LEU D 252 -17.36 -7.02 -11.07
C LEU D 252 -17.79 -5.67 -11.64
N VAL D 253 -19.10 -5.55 -11.86
CA VAL D 253 -19.72 -4.31 -12.28
C VAL D 253 -20.84 -3.97 -11.29
N HIS D 254 -21.32 -2.73 -11.39
CA HIS D 254 -22.36 -2.22 -10.53
C HIS D 254 -23.60 -1.82 -11.30
N TYR D 255 -24.76 -2.07 -10.69
CA TYR D 255 -26.03 -1.58 -11.20
C TYR D 255 -26.87 -1.24 -9.98
N GLN D 256 -27.24 0.02 -9.82
CA GLN D 256 -26.85 1.13 -10.69
C GLN D 256 -25.38 1.51 -10.46
N PRO D 257 -24.64 1.80 -11.56
CA PRO D 257 -23.26 2.27 -11.49
C PRO D 257 -23.21 3.72 -11.08
N SER D 258 -22.07 4.14 -10.54
CA SER D 258 -21.89 5.50 -10.10
C SER D 258 -21.75 6.46 -11.28
N TYR D 259 -21.24 5.97 -12.40
CA TYR D 259 -21.28 6.78 -13.65
C TYR D 259 -21.71 5.94 -14.87
N TYR D 260 -22.41 6.61 -15.79
CA TYR D 260 -23.04 5.95 -16.93
C TYR D 260 -22.09 5.85 -18.12
N HIS D 261 -20.97 5.18 -17.86
CA HIS D 261 -20.05 4.72 -18.88
C HIS D 261 -19.46 3.42 -18.35
N PHE D 262 -19.64 2.35 -19.11
CA PHE D 262 -19.36 1.01 -18.62
C PHE D 262 -17.96 0.89 -18.02
N ASN D 263 -17.89 0.28 -16.85
CA ASN D 263 -16.61 0.16 -16.18
C ASN D 263 -16.57 -1.03 -15.27
N ILE D 264 -15.39 -1.60 -15.12
CA ILE D 264 -15.25 -2.84 -14.42
C ILE D 264 -14.33 -2.65 -13.23
N HIS D 265 -14.79 -3.12 -12.08
CA HIS D 265 -14.07 -3.00 -10.82
C HIS D 265 -13.28 -4.26 -10.62
N ILE D 266 -12.05 -4.09 -10.19
CA ILE D 266 -11.10 -5.18 -10.06
C ILE D 266 -10.53 -5.08 -8.66
N VAL D 267 -10.87 -6.04 -7.82
CA VAL D 267 -10.64 -5.90 -6.37
C VAL D 267 -9.93 -7.13 -5.84
N ASN D 268 -8.93 -6.93 -4.99
CA ASN D 268 -8.33 -8.06 -4.34
C ASN D 268 -9.41 -8.86 -3.64
N ILE D 269 -9.43 -10.15 -3.89
CA ILE D 269 -10.42 -11.03 -3.28
C ILE D 269 -10.40 -10.98 -1.75
N LYS D 270 -9.28 -10.58 -1.18
CA LYS D 270 -9.13 -10.55 0.27
C LYS D 270 -9.30 -9.13 0.81
N HIS D 271 -9.76 -8.19 -0.01
CA HIS D 271 -9.81 -6.77 0.42
C HIS D 271 -10.64 -6.68 1.71
N PRO D 272 -10.04 -6.21 2.80
CA PRO D 272 -10.72 -6.18 4.10
C PRO D 272 -11.64 -4.97 4.32
N GLY D 273 -11.54 -3.97 3.45
CA GLY D 273 -12.19 -2.68 3.68
C GLY D 273 -13.68 -2.57 3.38
N LEU D 274 -14.21 -3.45 2.54
CA LEU D 274 -15.36 -3.11 1.73
C LEU D 274 -16.68 -3.59 2.30
N GLY D 275 -17.74 -2.85 1.99
CA GLY D 275 -19.08 -3.28 2.34
C GLY D 275 -19.96 -3.35 1.11
N ASN D 276 -20.66 -2.26 0.85
CA ASN D 276 -21.66 -2.20 -0.24
C ASN D 276 -21.14 -2.37 -1.68
N SER D 277 -19.90 -1.95 -1.89
CA SER D 277 -19.27 -1.99 -3.22
C SER D 277 -19.06 -3.41 -3.80
N ILE D 278 -19.04 -4.41 -2.94
CA ILE D 278 -18.94 -5.78 -3.38
C ILE D 278 -20.21 -6.59 -3.05
N ALA D 279 -21.25 -5.93 -2.59
CA ALA D 279 -22.43 -6.65 -2.06
C ALA D 279 -23.39 -7.15 -3.14
N ALA D 280 -23.88 -8.37 -2.99
CA ALA D 280 -25.05 -8.81 -3.76
C ALA D 280 -26.17 -7.79 -3.60
N GLY D 281 -26.79 -7.41 -4.70
CA GLY D 281 -27.74 -6.28 -4.71
C GLY D 281 -27.12 -5.01 -5.29
N LYS D 282 -25.83 -5.05 -5.60
CA LYS D 282 -25.15 -3.90 -6.17
C LYS D 282 -24.06 -4.37 -7.16
N ALA D 283 -23.13 -5.17 -6.64
CA ALA D 283 -22.08 -5.75 -7.43
C ALA D 283 -22.58 -7.00 -8.11
N ILE D 284 -22.22 -7.18 -9.37
CA ILE D 284 -22.45 -8.42 -10.11
C ILE D 284 -21.10 -8.85 -10.72
N LEU D 285 -20.69 -10.09 -10.47
CA LEU D 285 -19.48 -10.63 -11.05
C LEU D 285 -19.54 -10.61 -12.56
N LEU D 286 -18.42 -10.22 -13.17
CA LEU D 286 -18.31 -10.21 -14.62
C LEU D 286 -18.57 -11.59 -15.20
N GLU D 287 -18.06 -12.63 -14.55
CA GLU D 287 -18.30 -14.00 -15.00
C GLU D 287 -19.81 -14.31 -15.02
N ASP D 288 -20.54 -13.79 -14.05
CA ASP D 288 -22.00 -13.96 -14.01
C ASP D 288 -22.71 -13.20 -15.13
N ILE D 289 -22.23 -11.99 -15.45
CA ILE D 289 -22.76 -11.26 -16.61
C ILE D 289 -22.58 -12.10 -17.88
N ILE D 290 -21.37 -12.63 -18.04
CA ILE D 290 -21.01 -13.46 -19.19
C ILE D 290 -21.88 -14.71 -19.31
N GLU D 291 -22.05 -15.42 -18.18
CA GLU D 291 -22.81 -16.66 -18.16
C GLU D 291 -24.30 -16.40 -18.42
N MET D 292 -24.83 -15.31 -17.87
CA MET D 292 -26.25 -15.01 -18.04
C MET D 292 -26.60 -14.65 -19.49
N LEU D 293 -25.65 -14.09 -20.22
CA LEU D 293 -25.89 -13.75 -21.64
C LEU D 293 -26.18 -14.95 -22.54
N ASN D 294 -25.76 -16.14 -22.12
CA ASN D 294 -26.13 -17.37 -22.81
C ASN D 294 -27.63 -17.65 -22.82
N TYR D 295 -28.36 -17.11 -21.85
CA TYR D 295 -29.76 -17.48 -21.65
C TYR D 295 -30.76 -16.36 -21.93
N LEU D 296 -30.32 -15.12 -21.97
CA LEU D 296 -31.23 -13.98 -22.14
C LEU D 296 -31.66 -13.61 -23.56
N GLY D 297 -31.16 -14.30 -24.56
CA GLY D 297 -31.56 -14.01 -25.94
C GLY D 297 -30.87 -12.77 -26.48
N PRO D 298 -31.21 -12.36 -27.71
CA PRO D 298 -30.41 -11.34 -28.41
C PRO D 298 -30.21 -10.01 -27.68
N GLU D 299 -31.26 -9.51 -27.03
CA GLU D 299 -31.18 -8.17 -26.42
C GLU D 299 -30.50 -8.18 -25.06
N GLY D 300 -30.20 -9.37 -24.56
CA GLY D 300 -29.35 -9.51 -23.39
C GLY D 300 -30.03 -9.02 -22.12
N TYR D 301 -29.34 -8.15 -21.37
CA TYR D 301 -29.82 -7.64 -20.09
C TYR D 301 -31.02 -6.70 -20.20
N MET D 302 -31.38 -6.31 -21.42
CA MET D 302 -32.65 -5.62 -21.65
C MET D 302 -33.85 -6.47 -21.25
N ASN D 303 -33.69 -7.80 -21.33
CA ASN D 303 -34.75 -8.74 -21.00
C ASN D 303 -34.74 -9.23 -19.56
N LYS D 304 -33.81 -8.74 -18.75
CA LYS D 304 -33.62 -9.25 -17.40
C LYS D 304 -34.41 -8.41 -16.41
N THR D 305 -34.99 -9.08 -15.42
CA THR D 305 -35.51 -8.38 -14.26
C THR D 305 -34.39 -8.37 -13.24
N ILE D 306 -33.93 -7.17 -12.91
CA ILE D 306 -32.77 -6.99 -12.05
C ILE D 306 -33.19 -6.44 -10.68
N THR D 307 -32.89 -7.20 -9.64
CA THR D 307 -33.16 -6.78 -8.29
C THR D 307 -31.90 -6.16 -7.69
N TYR D 308 -32.00 -4.93 -7.23
CA TYR D 308 -30.85 -4.26 -6.66
C TYR D 308 -31.23 -3.21 -5.64
N ALA D 309 -30.21 -2.76 -4.91
CA ALA D 309 -30.36 -1.77 -3.88
C ALA D 309 -30.20 -0.41 -4.52
N ILE D 310 -31.20 0.44 -4.40
CA ILE D 310 -31.14 1.79 -4.96
C ILE D 310 -31.13 2.70 -3.76
N GLY D 311 -30.35 3.76 -3.85
CA GLY D 311 -30.21 4.70 -2.76
C GLY D 311 -31.28 5.74 -2.83
N GLU D 312 -31.67 6.24 -1.67
CA GLU D 312 -32.70 7.27 -1.57
C GLU D 312 -32.32 8.60 -2.22
N ASN D 313 -31.02 8.92 -2.28
CA ASN D 313 -30.56 10.17 -2.90
C ASN D 313 -30.56 10.12 -4.41
N HIS D 314 -30.66 8.92 -4.96
CA HIS D 314 -30.59 8.75 -6.39
C HIS D 314 -31.84 9.36 -7.06
N ASP D 315 -31.63 10.03 -8.19
CA ASP D 315 -32.71 10.71 -8.93
C ASP D 315 -33.83 9.75 -9.34
N LEU D 316 -33.47 8.51 -9.65
CA LEU D 316 -34.44 7.50 -10.08
C LEU D 316 -35.46 7.09 -9.01
N TRP D 317 -35.11 7.26 -7.73
CA TRP D 317 -36.00 6.92 -6.63
C TRP D 317 -37.33 7.68 -6.77
N LYS D 318 -37.26 9.01 -6.79
CA LYS D 318 -38.44 9.85 -6.97
C LYS D 318 -38.97 9.93 -8.41
N ARG D 319 -38.19 9.47 -9.39
CA ARG D 319 -38.60 9.50 -10.80
C ARG D 319 -39.45 8.29 -11.20
N GLY D 320 -39.68 7.37 -10.26
CA GLY D 320 -40.63 6.28 -10.51
C GLY D 320 -40.38 4.96 -9.79
N LEU D 321 -39.17 4.76 -9.26
CA LEU D 321 -38.88 3.49 -8.61
C LEU D 321 -39.60 3.32 -7.28
N GLU D 322 -39.73 4.41 -6.53
CA GLU D 322 -40.47 4.36 -5.27
C GLU D 322 -41.90 3.93 -5.54
N GLU D 323 -42.58 4.66 -6.41
CA GLU D 323 -43.99 4.39 -6.70
C GLU D 323 -44.17 2.97 -7.21
N GLU D 324 -43.22 2.48 -8.01
CA GLU D 324 -43.36 1.13 -8.57
C GLU D 324 -43.13 0.03 -7.53
N LEU D 325 -42.25 0.29 -6.59
CA LEU D 325 -41.98 -0.66 -5.51
C LEU D 325 -43.22 -0.86 -4.63
N THR D 326 -43.94 0.22 -4.36
CA THR D 326 -45.13 0.10 -3.51
C THR D 326 -46.17 -0.80 -4.22
N LYS D 327 -46.36 -0.61 -5.53
CA LYS D 327 -47.28 -1.47 -6.29
C LYS D 327 -46.84 -2.93 -6.34
N GLN D 328 -45.54 -3.16 -6.43
CA GLN D 328 -45.00 -4.52 -6.42
C GLN D 328 -45.28 -5.23 -5.10
N LEU D 329 -45.09 -4.52 -4.01
CA LEU D 329 -45.37 -5.05 -2.68
C LEU D 329 -46.84 -5.44 -2.54
N GLU D 330 -47.74 -4.59 -3.06
CA GLU D 330 -49.15 -4.95 -3.08
C GLU D 330 -49.38 -6.23 -3.88
N ARG D 331 -48.80 -6.33 -5.08
CA ARG D 331 -49.00 -7.51 -5.93
C ARG D 331 -48.47 -8.78 -5.28
N ASP D 332 -47.41 -8.66 -4.49
CA ASP D 332 -46.87 -9.81 -3.77
C ASP D 332 -47.64 -10.11 -2.45
N GLY D 333 -48.60 -9.26 -2.10
CA GLY D 333 -49.38 -9.45 -0.87
C GLY D 333 -48.59 -9.17 0.40
N ILE D 334 -47.65 -8.21 0.30
CA ILE D 334 -46.85 -7.80 1.43
C ILE D 334 -47.60 -6.65 2.10
N PRO D 335 -47.72 -6.69 3.43
CA PRO D 335 -48.40 -5.61 4.14
C PRO D 335 -47.70 -4.24 4.08
N LYS D 336 -48.51 -3.19 3.94
CA LYS D 336 -48.00 -1.81 3.77
C LYS D 336 -47.57 -1.12 5.07
N ILE D 337 -46.62 -0.17 4.93
CA ILE D 337 -46.20 0.84 5.96
C ILE D 337 -46.01 0.31 7.40
PA M7G E . 31.55 6.09 5.83
O1A M7G E . 32.25 6.01 7.12
O2A M7G E . 30.60 7.19 5.56
O3A M7G E . 30.89 4.62 5.65
O5' M7G E . 32.57 6.07 4.60
PB M7G E . 29.36 4.34 5.30
O1B M7G E . 28.94 4.83 3.97
O2B M7G E . 28.56 5.03 6.50
O3B M7G E . 29.21 2.80 5.41
C5' M7G E . 33.40 4.95 4.41
C4' M7G E . 33.51 4.59 2.95
O4' M7G E . 34.64 3.68 2.93
C3' M7G E . 32.28 3.80 2.52
O3' M7G E . 31.83 4.30 1.25
C2' M7G E . 32.77 2.35 2.40
O2' M7G E . 32.23 1.75 1.22
C1' M7G E . 34.26 2.52 2.16
N9 M7G E . 35.09 1.40 2.64
C8 M7G E . 34.84 0.79 3.93
N7 M7G E . 36.04 -0.02 4.09
CM7 M7G E . 36.25 -0.86 5.30
C5 M7G E . 36.84 0.08 3.01
C6 M7G E . 38.06 -0.52 2.68
O6 M7G E . 38.70 -1.30 3.37
N1 M7G E . 38.55 -0.12 1.42
C2 M7G E . 37.88 0.74 0.58
N2 M7G E . 38.45 1.02 -0.59
N3 M7G E . 36.71 1.31 0.89
C4 M7G E . 36.24 0.94 2.09
S SO4 F . 23.98 3.32 3.98
O1 SO4 F . 24.84 2.53 3.06
O2 SO4 F . 24.30 4.77 3.86
O3 SO4 F . 22.56 3.08 3.64
O4 SO4 F . 24.27 2.93 5.38
S SO4 G . 17.28 1.85 -1.36
O1 SO4 G . 18.36 1.12 -0.64
O2 SO4 G . 17.89 2.53 -2.52
O3 SO4 G . 16.24 0.93 -1.92
O4 SO4 G . 16.69 2.84 -0.39
CL CL H . 7.67 -18.20 -26.21
S SO4 I . 13.10 9.18 -8.10
O1 SO4 I . 13.20 8.01 -8.98
O2 SO4 I . 13.67 10.35 -8.79
O3 SO4 I . 11.68 9.44 -7.83
O4 SO4 I . 13.80 8.92 -6.81
S SO4 J . 15.59 19.30 -12.83
O1 SO4 J . 15.15 19.20 -14.25
O2 SO4 J . 16.73 20.23 -12.62
O3 SO4 J . 14.47 19.85 -12.03
O4 SO4 J . 15.98 17.97 -12.26
PA M7G K . -24.28 -20.93 5.64
O1A M7G K . -24.49 -20.23 4.36
O2A M7G K . -24.03 -22.39 5.64
O3A M7G K . -23.20 -20.31 6.63
O5' M7G K . -25.59 -20.58 6.52
PB M7G K . -21.98 -19.38 6.22
O1B M7G K . -21.68 -19.75 4.69
O2B M7G K . -22.27 -17.93 6.36
O3B M7G K . -20.90 -19.83 7.21
C5' M7G K . -25.55 -20.90 7.91
C4' M7G K . -26.05 -19.76 8.76
O4' M7G K . -26.40 -20.40 9.99
C3' M7G K . -24.87 -18.83 9.06
O3' M7G K . -25.31 -17.48 9.02
C2' M7G K . -24.51 -19.14 10.50
O2' M7G K . -24.19 -17.90 11.13
C1' M7G K . -25.82 -19.67 11.05
N9 M7G K . -25.71 -20.63 12.14
C8 M7G K . -24.71 -21.69 12.16
N7 M7G K . -24.97 -22.29 13.46
CM7 M7G K . -24.04 -23.27 14.07
C5 M7G K . -26.10 -21.80 13.99
C6 M7G K . -26.81 -22.14 15.14
O6 M7G K . -26.54 -23.02 15.95
N1 M7G K . -27.95 -21.34 15.33
C2 M7G K . -28.34 -20.34 14.47
N2 M7G K . -29.46 -19.67 14.77
N3 M7G K . -27.66 -20.02 13.37
C4 M7G K . -26.56 -20.76 13.19
S SO4 L . -17.42 -15.58 5.35
O1 SO4 L . -16.56 -16.51 4.59
O2 SO4 L . -16.73 -14.27 5.48
O3 SO4 L . -18.72 -15.41 4.66
O4 SO4 L . -17.62 -16.17 6.68
CL CL M . -14.21 -24.37 -18.58
S SO4 N . -17.74 0.60 0.16
O1 SO4 N . -17.69 -0.86 -0.12
O2 SO4 N . -16.79 1.32 -0.72
O3 SO4 N . -19.07 1.18 -0.10
O4 SO4 N . -17.36 0.74 1.57
S SO4 O . -27.15 4.45 -5.67
O1 SO4 O . -26.41 3.85 -4.55
O2 SO4 O . -26.33 4.36 -6.90
O3 SO4 O . -28.42 3.74 -5.98
O4 SO4 O . -27.39 5.87 -5.34
CL CL P . -43.49 -7.08 -10.92
CL CL Q . -14.29 -7.78 6.07
#